data_9QDQ
#
_entry.id   9QDQ
#
_cell.length_a   1.00
_cell.length_b   1.00
_cell.length_c   1.00
_cell.angle_alpha   90.00
_cell.angle_beta   90.00
_cell.angle_gamma   90.00
#
_symmetry.space_group_name_H-M   'P 1'
#
loop_
_entity.id
_entity.type
_entity.pdbx_description
1 polymer 'ATP-dependent helicase NAM7'
2 polymer 'Nonsense-mediated mRNA decay factor EBS1'
3 polymer 'Nonsense-mediated decay protein 4'
4 polymer "RNA (5'-R(P*UP*UP*UP*UP*UP*UP*UP*UP*UP*U)-3')"
#
loop_
_entity_poly.entity_id
_entity_poly.type
_entity_poly.pdbx_seq_one_letter_code
_entity_poly.pdbx_strand_id
1 'polypeptide(L)'
;MVGSGSHTPYDISNSPSDVNVQPATQLNSTLVEDDDVDNQLFEEAQVTETGFRSPSASDNSCAYCGIDSAKCVIKCNSCK
KWFCNTKNGTSSSHIVNHLVLSHHNVVSLHPDSDLGDTVLECYNCGRKNVFLLGFVSAKSEAVVVLLCRIPCAQTKNANW
DTDQWQPLIEDRQLLSWVAEQPTEEEKLKARLITPSQISKLEAKWRSNKDATINDIDAPEEQEAIPPLLLRYQDAYEYQR
SYGPLIKLEADYDKQLKESQALEHISVSWSLALNNRHLASFTLSTFESNELKVAIGDEMILWYSGMQHPDWEGRGYIVRL
PNSFQDTFTLELKPSKTPPPTHLTTGFTAEFIWKGTSYDRMQDALKKFAIDKKSISGYLYYKILGHQVVDISFDVPLPKE
FSIPNFAQLNSSQSNAVSHVLQRPLSLIQGPPGTGKTVTSATIVYHLSKIHKDRILVCAPSNVAVDHLAAKLRDLGLKVV
RLTAKSREDVESSVSNLALHNLVGRGAKGELKNLLKLKDEVGELSASDTKRFVKLVRKTEAEILNKADVVCCTCVGAGDK
RLDTKFRTVLIDESTQASEPECLIPIVKGAKQVILVGDHQQLGPVILERKAADAGLKQSLFERLISLGHVPIRLEVQYRM
NPYLSEFPSNMFYEGSLQNGVTIEQRTVPNSKFPWPIRGIPMMFWANYGREEISANGTSFLNRIEAMNCERIITKLFRDG
VKPEQIGVITPYEGQRAYILQYMQMNGSLDKDLYIKVEVASVDAFQGREKDYIILSCVRANEQQAIGFLRDPRRLNVGLT
RAKYGLVILGNPRSLARNTLWNHLLIHFREKGCLVEGTLDNLQLCTVQLVRPQPRKTERPMNAQFNVESEMGDFPKFQDF
DAQSMVSFSGQIGDFGNAFVDNTELSSYINNEYWNFENFKSAFSQKQNRNEIDDRNLYQEEASHLNSNFARELQREEQKH
ELSKDFSNLGI
;
A
2 'polypeptide(L)'
;MEPSNTQKEDLPTAFNGIKSQLNSILKSNQLFQDYALLNGFLAFVHSKLNAAILTSIESQCGKSFAADLDSFDQSSISSI
LDFSWESVHYPIFKWFQMWRNYILFEKENKKQQTKFIDFRKMNSKMLKFFKTVQNFYVNVINTVYKKYDISVLLPKRIIQ
DLKLSDIENTTNVGDILAVKTFNSSSPLAHLIPTLFHRCLLFLGTAYRYKTLLEEISNKYSISNFKKSLDFFRLASLVLP
SAGETYSQAGAIFLQTGNLGIAVFNFVKGMMTKMPSPVSIKNFGALMVDNKSSLNRSLHTTIMNTYLQESKGPRTPAKEI
LEFYFLGLFGSVWSPTSWRDDTKPNQLNNGIKLRHLENALYETMSARYLNNIKTIFHNLIITIGGFHLLLKRRSDVSAKT
LKDLRSNELDYLNFAFKYIAHILNDIVKESWSENPEVSEILGMVRIINCWIKANPMVLQYSQSNLEFVNALAYLINDIVK
KKPSPSFSITEHIPKRTYWFEEDLMVKGLSFVNFQLSDFDDYEKILEMDHSLDRLIGNPPLCDKLSASSEMLLRLQAVVN
ISSQLLQNNNCGVEWSDNKSRYIFNKKIGFKETVKNSMKTSKQSNEKAKLQRKNKPSTTNGSISMADLERQMRSSSLDSF
SPTMGYSGSSVPMAPDTFNVKPSGTITGNKVNVELLKIELSGQNADGAITNISPGYSNAAISSSNSTDESSFDLNNILSS
MQQKHAEKSFAKSMQGVNEQIPANDVCHQAQRPMQGGLYSSQQPSSMSSLNSAYQNASMPPSASMVSYPYPFLNQQGQGV
FPPYNAQNLQWQSEAYSLKSMNFANPTWLGDQYQTSAPSSAYAQAQRQMFQQPMQQDVGKYMQFPFDAQSNTDSMRGNSR
NNMF
;
B
3 'polypeptide(L)'
;MTQYNFIIDASAFEKGLGNIKRWCSDCTEAVTLNFYIPTFTLNELDFLQQRRKSFAARESLKFIDRLDDSKFANLKVFIE
FPEVLDIILWSDVMEHNDSSGKINIAKLPKRLKNLLKSCIYKCYLEGNEGLHWFLISEDPQIREMAMQCNIPSCSIVDVD
SILSKDMNDKSFRESEKFNNMMLKNGTKEESENGREIIRTNFNKTVYASRGTGELWSP
;
C
4 'polyribonucleotide' UUUUUUUUUUUUUUUUUUUUUUUUUUUUUU D
#
loop_
_chem_comp.id
_chem_comp.type
_chem_comp.name
_chem_comp.formula
U RNA linking URIDINE-5'-MONOPHOSPHATE 'C9 H13 N2 O9 P'
#
# COMPACT_ATOMS: atom_id res chain seq x y z
N ALA A 57 39.99 31.88 36.52
CA ALA A 57 38.69 31.25 36.34
C ALA A 57 38.27 30.51 37.61
N SER A 58 37.02 30.73 38.04
CA SER A 58 36.52 30.07 39.23
C SER A 58 36.30 28.59 38.97
N ASP A 59 36.28 27.82 40.07
CA ASP A 59 36.00 26.39 39.97
C ASP A 59 34.60 26.13 39.44
N ASN A 60 33.68 27.08 39.65
CA ASN A 60 32.32 26.96 39.15
C ASN A 60 32.19 27.23 37.66
N SER A 61 33.24 27.69 37.01
CA SER A 61 33.16 28.02 35.58
C SER A 61 33.05 26.75 34.74
N CYS A 62 32.44 26.90 33.57
CA CYS A 62 32.29 25.79 32.65
C CYS A 62 33.66 25.31 32.15
N ALA A 63 33.82 23.99 32.07
CA ALA A 63 35.08 23.42 31.62
C ALA A 63 35.32 23.62 30.13
N TYR A 64 34.31 24.03 29.37
CA TYR A 64 34.40 24.20 27.92
C TYR A 64 34.50 25.64 27.47
N CYS A 65 33.70 26.53 28.06
CA CYS A 65 33.70 27.93 27.68
C CYS A 65 34.10 28.89 28.80
N GLY A 66 34.16 28.40 30.05
CA GLY A 66 34.65 29.23 31.14
C GLY A 66 33.69 30.28 31.65
N ILE A 67 32.39 30.14 31.38
CA ILE A 67 31.42 31.11 31.88
C ILE A 67 31.31 30.97 33.39
N ASP A 68 31.41 32.11 34.09
CA ASP A 68 31.39 32.14 35.53
C ASP A 68 29.99 32.30 36.12
N SER A 69 28.98 32.56 35.29
CA SER A 69 27.64 32.80 35.80
C SER A 69 27.08 31.52 36.42
N ALA A 70 26.64 31.63 37.67
CA ALA A 70 26.09 30.47 38.37
C ALA A 70 24.66 30.15 37.95
N LYS A 71 24.03 30.99 37.15
CA LYS A 71 22.71 30.70 36.60
C LYS A 71 22.77 29.84 35.36
N CYS A 72 23.97 29.48 34.90
CA CYS A 72 24.13 28.64 33.72
C CYS A 72 25.05 27.45 33.91
N VAL A 73 25.87 27.43 34.96
CA VAL A 73 26.80 26.34 35.19
C VAL A 73 26.13 25.27 36.01
N ILE A 74 26.58 24.03 35.84
CA ILE A 74 26.02 22.88 36.54
C ILE A 74 27.13 21.88 36.78
N LYS A 75 27.12 21.25 37.95
CA LYS A 75 28.22 20.40 38.40
C LYS A 75 27.95 18.95 38.05
N CYS A 76 28.92 18.30 37.42
CA CYS A 76 28.84 16.87 37.16
C CYS A 76 29.29 16.11 38.40
N ASN A 77 28.49 15.11 38.79
CA ASN A 77 28.77 14.38 40.03
C ASN A 77 29.93 13.41 39.87
N SER A 78 30.06 12.79 38.69
CA SER A 78 31.06 11.75 38.52
C SER A 78 32.48 12.31 38.49
N CYS A 79 32.71 13.36 37.70
CA CYS A 79 34.05 13.91 37.51
C CYS A 79 34.27 15.22 38.25
N LYS A 80 33.28 15.73 38.97
CA LYS A 80 33.40 16.93 39.79
C LYS A 80 33.85 18.13 38.95
N LYS A 81 33.11 18.38 37.88
CA LYS A 81 33.38 19.50 36.98
C LYS A 81 32.09 20.24 36.68
N TRP A 82 32.23 21.49 36.27
CA TRP A 82 31.11 22.38 35.99
C TRP A 82 30.96 22.59 34.49
N PHE A 83 29.71 22.71 34.03
CA PHE A 83 29.42 22.79 32.61
C PHE A 83 28.31 23.82 32.37
N CYS A 84 28.35 24.45 31.21
CA CYS A 84 27.37 25.46 30.85
C CYS A 84 26.17 24.80 30.17
N ASN A 85 25.28 25.62 29.59
CA ASN A 85 24.08 25.12 28.92
C ASN A 85 23.86 25.73 27.54
N THR A 86 24.81 26.52 27.05
CA THR A 86 24.62 27.19 25.77
C THR A 86 24.85 26.24 24.59
N LYS A 87 24.35 26.64 23.43
CA LYS A 87 24.55 25.92 22.18
C LYS A 87 25.49 26.67 21.23
N ASN A 88 26.44 27.42 21.79
CA ASN A 88 27.37 28.20 20.98
C ASN A 88 28.35 27.26 20.29
N GLY A 89 28.30 27.20 18.96
CA GLY A 89 29.21 26.40 18.17
C GLY A 89 28.89 24.92 18.12
N THR A 90 27.83 24.48 18.77
CA THR A 90 27.44 23.07 18.79
C THR A 90 25.94 22.95 18.58
N SER A 91 25.51 21.81 18.05
CA SER A 91 24.09 21.54 17.87
C SER A 91 23.39 21.20 19.18
N SER A 92 24.13 21.07 20.28
CA SER A 92 23.56 20.68 21.56
C SER A 92 24.25 21.47 22.66
N SER A 93 23.69 21.40 23.87
CA SER A 93 24.35 22.00 25.01
C SER A 93 25.52 21.12 25.45
N HIS A 94 26.48 21.75 26.14
CA HIS A 94 27.72 21.08 26.49
C HIS A 94 27.52 20.03 27.57
N ILE A 95 26.56 20.24 28.47
CA ILE A 95 26.39 19.34 29.61
C ILE A 95 26.01 17.95 29.15
N VAL A 96 24.99 17.85 28.27
CA VAL A 96 24.61 16.55 27.73
C VAL A 96 25.70 15.99 26.83
N ASN A 97 26.43 16.87 26.12
CA ASN A 97 27.56 16.42 25.33
C ASN A 97 28.54 15.63 26.19
N HIS A 98 28.93 16.20 27.33
CA HIS A 98 29.85 15.51 28.23
C HIS A 98 29.19 14.28 28.84
N LEU A 99 27.89 14.34 29.13
CA LEU A 99 27.20 13.20 29.72
C LEU A 99 27.22 12.00 28.79
N VAL A 100 27.00 12.21 27.49
CA VAL A 100 26.98 11.10 26.55
C VAL A 100 28.39 10.67 26.16
N LEU A 101 29.32 11.62 26.03
CA LEU A 101 30.68 11.25 25.63
C LEU A 101 31.44 10.56 26.75
N SER A 102 31.17 10.91 28.01
CA SER A 102 31.85 10.30 29.14
C SER A 102 30.96 9.36 29.93
N HIS A 103 29.79 9.00 29.39
CA HIS A 103 28.86 8.04 29.96
C HIS A 103 28.18 8.57 31.23
N HIS A 104 28.55 9.75 31.70
CA HIS A 104 28.07 10.25 32.99
C HIS A 104 26.55 10.44 32.96
N ASN A 105 25.94 10.31 34.14
CA ASN A 105 24.49 10.30 34.24
C ASN A 105 23.96 11.23 35.33
N VAL A 106 24.77 11.55 36.33
CA VAL A 106 24.34 12.32 37.49
C VAL A 106 24.95 13.71 37.43
N VAL A 107 24.12 14.73 37.64
CA VAL A 107 24.56 16.13 37.64
C VAL A 107 24.01 16.82 38.88
N SER A 108 24.68 17.90 39.27
CA SER A 108 24.32 18.67 40.45
C SER A 108 24.31 20.15 40.11
N LEU A 109 23.32 20.87 40.62
CA LEU A 109 23.12 22.28 40.31
C LEU A 109 23.98 23.16 41.20
N HIS A 110 24.17 24.41 40.77
CA HIS A 110 25.00 25.35 41.51
C HIS A 110 24.31 25.77 42.82
N PRO A 111 25.07 25.98 43.89
CA PRO A 111 24.45 26.47 45.14
C PRO A 111 23.78 27.83 44.99
N ASP A 112 24.35 28.74 44.20
CA ASP A 112 23.80 30.08 44.09
C ASP A 112 22.58 30.12 43.18
N SER A 113 22.38 29.08 42.36
CA SER A 113 21.26 29.06 41.43
C SER A 113 19.92 29.11 42.18
N ASP A 114 18.86 29.30 41.41
CA ASP A 114 17.54 29.56 41.99
C ASP A 114 17.06 28.40 42.85
N LEU A 115 17.53 27.18 42.58
CA LEU A 115 17.10 26.01 43.34
C LEU A 115 18.04 25.68 44.50
N GLY A 116 19.33 26.00 44.38
CA GLY A 116 20.28 25.76 45.46
C GLY A 116 21.18 24.58 45.18
N ASP A 117 22.04 24.30 46.17
CA ASP A 117 23.01 23.22 46.09
C ASP A 117 22.31 21.89 46.31
N THR A 118 21.79 21.32 45.22
CA THR A 118 21.07 20.06 45.28
C THR A 118 21.56 19.14 44.17
N VAL A 119 21.37 17.84 44.39
CA VAL A 119 21.68 16.81 43.41
C VAL A 119 20.37 16.31 42.82
N LEU A 120 20.27 16.34 41.49
CA LEU A 120 19.02 16.02 40.81
C LEU A 120 18.72 14.53 41.01
N GLU A 121 17.67 14.23 41.76
CA GLU A 121 17.32 12.85 42.08
C GLU A 121 15.82 12.66 41.94
N CYS A 122 15.43 11.40 41.72
CA CYS A 122 14.03 11.07 41.53
C CYS A 122 13.29 11.06 42.86
N TYR A 123 12.05 11.55 42.84
CA TYR A 123 11.22 11.60 44.05
C TYR A 123 10.79 10.19 44.45
N ASN A 124 10.14 9.46 43.55
CA ASN A 124 9.48 8.22 43.93
C ASN A 124 10.46 7.08 44.18
N CYS A 125 11.49 6.94 43.34
CA CYS A 125 12.40 5.81 43.42
C CYS A 125 13.83 6.19 43.81
N GLY A 126 14.29 7.38 43.47
CA GLY A 126 15.61 7.82 43.84
C GLY A 126 16.70 7.63 42.81
N ARG A 127 16.35 7.31 41.57
CA ARG A 127 17.35 7.21 40.51
C ARG A 127 18.00 8.56 40.24
N LYS A 128 19.26 8.52 39.84
CA LYS A 128 20.04 9.74 39.61
C LYS A 128 20.45 9.93 38.16
N ASN A 129 19.90 9.13 37.24
CA ASN A 129 20.23 9.26 35.82
C ASN A 129 19.41 10.40 35.23
N VAL A 130 20.07 11.52 34.91
CA VAL A 130 19.38 12.72 34.45
C VAL A 130 18.58 12.46 33.19
N PHE A 131 18.96 11.46 32.40
CA PHE A 131 18.25 11.16 31.17
C PHE A 131 16.82 10.67 31.42
N LEU A 132 16.51 10.28 32.65
CA LEU A 132 15.19 9.78 33.02
C LEU A 132 14.28 10.83 33.63
N LEU A 133 14.82 11.72 34.47
CA LEU A 133 14.00 12.65 35.21
C LEU A 133 13.30 13.65 34.28
N GLY A 134 12.16 14.15 34.75
CA GLY A 134 11.44 15.19 34.03
C GLY A 134 10.44 15.83 34.96
N PHE A 135 10.14 17.10 34.70
CA PHE A 135 9.24 17.85 35.56
C PHE A 135 7.78 17.53 35.22
N VAL A 136 6.95 17.46 36.26
CA VAL A 136 5.51 17.32 36.09
C VAL A 136 4.84 18.49 36.81
N SER A 137 3.94 19.17 36.10
CA SER A 137 3.23 20.31 36.68
C SER A 137 2.20 19.77 37.67
N ALA A 138 2.46 19.99 38.96
CA ALA A 138 1.53 19.54 39.99
C ALA A 138 0.23 20.30 39.90
N LYS A 139 -0.85 19.68 40.40
CA LYS A 139 -2.16 20.31 40.37
C LYS A 139 -2.15 21.61 41.17
N SER A 140 -1.43 21.64 42.30
CA SER A 140 -1.22 22.89 43.02
C SER A 140 -0.34 23.81 42.19
N GLU A 141 -0.69 25.10 42.18
CA GLU A 141 -0.02 26.06 41.33
C GLU A 141 1.43 26.28 41.77
N ALA A 142 2.31 26.48 40.78
CA ALA A 142 3.72 26.81 41.02
C ALA A 142 4.42 25.75 41.87
N VAL A 143 4.10 24.48 41.61
CA VAL A 143 4.73 23.36 42.28
C VAL A 143 5.30 22.43 41.22
N VAL A 144 6.59 22.09 41.35
CA VAL A 144 7.27 21.21 40.41
C VAL A 144 7.73 19.96 41.16
N VAL A 145 7.40 18.80 40.60
CA VAL A 145 7.74 17.51 41.19
C VAL A 145 8.63 16.75 40.22
N LEU A 146 9.73 16.21 40.73
CA LEU A 146 10.71 15.51 39.92
C LEU A 146 10.33 14.05 39.79
N LEU A 147 10.14 13.59 38.55
CA LEU A 147 9.84 12.19 38.28
C LEU A 147 10.68 11.70 37.11
N CYS A 148 11.16 10.47 37.21
CA CYS A 148 11.85 9.87 36.08
C CYS A 148 10.85 9.47 35.00
N ARG A 149 11.37 9.12 33.82
CA ARG A 149 10.51 8.82 32.69
C ARG A 149 9.62 7.60 32.97
N ILE A 150 10.20 6.55 33.54
CA ILE A 150 9.47 5.31 33.81
C ILE A 150 9.99 4.67 35.09
N PRO A 151 9.13 4.01 35.87
CA PRO A 151 7.68 3.91 35.70
C PRO A 151 6.96 5.01 36.47
N CYS A 152 7.72 5.96 37.03
CA CYS A 152 7.12 6.98 37.87
C CYS A 152 6.19 7.90 37.09
N ALA A 153 6.58 8.30 35.88
CA ALA A 153 5.78 9.21 35.10
C ALA A 153 4.61 8.53 34.39
N GLN A 154 4.59 7.19 34.34
CA GLN A 154 3.51 6.47 33.69
C GLN A 154 2.56 5.80 34.66
N THR A 155 3.01 5.46 35.87
CA THR A 155 2.11 4.97 36.91
C THR A 155 1.23 6.11 37.37
N LYS A 156 -0.04 6.07 36.98
CA LYS A 156 -0.95 7.19 37.23
C LYS A 156 -1.11 7.45 38.71
N ASN A 157 -0.99 8.72 39.10
CA ASN A 157 -1.17 9.12 40.48
C ASN A 157 -1.99 10.41 40.51
N ALA A 158 -2.92 10.49 41.46
CA ALA A 158 -3.89 11.58 41.49
C ALA A 158 -3.31 12.91 41.92
N ASN A 159 -2.09 12.93 42.48
CA ASN A 159 -1.53 14.19 42.97
C ASN A 159 -0.96 15.05 41.86
N TRP A 160 -0.84 14.54 40.63
CA TRP A 160 -0.39 15.33 39.51
C TRP A 160 -0.80 14.64 38.21
N ASP A 161 -1.13 15.45 37.22
CA ASP A 161 -1.48 14.94 35.90
C ASP A 161 -0.19 14.70 35.13
N THR A 162 0.07 13.44 34.77
CA THR A 162 1.31 13.06 34.12
C THR A 162 1.28 13.21 32.61
N ASP A 163 0.15 13.64 32.03
CA ASP A 163 0.07 13.77 30.59
C ASP A 163 0.88 14.96 30.06
N GLN A 164 1.18 15.94 30.92
CA GLN A 164 1.99 17.08 30.53
C GLN A 164 3.46 16.88 30.88
N TRP A 165 3.82 15.72 31.44
CA TRP A 165 5.20 15.41 31.76
C TRP A 165 6.09 15.55 30.54
N GLN A 166 7.21 16.27 30.71
CA GLN A 166 8.14 16.59 29.65
C GLN A 166 9.54 16.14 30.06
N PRO A 167 10.32 15.58 29.14
CA PRO A 167 11.68 15.18 29.49
C PRO A 167 12.55 16.39 29.84
N LEU A 168 13.48 16.16 30.78
CA LEU A 168 14.38 17.23 31.19
C LEU A 168 15.30 17.67 30.07
N ILE A 169 15.41 16.87 29.01
CA ILE A 169 16.20 17.21 27.83
C ILE A 169 15.25 17.37 26.66
N GLU A 170 15.19 18.58 26.11
CA GLU A 170 14.37 18.87 24.93
C GLU A 170 15.26 19.54 23.89
N ASP A 171 15.15 19.06 22.65
CA ASP A 171 16.00 19.54 21.55
C ASP A 171 17.48 19.48 21.94
N ARG A 172 17.85 18.38 22.60
CA ARG A 172 19.22 18.15 23.07
C ARG A 172 19.69 19.28 23.98
N GLN A 173 18.80 19.76 24.86
CA GLN A 173 19.10 20.90 25.71
C GLN A 173 18.24 20.84 26.96
N LEU A 174 18.83 21.23 28.08
CA LEU A 174 18.11 21.22 29.35
C LEU A 174 17.10 22.37 29.38
N LEU A 175 16.16 22.27 30.32
CA LEU A 175 15.12 23.29 30.43
C LEU A 175 15.69 24.60 30.94
N SER A 176 15.11 25.70 30.45
CA SER A 176 15.57 27.02 30.85
C SER A 176 15.34 27.26 32.34
N TRP A 177 14.20 26.79 32.87
CA TRP A 177 13.90 27.02 34.28
C TRP A 177 14.87 26.29 35.19
N VAL A 178 15.31 25.09 34.79
CA VAL A 178 16.33 24.39 35.58
C VAL A 178 17.68 25.10 35.45
N ALA A 179 18.05 25.52 34.24
CA ALA A 179 19.31 26.19 34.01
C ALA A 179 19.09 27.23 32.91
N GLU A 180 19.25 28.50 33.27
CA GLU A 180 18.95 29.59 32.35
C GLU A 180 20.05 29.72 31.30
N GLN A 181 19.70 30.38 30.20
CA GLN A 181 20.65 30.65 29.13
C GLN A 181 21.57 31.81 29.51
N PRO A 182 22.83 31.76 29.07
CA PRO A 182 23.74 32.88 29.35
C PRO A 182 23.36 34.13 28.58
N THR A 183 23.66 35.28 29.17
CA THR A 183 23.42 36.55 28.49
C THR A 183 24.43 36.77 27.38
N GLU A 184 24.11 37.72 26.49
CA GLU A 184 24.84 37.85 25.24
C GLU A 184 26.30 38.24 25.47
N GLU A 185 26.58 39.16 26.40
CA GLU A 185 27.97 39.50 26.66
C GLU A 185 28.71 38.31 27.26
N GLU A 186 28.02 37.54 28.11
CA GLU A 186 28.61 36.32 28.63
C GLU A 186 28.88 35.29 27.53
N LYS A 187 28.04 35.27 26.49
CA LYS A 187 28.30 34.38 25.36
C LYS A 187 29.50 34.85 24.55
N LEU A 188 29.60 36.16 24.30
CA LEU A 188 30.71 36.67 23.50
C LEU A 188 32.03 36.59 24.25
N LYS A 189 32.02 36.68 25.57
CA LYS A 189 33.25 36.59 26.34
C LYS A 189 33.75 35.16 26.44
N ALA A 190 32.85 34.17 26.39
CA ALA A 190 33.27 32.78 26.47
C ALA A 190 33.98 32.37 25.18
N ARG A 191 35.02 31.56 25.32
CA ARG A 191 35.78 31.13 24.16
C ARG A 191 34.97 30.14 23.33
N LEU A 192 35.05 30.29 22.02
CA LEU A 192 34.38 29.38 21.10
C LEU A 192 35.14 28.06 21.00
N ILE A 193 34.39 26.97 20.87
CA ILE A 193 34.99 25.65 20.72
C ILE A 193 34.09 24.80 19.81
N THR A 194 34.66 24.29 18.73
CA THR A 194 33.93 23.47 17.78
C THR A 194 33.80 22.04 18.28
N PRO A 195 32.80 21.29 17.81
CA PRO A 195 32.63 19.91 18.30
C PRO A 195 33.84 19.02 18.07
N SER A 196 34.64 19.30 17.04
CA SER A 196 35.86 18.53 16.83
C SER A 196 36.78 18.64 18.04
N GLN A 197 37.07 19.86 18.48
CA GLN A 197 37.89 20.04 19.67
C GLN A 197 37.17 19.52 20.92
N ILE A 198 35.84 19.58 20.94
CA ILE A 198 35.08 19.00 22.05
C ILE A 198 35.42 17.52 22.21
N SER A 199 35.31 16.77 21.11
CA SER A 199 35.59 15.34 21.17
C SER A 199 37.07 15.08 21.45
N LYS A 200 37.96 15.86 20.82
CA LYS A 200 39.39 15.64 21.02
C LYS A 200 39.79 15.84 22.47
N LEU A 201 39.28 16.90 23.10
CA LEU A 201 39.63 17.16 24.50
C LEU A 201 38.90 16.20 25.43
N GLU A 202 37.70 15.74 25.06
CA GLU A 202 37.01 14.73 25.84
C GLU A 202 37.78 13.41 25.82
N ALA A 203 38.47 13.12 24.73
CA ALA A 203 39.12 11.83 24.56
C ALA A 203 40.22 11.57 25.59
N LYS A 204 40.74 12.61 26.25
CA LYS A 204 41.86 12.44 27.17
C LYS A 204 41.52 12.69 28.63
N TRP A 205 40.23 12.88 28.97
CA TRP A 205 39.89 12.87 30.39
C TRP A 205 39.96 11.46 30.97
N ARG A 206 39.80 10.42 30.13
CA ARG A 206 39.88 9.05 30.61
C ARG A 206 41.29 8.68 31.03
N SER A 207 42.30 9.47 30.64
CA SER A 207 43.68 9.23 31.03
C SER A 207 44.16 10.21 32.09
N ASN A 208 44.04 11.51 31.85
CA ASN A 208 44.40 12.53 32.81
C ASN A 208 43.20 13.44 33.07
N LYS A 209 43.02 13.83 34.33
CA LYS A 209 41.88 14.63 34.74
C LYS A 209 42.15 16.13 34.76
N ASP A 210 43.36 16.55 34.36
CA ASP A 210 43.74 17.95 34.40
C ASP A 210 43.85 18.57 33.00
N ALA A 211 43.49 17.83 31.96
CA ALA A 211 43.65 18.33 30.60
C ALA A 211 42.73 19.52 30.34
N THR A 212 43.26 20.52 29.63
CA THR A 212 42.49 21.67 29.18
C THR A 212 42.74 21.87 27.68
N ILE A 213 42.20 22.97 27.15
CA ILE A 213 42.25 23.20 25.71
C ILE A 213 43.69 23.42 25.25
N ASN A 214 44.46 24.21 25.99
CA ASN A 214 45.86 24.44 25.64
C ASN A 214 46.80 23.34 26.15
N ASP A 215 46.34 22.48 27.05
CA ASP A 215 47.24 21.48 27.63
C ASP A 215 47.62 20.44 26.59
N ILE A 216 46.63 19.90 25.87
CA ILE A 216 46.87 18.67 25.12
C ILE A 216 47.62 18.97 23.82
N ASP A 217 46.95 19.65 22.88
CA ASP A 217 47.49 19.96 21.55
C ASP A 217 48.36 18.83 21.03
N ALA A 218 47.90 17.58 21.16
CA ALA A 218 48.80 16.45 21.02
C ALA A 218 48.79 15.91 19.60
N PRO A 219 49.94 15.83 18.94
CA PRO A 219 50.02 15.19 17.61
C PRO A 219 50.26 13.68 17.71
N GLU A 220 49.34 12.99 18.40
CA GLU A 220 49.41 11.54 18.46
C GLU A 220 49.30 10.95 17.06
N GLU A 221 50.10 9.92 16.80
CA GLU A 221 50.16 9.35 15.46
C GLU A 221 48.84 8.69 15.09
N GLN A 222 48.34 9.03 13.91
CA GLN A 222 47.08 8.51 13.38
C GLN A 222 47.28 7.98 11.98
N GLU A 223 48.31 7.14 11.83
CA GLU A 223 48.73 6.57 10.54
C GLU A 223 47.55 6.22 9.65
N ALA A 224 47.54 6.76 8.45
CA ALA A 224 46.47 6.50 7.49
C ALA A 224 46.57 5.05 7.04
N ILE A 225 45.69 4.22 7.57
CA ILE A 225 45.73 2.79 7.24
C ILE A 225 45.43 2.61 5.76
N PRO A 226 46.20 1.81 5.02
CA PRO A 226 45.99 1.67 3.58
C PRO A 226 44.60 1.13 3.27
N PRO A 227 43.86 1.79 2.37
CA PRO A 227 42.56 1.28 1.97
C PRO A 227 42.69 -0.05 1.24
N LEU A 228 41.67 -0.88 1.38
CA LEU A 228 41.70 -2.21 0.78
C LEU A 228 41.74 -2.12 -0.74
N LEU A 229 42.51 -3.00 -1.36
CA LEU A 229 42.65 -3.07 -2.80
C LEU A 229 41.81 -4.19 -3.37
N LEU A 230 41.52 -4.09 -4.67
CA LEU A 230 40.72 -5.08 -5.38
C LEU A 230 41.56 -6.24 -5.89
N ARG A 231 42.72 -5.95 -6.48
CA ARG A 231 43.57 -6.97 -7.09
C ARG A 231 44.99 -6.79 -6.54
N TYR A 232 45.42 -7.74 -5.72
CA TYR A 232 46.71 -7.66 -5.06
C TYR A 232 47.80 -8.32 -5.90
N GLN A 233 49.02 -7.79 -5.78
CA GLN A 233 50.13 -8.29 -6.57
C GLN A 233 50.51 -9.71 -6.17
N ASP A 234 50.28 -10.08 -4.92
CA ASP A 234 50.61 -11.41 -4.41
C ASP A 234 49.87 -11.61 -3.10
N ALA A 235 50.07 -12.78 -2.49
CA ALA A 235 49.48 -13.05 -1.18
C ALA A 235 50.09 -12.17 -0.11
N TYR A 236 51.37 -11.82 -0.25
CA TYR A 236 52.03 -11.00 0.75
C TYR A 236 51.38 -9.62 0.86
N GLU A 237 51.07 -9.01 -0.27
CA GLU A 237 50.40 -7.70 -0.25
C GLU A 237 49.03 -7.80 0.37
N TYR A 238 48.28 -8.86 0.06
CA TYR A 238 46.97 -9.08 0.66
C TYR A 238 47.07 -9.15 2.18
N GLN A 239 48.02 -9.95 2.68
CA GLN A 239 48.18 -10.08 4.13
C GLN A 239 48.60 -8.76 4.76
N ARG A 240 49.53 -8.04 4.13
CA ARG A 240 49.97 -6.76 4.69
C ARG A 240 48.83 -5.76 4.75
N SER A 241 48.01 -5.72 3.69
CA SER A 241 46.88 -4.80 3.69
C SER A 241 45.87 -5.17 4.77
N TYR A 242 45.61 -6.45 4.97
CA TYR A 242 44.54 -6.83 5.90
C TYR A 242 44.95 -6.71 7.37
N GLY A 243 46.19 -7.06 7.71
CA GLY A 243 46.57 -7.25 9.09
C GLY A 243 46.21 -6.17 10.10
N PRO A 244 46.59 -4.92 9.84
CA PRO A 244 46.43 -3.87 10.86
C PRO A 244 44.99 -3.69 11.34
N LEU A 245 44.02 -3.73 10.44
CA LEU A 245 42.61 -3.60 10.85
C LEU A 245 42.24 -4.68 11.85
N ILE A 246 42.68 -5.91 11.58
CA ILE A 246 42.36 -7.03 12.45
C ILE A 246 43.02 -6.85 13.81
N LYS A 247 44.26 -6.35 13.82
CA LYS A 247 44.91 -6.07 15.09
C LYS A 247 44.10 -5.07 15.91
N LEU A 248 43.66 -3.98 15.26
CA LEU A 248 42.87 -2.98 15.97
C LEU A 248 41.57 -3.59 16.50
N GLU A 249 40.90 -4.39 15.67
CA GLU A 249 39.63 -4.98 16.10
C GLU A 249 39.82 -5.89 17.30
N ALA A 250 40.85 -6.73 17.27
CA ALA A 250 41.12 -7.61 18.41
C ALA A 250 41.41 -6.80 19.66
N ASP A 251 42.27 -5.79 19.54
CA ASP A 251 42.66 -5.00 20.70
C ASP A 251 41.47 -4.30 21.33
N TYR A 252 40.63 -3.67 20.51
CA TYR A 252 39.52 -2.92 21.09
C TYR A 252 38.37 -3.82 21.54
N ASP A 253 38.15 -4.97 20.90
CA ASP A 253 37.16 -5.89 21.45
C ASP A 253 37.61 -6.39 22.83
N LYS A 254 38.90 -6.73 22.96
CA LYS A 254 39.43 -7.10 24.27
C LYS A 254 39.27 -5.96 25.26
N GLN A 255 39.53 -4.73 24.83
CA GLN A 255 39.41 -3.57 25.71
C GLN A 255 37.98 -3.40 26.21
N LEU A 256 37.00 -3.50 25.31
CA LEU A 256 35.61 -3.29 25.72
C LEU A 256 35.14 -4.42 26.62
N LYS A 257 35.47 -5.67 26.29
CA LYS A 257 34.94 -6.77 27.11
C LYS A 257 35.60 -6.81 28.48
N GLU A 258 36.91 -6.54 28.56
CA GLU A 258 37.60 -6.58 29.85
C GLU A 258 37.13 -5.47 30.79
N SER A 259 36.57 -4.39 30.25
CA SER A 259 36.09 -3.28 31.08
C SER A 259 34.74 -3.57 31.71
N GLN A 260 34.14 -4.72 31.43
CA GLN A 260 32.83 -5.07 31.96
C GLN A 260 32.90 -5.94 33.22
N ALA A 261 33.90 -5.73 34.07
CA ALA A 261 33.98 -6.49 35.31
C ALA A 261 32.74 -6.23 36.16
N LEU A 262 32.10 -7.31 36.59
CA LEU A 262 30.92 -7.24 37.45
C LEU A 262 31.38 -7.46 38.89
N GLU A 263 31.22 -6.45 39.73
CA GLU A 263 31.77 -6.44 41.07
C GLU A 263 30.66 -6.39 42.10
N HIS A 264 30.90 -7.03 43.25
CA HIS A 264 29.96 -7.08 44.36
C HIS A 264 28.59 -7.60 43.92
N ILE A 265 28.59 -8.64 43.09
CA ILE A 265 27.36 -9.24 42.59
C ILE A 265 26.85 -10.26 43.60
N SER A 266 25.52 -10.34 43.72
CA SER A 266 24.88 -11.28 44.64
C SER A 266 24.65 -12.59 43.90
N VAL A 267 25.40 -13.62 44.27
CA VAL A 267 25.39 -14.90 43.57
C VAL A 267 24.60 -15.91 44.39
N SER A 268 23.68 -16.60 43.73
CA SER A 268 22.91 -17.69 44.33
C SER A 268 23.41 -19.01 43.76
N TRP A 269 23.67 -19.97 44.64
CA TRP A 269 24.27 -21.24 44.25
C TRP A 269 23.20 -22.32 44.10
N SER A 270 23.40 -23.20 43.13
CA SER A 270 22.50 -24.32 42.90
C SER A 270 23.27 -25.41 42.17
N LEU A 271 22.71 -26.62 42.19
CA LEU A 271 23.32 -27.79 41.57
C LEU A 271 22.58 -28.14 40.29
N ALA A 272 23.33 -28.34 39.20
CA ALA A 272 22.75 -28.66 37.92
C ALA A 272 22.47 -30.16 37.82
N LEU A 273 21.98 -30.59 36.65
CA LEU A 273 21.68 -32.00 36.45
C LEU A 273 22.95 -32.83 36.34
N ASN A 274 24.04 -32.24 35.85
CA ASN A 274 25.30 -32.95 35.68
C ASN A 274 26.24 -32.77 36.88
N ASN A 275 25.68 -32.55 38.07
CA ASN A 275 26.44 -32.41 39.31
C ASN A 275 27.45 -31.27 39.23
N ARG A 276 27.11 -30.21 38.50
CA ARG A 276 27.94 -29.03 38.37
C ARG A 276 27.28 -27.86 39.10
N HIS A 277 28.07 -27.13 39.89
CA HIS A 277 27.53 -26.02 40.65
C HIS A 277 27.14 -24.88 39.71
N LEU A 278 25.94 -24.34 39.91
CA LEU A 278 25.42 -23.23 39.12
C LEU A 278 25.53 -21.95 39.93
N ALA A 279 26.20 -20.95 39.37
CA ALA A 279 26.36 -19.65 40.01
C ALA A 279 25.40 -18.68 39.35
N SER A 280 24.21 -18.56 39.93
CA SER A 280 23.16 -17.69 39.40
C SER A 280 23.20 -16.38 40.18
N PHE A 281 23.57 -15.29 39.49
CA PHE A 281 23.64 -13.97 40.11
C PHE A 281 22.76 -13.01 39.35
N THR A 282 22.03 -12.17 40.08
CA THR A 282 21.16 -11.17 39.49
C THR A 282 21.92 -9.86 39.32
N LEU A 283 21.64 -9.16 38.22
CA LEU A 283 22.24 -7.88 37.92
C LEU A 283 21.15 -6.87 37.60
N SER A 284 21.53 -5.60 37.57
CA SER A 284 20.59 -4.55 37.22
C SER A 284 20.15 -4.71 35.77
N THR A 285 18.92 -4.25 35.49
CA THR A 285 18.37 -4.39 34.15
C THR A 285 19.21 -3.64 33.13
N PHE A 286 19.70 -2.44 33.49
CA PHE A 286 20.54 -1.68 32.58
C PHE A 286 21.83 -2.42 32.26
N GLU A 287 22.50 -2.95 33.29
CA GLU A 287 23.74 -3.69 33.05
C GLU A 287 23.48 -4.96 32.25
N SER A 288 22.42 -5.70 32.60
CA SER A 288 22.12 -6.94 31.88
C SER A 288 21.80 -6.67 30.42
N ASN A 289 21.06 -5.60 30.12
CA ASN A 289 20.79 -5.24 28.73
C ASN A 289 22.05 -4.79 28.02
N GLU A 290 22.91 -4.03 28.71
CA GLU A 290 24.18 -3.61 28.13
C GLU A 290 25.15 -4.77 27.98
N LEU A 291 24.91 -5.87 28.68
CA LEU A 291 25.77 -7.06 28.59
C LEU A 291 25.59 -7.73 27.23
N LYS A 292 26.65 -7.72 26.43
CA LYS A 292 26.68 -8.39 25.13
C LYS A 292 27.25 -9.80 25.34
N VAL A 293 26.41 -10.66 25.91
CA VAL A 293 26.80 -12.02 26.28
C VAL A 293 25.95 -13.00 25.52
N ALA A 294 26.59 -14.06 25.03
CA ALA A 294 25.91 -15.20 24.43
C ALA A 294 25.95 -16.37 25.40
N ILE A 295 25.20 -17.41 25.09
CA ILE A 295 25.15 -18.60 25.93
C ILE A 295 26.41 -19.42 25.68
N GLY A 296 27.13 -19.73 26.76
CA GLY A 296 28.35 -20.50 26.67
C GLY A 296 29.64 -19.71 26.82
N ASP A 297 29.57 -18.43 27.14
CA ASP A 297 30.77 -17.65 27.38
C ASP A 297 31.43 -18.03 28.70
N GLU A 298 32.74 -17.89 28.76
CA GLU A 298 33.53 -18.24 29.93
C GLU A 298 34.05 -16.98 30.61
N MET A 299 33.97 -16.96 31.94
CA MET A 299 34.50 -15.87 32.74
C MET A 299 35.06 -16.44 34.05
N ILE A 300 35.69 -15.57 34.83
CA ILE A 300 36.25 -15.94 36.12
C ILE A 300 35.36 -15.37 37.21
N LEU A 301 34.88 -16.22 38.10
CA LEU A 301 34.11 -15.81 39.28
C LEU A 301 35.01 -15.96 40.49
N TRP A 302 35.58 -14.86 40.95
CA TRP A 302 36.54 -14.86 42.04
C TRP A 302 36.03 -14.00 43.19
N TYR A 303 36.23 -14.47 44.41
CA TYR A 303 35.88 -13.74 45.62
C TYR A 303 37.13 -13.53 46.47
N SER A 304 37.30 -12.30 46.96
CA SER A 304 38.41 -11.94 47.82
C SER A 304 37.88 -11.16 49.00
N GLY A 305 38.03 -11.72 50.20
CA GLY A 305 37.53 -11.06 51.39
C GLY A 305 37.91 -11.84 52.63
N MET A 306 37.52 -11.28 53.77
CA MET A 306 37.81 -11.90 55.06
C MET A 306 37.00 -13.18 55.23
N GLN A 307 35.75 -13.19 54.76
CA GLN A 307 34.84 -14.31 55.01
C GLN A 307 35.35 -15.61 54.44
N HIS A 308 36.16 -15.56 53.38
CA HIS A 308 36.66 -16.77 52.73
C HIS A 308 37.88 -16.40 51.91
N PRO A 309 38.94 -17.20 51.95
CA PRO A 309 40.18 -16.83 51.24
C PRO A 309 39.97 -16.75 49.73
N ASP A 310 41.03 -16.32 49.05
CA ASP A 310 40.97 -16.09 47.61
C ASP A 310 40.64 -17.38 46.86
N TRP A 311 39.69 -17.29 45.93
CA TRP A 311 39.26 -18.41 45.13
C TRP A 311 39.09 -17.97 43.68
N GLU A 312 39.34 -18.89 42.76
CA GLU A 312 39.11 -18.65 41.34
C GLU A 312 38.25 -19.78 40.78
N GLY A 313 37.16 -19.42 40.10
CA GLY A 313 36.29 -20.40 39.50
C GLY A 313 35.90 -20.04 38.09
N ARG A 314 36.14 -20.95 37.16
CA ARG A 314 35.87 -20.73 35.74
C ARG A 314 34.74 -21.64 35.27
N GLY A 315 33.90 -21.12 34.39
CA GLY A 315 32.80 -21.90 33.86
C GLY A 315 32.10 -21.15 32.75
N TYR A 316 31.09 -21.79 32.18
CA TYR A 316 30.33 -21.23 31.08
C TYR A 316 28.94 -20.80 31.55
N ILE A 317 28.27 -20.04 30.67
CA ILE A 317 26.92 -19.56 30.92
C ILE A 317 25.94 -20.47 30.19
N VAL A 318 24.97 -21.01 30.92
CA VAL A 318 23.94 -21.86 30.33
C VAL A 318 22.59 -21.17 30.24
N ARG A 319 22.43 -19.99 30.83
CA ARG A 319 21.18 -19.26 30.78
C ARG A 319 21.46 -17.77 30.77
N LEU A 320 20.63 -17.02 30.05
CA LEU A 320 20.77 -15.59 29.88
C LEU A 320 19.47 -14.92 30.28
N PRO A 321 19.53 -13.64 30.69
CA PRO A 321 18.29 -12.92 31.00
C PRO A 321 17.36 -12.85 29.81
N ASN A 322 16.06 -12.98 30.08
CA ASN A 322 15.04 -12.95 29.05
C ASN A 322 13.81 -12.25 29.63
N SER A 323 12.68 -12.37 28.93
CA SER A 323 11.45 -11.72 29.37
C SER A 323 10.91 -12.31 30.66
N PHE A 324 11.33 -13.52 31.04
CA PHE A 324 10.85 -14.19 32.24
C PHE A 324 11.78 -14.01 33.43
N GLN A 325 13.09 -14.13 33.23
CA GLN A 325 14.07 -14.00 34.30
C GLN A 325 15.22 -13.12 33.84
N ASP A 326 15.83 -12.42 34.80
CA ASP A 326 17.01 -11.60 34.56
C ASP A 326 18.21 -12.15 35.29
N THR A 327 18.31 -13.48 35.38
CA THR A 327 19.36 -14.15 36.14
C THR A 327 20.43 -14.69 35.19
N PHE A 328 21.68 -14.34 35.48
CA PHE A 328 22.82 -14.91 34.76
C PHE A 328 23.23 -16.20 35.45
N THR A 329 23.14 -17.32 34.74
CA THR A 329 23.49 -18.63 35.29
C THR A 329 24.90 -19.00 34.83
N LEU A 330 25.75 -19.34 35.79
CA LEU A 330 27.13 -19.72 35.52
C LEU A 330 27.32 -21.16 35.98
N GLU A 331 27.49 -22.07 35.02
CA GLU A 331 27.84 -23.45 35.33
C GLU A 331 29.36 -23.52 35.47
N LEU A 332 29.84 -23.79 36.67
CA LEU A 332 31.26 -23.78 36.93
C LEU A 332 31.89 -25.10 36.52
N LYS A 333 33.09 -25.00 35.93
CA LYS A 333 33.84 -26.21 35.61
C LYS A 333 34.22 -26.95 36.89
N PRO A 334 34.17 -28.27 36.90
CA PRO A 334 34.56 -29.01 38.10
C PRO A 334 36.04 -28.77 38.43
N SER A 335 36.28 -28.37 39.67
CA SER A 335 37.62 -28.00 40.11
C SER A 335 37.91 -28.65 41.46
N LYS A 336 39.20 -28.77 41.76
CA LYS A 336 39.61 -29.36 43.04
C LYS A 336 39.13 -28.51 44.21
N THR A 337 39.19 -27.19 44.06
CA THR A 337 38.68 -26.30 45.11
C THR A 337 37.16 -26.18 44.97
N PRO A 338 36.39 -26.61 45.98
CA PRO A 338 34.94 -26.49 45.88
C PRO A 338 34.51 -25.03 45.95
N PRO A 339 33.45 -24.66 45.25
CA PRO A 339 32.96 -23.28 45.35
C PRO A 339 32.36 -23.02 46.72
N PRO A 340 32.47 -21.80 47.23
CA PRO A 340 31.86 -21.46 48.53
C PRO A 340 30.35 -21.26 48.46
N THR A 341 29.63 -22.38 48.54
CA THR A 341 28.18 -22.35 48.47
C THR A 341 27.55 -21.60 49.64
N HIS A 342 28.30 -21.39 50.72
CA HIS A 342 27.79 -20.63 51.86
C HIS A 342 27.88 -19.13 51.67
N LEU A 343 28.51 -18.67 50.59
CA LEU A 343 28.65 -17.24 50.31
C LEU A 343 27.62 -16.82 49.28
N THR A 344 27.10 -15.60 49.43
CA THR A 344 26.14 -15.05 48.49
C THR A 344 26.46 -13.64 48.03
N THR A 345 27.34 -12.91 48.70
CA THR A 345 27.68 -11.55 48.34
C THR A 345 29.19 -11.36 48.35
N GLY A 346 29.65 -10.39 47.57
CA GLY A 346 31.06 -10.07 47.47
C GLY A 346 31.78 -10.66 46.28
N PHE A 347 31.10 -11.49 45.49
CA PHE A 347 31.73 -12.10 44.33
C PHE A 347 31.96 -11.07 43.24
N THR A 348 33.02 -11.28 42.47
CA THR A 348 33.36 -10.44 41.33
C THR A 348 33.58 -11.31 40.11
N ALA A 349 32.93 -10.95 39.01
CA ALA A 349 33.00 -11.71 37.76
C ALA A 349 33.76 -10.89 36.72
N GLU A 350 34.83 -11.47 36.19
CA GLU A 350 35.63 -10.83 35.14
C GLU A 350 35.60 -11.72 33.91
N PHE A 351 35.19 -11.15 32.78
CA PHE A 351 35.08 -11.93 31.55
C PHE A 351 36.46 -12.28 31.01
N ILE A 352 36.62 -13.52 30.58
CA ILE A 352 37.88 -13.99 30.01
C ILE A 352 37.84 -13.70 28.52
N TRP A 353 38.54 -12.64 28.10
CA TRP A 353 38.68 -12.35 26.68
C TRP A 353 39.50 -13.45 26.01
N LYS A 354 39.16 -13.73 24.76
CA LYS A 354 39.83 -14.76 23.97
C LYS A 354 40.13 -14.20 22.59
N GLY A 355 41.42 -14.09 22.27
CA GLY A 355 41.85 -13.70 20.95
C GLY A 355 41.87 -14.81 19.92
N THR A 356 41.34 -15.98 20.28
CA THR A 356 41.35 -17.12 19.37
C THR A 356 40.58 -16.83 18.08
N SER A 357 39.60 -15.94 18.14
CA SER A 357 38.88 -15.55 16.94
C SER A 357 39.80 -14.88 15.93
N TYR A 358 40.70 -14.03 16.41
CA TYR A 358 41.58 -13.29 15.51
C TYR A 358 42.86 -14.07 15.22
N ASP A 359 43.45 -14.71 16.23
CA ASP A 359 44.67 -15.46 16.00
C ASP A 359 44.47 -16.57 14.97
N ARG A 360 43.28 -17.17 14.95
CA ARG A 360 43.01 -18.23 13.97
C ARG A 360 43.07 -17.69 12.54
N MET A 361 42.43 -16.54 12.28
CA MET A 361 42.45 -16.08 10.90
C MET A 361 43.81 -15.47 10.58
N GLN A 362 44.55 -15.03 11.59
CA GLN A 362 45.95 -14.69 11.39
C GLN A 362 46.73 -15.90 10.88
N ASP A 363 46.51 -17.06 11.49
CA ASP A 363 47.11 -18.30 10.99
C ASP A 363 46.65 -18.59 9.57
N ALA A 364 45.38 -18.32 9.28
CA ALA A 364 44.86 -18.51 7.93
C ALA A 364 45.58 -17.62 6.91
N LEU A 365 45.79 -16.35 7.27
CA LEU A 365 46.53 -15.45 6.40
C LEU A 365 47.98 -15.90 6.23
N LYS A 366 48.57 -16.41 7.31
CA LYS A 366 49.92 -16.98 7.22
C LYS A 366 49.95 -18.12 6.20
N LYS A 367 48.95 -19.01 6.27
CA LYS A 367 48.88 -20.14 5.35
C LYS A 367 48.70 -19.66 3.92
N PHE A 368 47.85 -18.65 3.71
CA PHE A 368 47.66 -18.11 2.37
C PHE A 368 48.93 -17.47 1.83
N ALA A 369 49.70 -16.81 2.69
CA ALA A 369 50.89 -16.11 2.25
C ALA A 369 52.11 -17.03 2.14
N ILE A 370 52.06 -18.23 2.70
CA ILE A 370 53.22 -19.12 2.76
C ILE A 370 53.02 -20.38 1.91
N ASP A 371 52.02 -21.19 2.25
CA ASP A 371 51.95 -22.54 1.72
C ASP A 371 51.48 -22.53 0.25
N LYS A 372 52.22 -23.25 -0.60
CA LYS A 372 51.79 -23.41 -1.99
C LYS A 372 50.59 -24.33 -2.11
N LYS A 373 50.53 -25.37 -1.27
CA LYS A 373 49.46 -26.36 -1.32
C LYS A 373 48.23 -25.95 -0.52
N SER A 374 48.07 -24.66 -0.27
CA SER A 374 46.94 -24.18 0.52
C SER A 374 45.70 -23.96 -0.34
N ILE A 375 45.87 -23.44 -1.55
CA ILE A 375 44.77 -23.11 -2.44
C ILE A 375 45.16 -23.48 -3.88
N SER A 376 44.20 -24.01 -4.62
CA SER A 376 44.44 -24.36 -6.02
C SER A 376 44.73 -23.10 -6.84
N GLY A 377 45.42 -23.29 -7.97
CA GLY A 377 45.85 -22.15 -8.76
C GLY A 377 44.73 -21.26 -9.24
N TYR A 378 43.62 -21.87 -9.69
CA TYR A 378 42.51 -21.09 -10.22
C TYR A 378 41.85 -20.24 -9.14
N LEU A 379 41.49 -20.85 -8.01
CA LEU A 379 40.87 -20.08 -6.95
C LEU A 379 41.84 -19.10 -6.31
N TYR A 380 43.12 -19.45 -6.24
CA TYR A 380 44.12 -18.48 -5.80
C TYR A 380 44.10 -17.25 -6.68
N TYR A 381 44.19 -17.46 -8.00
CA TYR A 381 44.33 -16.34 -8.91
C TYR A 381 43.02 -15.60 -9.13
N LYS A 382 41.90 -16.18 -8.68
CA LYS A 382 40.62 -15.48 -8.63
C LYS A 382 40.45 -14.69 -7.33
N ILE A 383 40.89 -15.26 -6.20
CA ILE A 383 40.86 -14.52 -4.94
C ILE A 383 41.75 -13.30 -5.02
N LEU A 384 42.94 -13.44 -5.62
CA LEU A 384 43.73 -12.26 -5.91
C LEU A 384 43.11 -11.39 -7.00
N GLY A 385 42.10 -11.90 -7.70
CA GLY A 385 41.41 -11.11 -8.69
C GLY A 385 42.13 -10.96 -10.02
N HIS A 386 43.10 -11.82 -10.30
CA HIS A 386 43.83 -11.73 -11.56
C HIS A 386 43.05 -12.42 -12.68
N GLN A 387 43.29 -11.96 -13.90
CA GLN A 387 42.58 -12.47 -15.07
C GLN A 387 43.05 -13.89 -15.38
N VAL A 388 42.08 -14.80 -15.54
CA VAL A 388 42.35 -16.20 -15.83
C VAL A 388 41.23 -16.73 -16.71
N VAL A 389 41.60 -17.51 -17.73
CA VAL A 389 40.61 -18.09 -18.64
C VAL A 389 39.71 -19.05 -17.88
N ASP A 390 38.42 -19.05 -18.24
CA ASP A 390 37.44 -19.84 -17.52
C ASP A 390 37.72 -21.33 -17.66
N ILE A 391 37.48 -22.08 -16.57
CA ILE A 391 37.77 -23.50 -16.48
C ILE A 391 36.50 -24.24 -16.11
N SER A 392 36.25 -25.38 -16.76
CA SER A 392 35.14 -26.25 -16.44
C SER A 392 35.67 -27.56 -15.84
N PHE A 393 34.74 -28.48 -15.57
CA PHE A 393 35.07 -29.76 -14.95
C PHE A 393 34.49 -30.89 -15.76
N ASP A 394 35.14 -32.05 -15.70
CA ASP A 394 34.67 -33.25 -16.40
C ASP A 394 33.86 -34.09 -15.42
N VAL A 395 32.62 -33.66 -15.22
CA VAL A 395 31.70 -34.29 -14.26
C VAL A 395 30.45 -34.69 -15.01
N PRO A 396 29.98 -35.94 -14.88
CA PRO A 396 28.71 -36.32 -15.52
C PRO A 396 27.53 -35.68 -14.80
N LEU A 397 26.69 -34.99 -15.56
CA LEU A 397 25.54 -34.32 -14.98
C LEU A 397 24.47 -35.35 -14.59
N PRO A 398 23.75 -35.11 -13.50
CA PRO A 398 22.69 -36.04 -13.10
C PRO A 398 21.52 -36.03 -14.07
N LYS A 399 20.80 -37.15 -14.09
CA LYS A 399 19.66 -37.28 -14.99
C LYS A 399 18.55 -36.30 -14.62
N GLU A 400 18.16 -36.28 -13.34
CA GLU A 400 17.13 -35.38 -12.84
C GLU A 400 17.70 -34.60 -11.67
N PHE A 401 17.64 -33.27 -11.75
CA PHE A 401 18.23 -32.44 -10.71
C PHE A 401 17.49 -32.60 -9.38
N SER A 402 16.16 -32.65 -9.42
CA SER A 402 15.39 -32.78 -8.20
C SER A 402 15.59 -34.16 -7.56
N ILE A 403 15.49 -34.19 -6.25
CA ILE A 403 15.70 -35.42 -5.46
C ILE A 403 14.34 -35.99 -5.09
N PRO A 404 14.10 -37.29 -5.31
CA PRO A 404 12.84 -37.89 -4.87
C PRO A 404 12.67 -37.80 -3.36
N ASN A 405 11.41 -37.80 -2.93
CA ASN A 405 11.00 -37.71 -1.53
C ASN A 405 11.38 -36.38 -0.89
N PHE A 406 11.74 -35.38 -1.68
CA PHE A 406 12.11 -34.08 -1.13
C PHE A 406 11.53 -33.00 -2.04
N ALA A 407 11.97 -31.76 -1.84
CA ALA A 407 11.39 -30.62 -2.54
C ALA A 407 11.62 -30.72 -4.04
N GLN A 408 10.63 -30.27 -4.81
CA GLN A 408 10.70 -30.26 -6.26
C GLN A 408 11.17 -28.89 -6.73
N LEU A 409 12.13 -28.86 -7.64
CA LEU A 409 12.76 -27.61 -8.05
C LEU A 409 12.05 -27.01 -9.25
N ASN A 410 12.00 -25.68 -9.29
CA ASN A 410 11.47 -24.93 -10.41
C ASN A 410 12.60 -24.64 -11.41
N SER A 411 12.30 -23.85 -12.44
CA SER A 411 13.28 -23.57 -13.48
C SER A 411 14.49 -22.81 -12.93
N SER A 412 14.25 -21.83 -12.05
CA SER A 412 15.35 -21.02 -11.55
C SER A 412 16.30 -21.83 -10.68
N GLN A 413 15.76 -22.60 -9.73
CA GLN A 413 16.62 -23.44 -8.90
C GLN A 413 17.22 -24.59 -9.70
N SER A 414 16.52 -25.05 -10.76
CA SER A 414 17.13 -26.02 -11.65
C SER A 414 18.36 -25.44 -12.33
N ASN A 415 18.27 -24.19 -12.79
CA ASN A 415 19.42 -23.51 -13.37
C ASN A 415 20.54 -23.37 -12.34
N ALA A 416 20.17 -23.01 -11.10
CA ALA A 416 21.17 -22.84 -10.05
C ALA A 416 21.92 -24.14 -9.78
N VAL A 417 21.18 -25.26 -9.70
CA VAL A 417 21.82 -26.55 -9.45
C VAL A 417 22.66 -26.99 -10.65
N SER A 418 22.16 -26.75 -11.86
CA SER A 418 22.86 -27.21 -13.06
C SER A 418 24.17 -26.45 -13.26
N HIS A 419 24.13 -25.13 -13.14
CA HIS A 419 25.30 -24.31 -13.45
C HIS A 419 26.35 -24.37 -12.36
N VAL A 420 26.06 -25.00 -11.22
CA VAL A 420 27.01 -25.00 -10.11
C VAL A 420 27.94 -26.21 -10.12
N LEU A 421 27.53 -27.30 -10.76
CA LEU A 421 28.30 -28.54 -10.72
C LEU A 421 29.45 -28.57 -11.72
N GLN A 422 29.62 -27.53 -12.52
CA GLN A 422 30.59 -27.54 -13.61
C GLN A 422 31.74 -26.56 -13.40
N ARG A 423 31.64 -25.65 -12.44
CA ARG A 423 32.61 -24.57 -12.28
C ARG A 423 33.16 -24.58 -10.87
N PRO A 424 34.40 -24.12 -10.67
CA PRO A 424 35.01 -24.18 -9.34
C PRO A 424 34.50 -23.10 -8.39
N LEU A 425 34.05 -21.97 -8.92
CA LEU A 425 33.46 -20.93 -8.07
C LEU A 425 32.27 -20.29 -8.77
N SER A 426 31.26 -19.93 -7.98
CA SER A 426 30.12 -19.17 -8.48
C SER A 426 29.40 -18.57 -7.28
N LEU A 427 28.55 -17.58 -7.55
CA LEU A 427 27.83 -16.86 -6.50
C LEU A 427 26.33 -16.97 -6.74
N ILE A 428 25.59 -17.33 -5.69
CA ILE A 428 24.15 -17.44 -5.73
C ILE A 428 23.56 -16.36 -4.84
N GLN A 429 22.71 -15.51 -5.42
CA GLN A 429 22.07 -14.42 -4.70
C GLN A 429 20.60 -14.77 -4.48
N GLY A 430 20.19 -14.82 -3.22
CA GLY A 430 18.84 -15.23 -2.89
C GLY A 430 18.03 -14.21 -2.14
N PRO A 431 16.99 -13.70 -2.78
CA PRO A 431 16.02 -12.85 -2.07
C PRO A 431 15.34 -13.62 -0.95
N PRO A 432 14.84 -12.93 0.08
CA PRO A 432 14.29 -13.63 1.24
C PRO A 432 13.06 -14.46 0.90
N GLY A 433 12.89 -15.56 1.62
CA GLY A 433 11.77 -16.45 1.45
C GLY A 433 11.88 -17.41 0.30
N THR A 434 12.92 -17.30 -0.54
CA THR A 434 13.02 -18.18 -1.70
C THR A 434 13.41 -19.59 -1.31
N GLY A 435 14.14 -19.76 -0.21
CA GLY A 435 14.57 -21.08 0.20
C GLY A 435 15.91 -21.51 -0.38
N LYS A 436 16.96 -20.73 -0.12
CA LYS A 436 18.32 -21.13 -0.50
C LYS A 436 18.72 -22.45 0.13
N THR A 437 18.09 -22.82 1.24
CA THR A 437 18.52 -23.97 2.02
C THR A 437 18.43 -25.26 1.20
N VAL A 438 17.31 -25.43 0.47
CA VAL A 438 17.13 -26.63 -0.32
C VAL A 438 18.11 -26.67 -1.48
N THR A 439 18.40 -25.53 -2.09
CA THR A 439 19.39 -25.47 -3.15
C THR A 439 20.77 -25.90 -2.64
N SER A 440 21.15 -25.40 -1.46
CA SER A 440 22.44 -25.78 -0.89
C SER A 440 22.48 -27.28 -0.60
N ALA A 441 21.40 -27.83 -0.04
CA ALA A 441 21.37 -29.26 0.24
C ALA A 441 21.50 -30.09 -1.03
N THR A 442 20.76 -29.71 -2.08
CA THR A 442 20.83 -30.45 -3.34
C THR A 442 22.23 -30.39 -3.93
N ILE A 443 22.85 -29.21 -3.92
CA ILE A 443 24.19 -29.08 -4.48
C ILE A 443 25.18 -29.94 -3.71
N VAL A 444 25.11 -29.89 -2.38
CA VAL A 444 26.04 -30.69 -1.56
C VAL A 444 25.85 -32.17 -1.84
N TYR A 445 24.60 -32.63 -1.84
CA TYR A 445 24.35 -34.06 -2.03
C TYR A 445 24.84 -34.53 -3.40
N HIS A 446 24.56 -33.76 -4.44
CA HIS A 446 24.96 -34.20 -5.78
C HIS A 446 26.48 -34.14 -5.96
N LEU A 447 27.14 -33.11 -5.42
CA LEU A 447 28.59 -33.06 -5.51
C LEU A 447 29.22 -34.22 -4.75
N SER A 448 28.69 -34.54 -3.56
CA SER A 448 29.21 -35.66 -2.79
C SER A 448 29.05 -36.97 -3.55
N LYS A 449 27.88 -37.18 -4.16
CA LYS A 449 27.68 -38.39 -4.94
C LYS A 449 28.59 -38.44 -6.16
N ILE A 450 28.87 -37.28 -6.75
CA ILE A 450 29.73 -37.25 -7.94
C ILE A 450 31.16 -37.61 -7.58
N HIS A 451 31.72 -37.00 -6.53
CA HIS A 451 33.14 -37.14 -6.26
C HIS A 451 33.48 -38.08 -5.12
N LYS A 452 32.55 -38.34 -4.20
CA LYS A 452 32.74 -39.25 -3.07
C LYS A 452 33.99 -38.81 -2.29
N ASP A 453 33.84 -37.64 -1.67
CA ASP A 453 34.91 -37.02 -0.90
C ASP A 453 34.30 -36.38 0.34
N ARG A 454 35.16 -36.03 1.29
CA ARG A 454 34.70 -35.28 2.45
C ARG A 454 34.32 -33.86 2.03
N ILE A 455 33.18 -33.40 2.50
CA ILE A 455 32.62 -32.10 2.11
C ILE A 455 32.56 -31.22 3.36
N LEU A 456 32.85 -29.94 3.19
CA LEU A 456 32.82 -28.97 4.28
C LEU A 456 31.70 -27.97 4.03
N VAL A 457 30.90 -27.71 5.07
CA VAL A 457 29.86 -26.70 5.03
C VAL A 457 30.07 -25.75 6.21
N CYS A 458 30.10 -24.46 5.93
CA CYS A 458 30.37 -23.47 6.97
C CYS A 458 29.43 -22.28 6.80
N ALA A 459 29.15 -21.61 7.92
CA ALA A 459 28.29 -20.43 7.91
C ALA A 459 28.60 -19.60 9.15
N PRO A 460 28.61 -18.27 9.05
CA PRO A 460 28.96 -17.45 10.21
C PRO A 460 28.01 -17.63 11.39
N SER A 461 26.73 -17.90 11.15
CA SER A 461 25.75 -18.03 12.22
C SER A 461 25.65 -19.48 12.69
N ASN A 462 25.64 -19.67 14.01
CA ASN A 462 25.53 -21.01 14.56
C ASN A 462 24.15 -21.62 14.29
N VAL A 463 23.09 -20.82 14.40
CA VAL A 463 21.75 -21.33 14.13
C VAL A 463 21.61 -21.71 12.65
N ALA A 464 22.25 -20.95 11.76
CA ALA A 464 22.20 -21.28 10.34
C ALA A 464 22.91 -22.59 10.06
N VAL A 465 24.07 -22.82 10.69
CA VAL A 465 24.75 -24.10 10.57
C VAL A 465 23.88 -25.22 11.09
N ASP A 466 23.17 -24.97 12.21
CA ASP A 466 22.27 -25.98 12.74
C ASP A 466 21.17 -26.33 11.75
N HIS A 467 20.58 -25.30 11.12
CA HIS A 467 19.51 -25.52 10.17
C HIS A 467 20.01 -26.29 8.95
N LEU A 468 21.15 -25.89 8.40
CA LEU A 468 21.71 -26.56 7.24
C LEU A 468 22.08 -28.00 7.57
N ALA A 469 22.57 -28.25 8.79
CA ALA A 469 22.93 -29.60 9.20
C ALA A 469 21.70 -30.48 9.35
N ALA A 470 20.63 -29.95 9.95
CA ALA A 470 19.39 -30.71 10.05
C ALA A 470 18.85 -31.05 8.67
N LYS A 471 18.88 -30.07 7.76
CA LYS A 471 18.42 -30.32 6.40
C LYS A 471 19.27 -31.36 5.68
N LEU A 472 20.59 -31.27 5.84
CA LEU A 472 21.47 -32.25 5.19
C LEU A 472 21.24 -33.64 5.75
N ARG A 473 21.02 -33.74 7.06
CA ARG A 473 20.63 -35.01 7.65
C ARG A 473 19.31 -35.51 7.09
N ASP A 474 18.42 -34.59 6.72
CA ASP A 474 17.17 -35.01 6.09
C ASP A 474 17.38 -35.64 4.71
N LEU A 475 18.53 -35.41 4.08
CA LEU A 475 18.84 -36.01 2.79
C LEU A 475 19.48 -37.39 2.89
N GLY A 476 19.76 -37.87 4.10
CA GLY A 476 20.34 -39.19 4.29
C GLY A 476 21.85 -39.24 4.33
N LEU A 477 22.53 -38.14 4.04
CA LEU A 477 23.98 -38.14 4.10
C LEU A 477 24.46 -38.20 5.54
N LYS A 478 25.75 -38.52 5.71
CA LYS A 478 26.35 -38.61 7.03
C LYS A 478 26.88 -37.24 7.43
N VAL A 479 26.32 -36.69 8.51
CA VAL A 479 26.59 -35.31 8.93
C VAL A 479 27.23 -35.34 10.30
N VAL A 480 28.34 -34.63 10.45
CA VAL A 480 29.00 -34.44 11.73
C VAL A 480 29.07 -32.95 12.03
N ARG A 481 28.69 -32.57 13.25
CA ARG A 481 28.63 -31.18 13.67
C ARG A 481 29.79 -30.93 14.63
N LEU A 482 30.66 -29.98 14.28
CA LEU A 482 31.77 -29.58 15.14
C LEU A 482 31.29 -28.43 16.02
N THR A 483 31.06 -28.73 17.29
CA THR A 483 30.62 -27.73 18.25
C THR A 483 31.84 -27.08 18.91
N ALA A 484 31.69 -25.79 19.22
CA ALA A 484 32.76 -25.07 19.90
C ALA A 484 32.97 -25.65 21.30
N LYS A 485 34.23 -25.61 21.75
CA LYS A 485 34.55 -26.17 23.06
C LYS A 485 33.77 -25.46 24.16
N SER A 486 33.60 -24.14 24.04
CA SER A 486 32.75 -23.42 24.98
C SER A 486 31.27 -23.77 24.76
N ARG A 487 30.90 -24.13 23.54
CA ARG A 487 29.52 -24.42 23.19
C ARG A 487 29.16 -25.89 23.31
N GLU A 488 30.08 -26.74 23.80
CA GLU A 488 29.79 -28.16 23.91
C GLU A 488 28.64 -28.45 24.87
N ASP A 489 28.38 -27.55 25.82
CA ASP A 489 27.28 -27.72 26.76
C ASP A 489 26.00 -27.03 26.31
N VAL A 490 25.98 -26.46 25.11
CA VAL A 490 24.81 -25.74 24.61
C VAL A 490 23.95 -26.70 23.81
N GLU A 491 22.66 -26.76 24.16
CA GLU A 491 21.73 -27.63 23.45
C GLU A 491 21.39 -27.04 22.09
N SER A 492 20.97 -27.91 21.17
CA SER A 492 20.60 -27.51 19.83
C SER A 492 19.68 -28.56 19.23
N SER A 493 18.99 -28.18 18.16
CA SER A 493 18.12 -29.13 17.47
C SER A 493 18.89 -30.25 16.78
N VAL A 494 20.18 -30.05 16.52
CA VAL A 494 21.02 -31.05 15.87
C VAL A 494 22.04 -31.57 16.87
N SER A 495 21.68 -31.58 18.16
CA SER A 495 22.61 -32.01 19.19
C SER A 495 23.08 -33.44 18.98
N ASN A 496 22.26 -34.27 18.32
CA ASN A 496 22.67 -35.65 18.05
C ASN A 496 23.77 -35.74 17.00
N LEU A 497 23.97 -34.67 16.22
CA LEU A 497 25.05 -34.62 15.23
C LEU A 497 26.34 -34.05 15.79
N ALA A 498 26.35 -33.67 17.07
CA ALA A 498 27.54 -33.06 17.66
C ALA A 498 28.70 -34.05 17.65
N LEU A 499 29.89 -33.55 17.28
CA LEU A 499 31.06 -34.41 17.25
C LEU A 499 31.41 -34.93 18.64
N HIS A 500 31.29 -34.06 19.66
CA HIS A 500 31.52 -34.50 21.03
C HIS A 500 30.49 -35.55 21.43
N ASN A 501 29.24 -35.37 21.02
CA ASN A 501 28.22 -36.39 21.26
C ASN A 501 28.57 -37.68 20.53
N LEU A 502 29.11 -37.56 19.31
CA LEU A 502 29.48 -38.75 18.55
C LEU A 502 30.59 -39.54 19.24
N VAL A 503 31.62 -38.86 19.74
CA VAL A 503 32.70 -39.59 20.40
C VAL A 503 32.22 -40.14 21.75
N GLY A 504 31.35 -39.40 22.45
CA GLY A 504 30.82 -39.91 23.71
C GLY A 504 29.97 -41.15 23.52
N ARG A 505 29.12 -41.16 22.49
CA ARG A 505 28.24 -42.31 22.28
C ARG A 505 28.97 -43.48 21.67
N GLY A 506 29.80 -43.23 20.65
CA GLY A 506 30.60 -44.25 20.01
C GLY A 506 31.84 -44.64 20.78
N ALA A 507 31.97 -44.14 22.00
CA ALA A 507 33.05 -44.57 22.87
C ALA A 507 32.96 -46.07 23.13
N LYS A 508 34.11 -46.73 23.15
CA LYS A 508 34.21 -48.16 23.47
C LYS A 508 35.46 -48.42 24.28
N GLY A 509 35.43 -49.51 25.05
CA GLY A 509 36.61 -49.94 25.81
C GLY A 509 37.05 -48.93 26.86
N GLU A 510 38.36 -48.67 26.89
CA GLU A 510 38.92 -47.73 27.85
C GLU A 510 38.28 -46.36 27.74
N LEU A 511 37.76 -46.02 26.57
CA LEU A 511 37.23 -44.69 26.34
C LEU A 511 35.97 -44.43 27.17
N LYS A 512 35.07 -45.42 27.27
CA LYS A 512 33.95 -45.28 28.21
C LYS A 512 34.43 -45.09 29.65
N ASN A 513 35.39 -45.88 30.12
CA ASN A 513 35.81 -45.73 31.50
C ASN A 513 36.47 -44.38 31.75
N LEU A 514 37.27 -43.91 30.80
CA LEU A 514 37.90 -42.60 30.94
C LEU A 514 36.86 -41.48 30.94
N LEU A 515 35.88 -41.56 30.03
CA LEU A 515 34.84 -40.54 29.99
C LEU A 515 34.00 -40.55 31.26
N LYS A 516 33.65 -41.74 31.75
CA LYS A 516 32.88 -41.84 32.98
C LYS A 516 33.65 -41.31 34.17
N LEU A 517 34.95 -41.61 34.24
CA LEU A 517 35.78 -41.10 35.33
C LEU A 517 35.90 -39.59 35.26
N LYS A 518 36.07 -39.05 34.05
CA LYS A 518 36.14 -37.59 33.91
C LYS A 518 34.84 -36.93 34.30
N ASP A 519 33.70 -37.52 33.93
CA ASP A 519 32.41 -36.95 34.30
C ASP A 519 32.18 -37.04 35.81
N GLU A 520 32.53 -38.16 36.43
CA GLU A 520 32.25 -38.37 37.84
C GLU A 520 33.16 -37.52 38.72
N VAL A 521 34.46 -37.50 38.42
CA VAL A 521 35.42 -36.81 39.27
C VAL A 521 35.64 -35.37 38.82
N GLY A 522 35.76 -35.14 37.51
CA GLY A 522 36.01 -33.81 36.99
C GLY A 522 37.44 -33.63 36.49
N GLU A 523 38.40 -34.20 37.20
CA GLU A 523 39.80 -34.10 36.84
C GLU A 523 40.45 -35.48 36.92
N LEU A 524 41.41 -35.71 36.02
CA LEU A 524 42.13 -36.97 35.94
C LEU A 524 43.62 -36.74 36.16
N SER A 525 44.36 -37.83 36.29
CA SER A 525 45.81 -37.76 36.42
C SER A 525 46.42 -37.35 35.08
N ALA A 526 47.69 -36.91 35.14
CA ALA A 526 48.36 -36.44 33.94
C ALA A 526 48.47 -37.55 32.90
N SER A 527 48.89 -38.74 33.32
CA SER A 527 48.98 -39.86 32.39
C SER A 527 47.60 -40.23 31.85
N ASP A 528 46.60 -40.30 32.73
CA ASP A 528 45.25 -40.61 32.29
C ASP A 528 44.72 -39.54 31.34
N THR A 529 45.00 -38.27 31.66
CA THR A 529 44.56 -37.18 30.78
C THR A 529 45.22 -37.29 29.41
N LYS A 530 46.50 -37.65 29.36
CA LYS A 530 47.20 -37.78 28.08
C LYS A 530 46.66 -38.94 27.25
N ARG A 531 46.47 -40.11 27.88
CA ARG A 531 45.79 -41.19 27.17
C ARG A 531 44.42 -40.75 26.66
N PHE A 532 43.67 -40.02 27.50
CA PHE A 532 42.33 -39.61 27.11
C PHE A 532 42.36 -38.71 25.88
N VAL A 533 43.22 -37.69 25.89
CA VAL A 533 43.26 -36.77 24.76
C VAL A 533 43.74 -37.48 23.50
N LYS A 534 44.77 -38.33 23.63
CA LYS A 534 45.26 -39.06 22.46
C LYS A 534 44.17 -39.94 21.86
N LEU A 535 43.43 -40.66 22.71
CA LEU A 535 42.44 -41.61 22.22
C LEU A 535 41.22 -40.90 21.67
N VAL A 536 40.79 -39.80 22.29
CA VAL A 536 39.68 -39.05 21.70
C VAL A 536 40.10 -38.40 20.39
N ARG A 537 41.36 -38.00 20.25
CA ARG A 537 41.83 -37.48 18.98
C ARG A 537 41.82 -38.57 17.92
N LYS A 538 42.23 -39.78 18.29
CA LYS A 538 42.13 -40.92 17.37
C LYS A 538 40.69 -41.14 16.92
N THR A 539 39.75 -41.15 17.89
CA THR A 539 38.35 -41.40 17.55
C THR A 539 37.79 -40.29 16.67
N GLU A 540 38.15 -39.04 16.97
CA GLU A 540 37.69 -37.92 16.14
C GLU A 540 38.23 -38.04 14.73
N ALA A 541 39.50 -38.43 14.57
CA ALA A 541 40.05 -38.62 13.24
C ALA A 541 39.31 -39.70 12.48
N GLU A 542 39.02 -40.83 13.16
CA GLU A 542 38.25 -41.88 12.50
C GLU A 542 36.87 -41.38 12.08
N ILE A 543 36.21 -40.63 12.96
CA ILE A 543 34.86 -40.14 12.66
C ILE A 543 34.90 -39.21 11.45
N LEU A 544 35.83 -38.24 11.46
CA LEU A 544 35.90 -37.30 10.35
C LEU A 544 36.29 -38.00 9.04
N ASN A 545 37.21 -38.95 9.10
CA ASN A 545 37.57 -39.69 7.89
C ASN A 545 36.39 -40.51 7.38
N LYS A 546 35.55 -41.01 8.29
CA LYS A 546 34.38 -41.78 7.91
C LYS A 546 33.20 -40.90 7.51
N ALA A 547 33.23 -39.61 7.82
CA ALA A 547 32.07 -38.74 7.64
C ALA A 547 32.03 -38.17 6.23
N ASP A 548 30.82 -38.15 5.65
CA ASP A 548 30.66 -37.61 4.31
C ASP A 548 30.82 -36.10 4.29
N VAL A 549 30.16 -35.40 5.22
CA VAL A 549 30.21 -33.95 5.30
C VAL A 549 30.56 -33.55 6.72
N VAL A 550 31.19 -32.39 6.87
CA VAL A 550 31.62 -31.88 8.17
C VAL A 550 30.99 -30.52 8.37
N CYS A 551 30.38 -30.32 9.53
CA CYS A 551 29.70 -29.07 9.87
C CYS A 551 30.52 -28.31 10.89
N CYS A 552 30.95 -27.10 10.53
CA CYS A 552 31.67 -26.24 11.45
C CYS A 552 31.47 -24.79 11.03
N THR A 553 31.58 -23.89 12.01
CA THR A 553 31.38 -22.47 11.78
C THR A 553 32.53 -21.92 10.94
N CYS A 554 32.28 -20.78 10.28
CA CYS A 554 33.30 -20.15 9.45
C CYS A 554 34.55 -19.82 10.25
N VAL A 555 34.42 -19.64 11.57
CA VAL A 555 35.58 -19.49 12.44
C VAL A 555 36.11 -20.84 12.93
N GLY A 556 35.29 -21.89 12.90
CA GLY A 556 35.71 -23.21 13.34
C GLY A 556 36.67 -23.90 12.39
N ALA A 557 36.85 -23.38 11.18
CA ALA A 557 37.79 -23.97 10.24
C ALA A 557 39.24 -23.71 10.63
N GLY A 558 39.49 -22.80 11.56
CA GLY A 558 40.82 -22.58 12.08
C GLY A 558 41.24 -23.51 13.17
N ASP A 559 40.34 -24.39 13.62
CA ASP A 559 40.68 -25.36 14.65
C ASP A 559 41.74 -26.32 14.16
N LYS A 560 42.64 -26.72 15.06
CA LYS A 560 43.70 -27.65 14.69
C LYS A 560 43.14 -29.04 14.40
N ARG A 561 41.97 -29.37 14.96
CA ARG A 561 41.38 -30.68 14.74
C ARG A 561 41.06 -30.92 13.26
N LEU A 562 40.78 -29.85 12.53
CA LEU A 562 40.56 -29.97 11.09
C LEU A 562 41.89 -29.93 10.36
N ASP A 563 42.82 -30.80 10.77
CA ASP A 563 44.12 -30.85 10.11
C ASP A 563 43.99 -31.32 8.67
N THR A 564 43.09 -32.26 8.41
CA THR A 564 42.92 -32.79 7.07
C THR A 564 42.47 -31.71 6.09
N LYS A 565 43.17 -31.63 4.97
CA LYS A 565 42.79 -30.69 3.92
C LYS A 565 41.47 -31.11 3.28
N PHE A 566 40.59 -30.15 3.05
CA PHE A 566 39.28 -30.38 2.46
C PHE A 566 39.23 -29.76 1.06
N ARG A 567 38.51 -30.45 0.15
CA ARG A 567 38.51 -30.09 -1.25
C ARG A 567 37.19 -29.47 -1.72
N THR A 568 36.08 -29.79 -1.07
CA THR A 568 34.76 -29.32 -1.47
C THR A 568 34.15 -28.58 -0.29
N VAL A 569 33.95 -27.28 -0.44
CA VAL A 569 33.54 -26.41 0.66
C VAL A 569 32.32 -25.60 0.24
N LEU A 570 31.32 -25.55 1.11
CA LEU A 570 30.15 -24.70 0.93
C LEU A 570 30.19 -23.58 1.96
N ILE A 571 30.16 -22.34 1.50
CA ILE A 571 30.12 -21.18 2.38
C ILE A 571 28.74 -20.54 2.21
N ASP A 572 27.99 -20.50 3.30
CA ASP A 572 26.60 -20.03 3.29
C ASP A 572 26.53 -18.63 3.90
N GLU A 573 25.64 -17.80 3.35
CA GLU A 573 25.46 -16.41 3.76
C GLU A 573 26.81 -15.75 4.08
N SER A 574 27.66 -15.72 3.05
CA SER A 574 29.02 -15.20 3.20
C SER A 574 29.01 -13.72 3.52
N THR A 575 28.05 -12.97 2.95
CA THR A 575 28.00 -11.53 3.19
C THR A 575 27.80 -11.20 4.66
N GLN A 576 27.07 -12.05 5.39
CA GLN A 576 26.87 -11.83 6.82
C GLN A 576 28.19 -11.82 7.60
N ALA A 577 29.24 -12.43 7.05
CA ALA A 577 30.56 -12.42 7.67
C ALA A 577 31.52 -11.59 6.84
N SER A 578 32.58 -11.11 7.50
CA SER A 578 33.60 -10.33 6.81
C SER A 578 34.50 -11.25 5.99
N GLU A 579 35.35 -10.63 5.17
CA GLU A 579 36.18 -11.38 4.23
C GLU A 579 37.11 -12.38 4.91
N PRO A 580 37.88 -12.02 5.95
CA PRO A 580 38.69 -13.04 6.62
C PRO A 580 37.89 -14.19 7.18
N GLU A 581 36.68 -13.93 7.67
CA GLU A 581 35.86 -15.01 8.23
C GLU A 581 35.43 -16.01 7.17
N CYS A 582 35.38 -15.62 5.91
CA CYS A 582 35.13 -16.56 4.82
C CYS A 582 36.40 -17.08 4.17
N LEU A 583 37.54 -16.40 4.39
CA LEU A 583 38.83 -16.91 3.93
C LEU A 583 39.42 -17.94 4.88
N ILE A 584 38.91 -18.03 6.11
CA ILE A 584 39.36 -19.09 7.02
C ILE A 584 39.23 -20.48 6.42
N PRO A 585 38.09 -20.89 5.84
CA PRO A 585 37.98 -22.26 5.33
C PRO A 585 38.39 -22.46 3.88
N ILE A 586 38.81 -21.41 3.18
CA ILE A 586 39.13 -21.54 1.76
C ILE A 586 40.60 -21.84 1.50
N VAL A 587 41.45 -21.80 2.52
CA VAL A 587 42.89 -21.96 2.30
C VAL A 587 43.34 -23.32 2.81
N LYS A 588 42.40 -24.26 2.91
CA LYS A 588 42.68 -25.61 3.38
C LYS A 588 42.68 -26.61 2.22
N GLY A 589 43.19 -26.18 1.08
CA GLY A 589 43.41 -27.07 -0.05
C GLY A 589 42.21 -27.37 -0.91
N ALA A 590 41.23 -26.47 -0.94
CA ALA A 590 40.01 -26.71 -1.70
C ALA A 590 40.22 -26.37 -3.17
N LYS A 591 39.54 -27.13 -4.04
CA LYS A 591 39.52 -26.84 -5.47
C LYS A 591 38.18 -26.31 -5.97
N GLN A 592 37.09 -26.52 -5.23
CA GLN A 592 35.78 -26.03 -5.62
C GLN A 592 35.14 -25.33 -4.43
N VAL A 593 34.95 -24.02 -4.55
CA VAL A 593 34.31 -23.21 -3.51
C VAL A 593 33.02 -22.64 -4.09
N ILE A 594 31.93 -22.77 -3.34
CA ILE A 594 30.63 -22.23 -3.77
C ILE A 594 30.15 -21.29 -2.67
N LEU A 595 29.87 -20.05 -3.05
CA LEU A 595 29.51 -19.00 -2.10
C LEU A 595 28.05 -18.65 -2.27
N VAL A 596 27.28 -18.79 -1.18
CA VAL A 596 25.86 -18.43 -1.13
C VAL A 596 25.72 -17.20 -0.25
N GLY A 597 24.99 -16.21 -0.74
CA GLY A 597 24.73 -15.04 0.05
C GLY A 597 23.99 -13.99 -0.76
N ASP A 598 23.36 -13.07 -0.05
CA ASP A 598 22.65 -11.95 -0.64
C ASP A 598 23.23 -10.65 -0.10
N HIS A 599 23.51 -9.71 -0.99
CA HIS A 599 24.15 -8.45 -0.63
C HIS A 599 23.14 -7.31 -0.47
N GLN A 600 21.86 -7.63 -0.32
CA GLN A 600 20.82 -6.63 -0.05
C GLN A 600 20.22 -6.79 1.34
N GLN A 601 20.86 -7.56 2.21
CA GLN A 601 20.46 -7.69 3.60
C GLN A 601 21.63 -7.30 4.50
N LEU A 602 21.37 -7.26 5.80
CA LEU A 602 22.40 -6.84 6.75
C LEU A 602 23.60 -7.77 6.69
N GLY A 603 24.79 -7.19 6.76
CA GLY A 603 26.02 -7.95 6.68
C GLY A 603 26.82 -7.88 7.96
N PRO A 604 28.10 -7.54 7.83
CA PRO A 604 29.01 -7.57 8.99
C PRO A 604 28.90 -6.31 9.83
N VAL A 605 28.75 -6.49 11.14
CA VAL A 605 28.79 -5.38 12.09
C VAL A 605 30.21 -5.27 12.61
N ILE A 606 30.92 -4.24 12.18
CA ILE A 606 32.32 -4.02 12.55
C ILE A 606 32.35 -2.94 13.62
N LEU A 607 32.70 -3.32 14.86
CA LEU A 607 32.75 -2.35 15.95
C LEU A 607 33.81 -1.30 15.70
N GLU A 608 34.95 -1.70 15.17
CA GLU A 608 36.00 -0.74 14.83
C GLU A 608 35.51 0.20 13.73
N ARG A 609 35.72 1.50 13.92
CA ARG A 609 35.18 2.47 12.98
C ARG A 609 36.17 2.81 11.86
N LYS A 610 37.47 2.86 12.16
CA LYS A 610 38.45 2.97 11.09
C LYS A 610 38.48 1.72 10.21
N ALA A 611 38.29 0.54 10.80
CA ALA A 611 38.23 -0.67 9.99
C ALA A 611 37.02 -0.65 9.06
N ALA A 612 35.85 -0.25 9.59
CA ALA A 612 34.66 -0.18 8.75
C ALA A 612 34.80 0.89 7.67
N ASP A 613 35.49 1.99 7.98
CA ASP A 613 35.74 3.01 6.97
C ASP A 613 36.68 2.50 5.88
N ALA A 614 37.75 1.80 6.29
CA ALA A 614 38.73 1.31 5.33
C ALA A 614 38.19 0.17 4.47
N GLY A 615 37.19 -0.57 4.96
CA GLY A 615 36.56 -1.55 4.09
C GLY A 615 36.28 -2.90 4.71
N LEU A 616 36.49 -3.05 6.02
CA LEU A 616 36.25 -4.34 6.65
C LEU A 616 34.78 -4.75 6.56
N LYS A 617 33.87 -3.81 6.29
CA LYS A 617 32.46 -4.14 6.09
C LYS A 617 32.19 -4.78 4.74
N GLN A 618 33.17 -4.79 3.83
CA GLN A 618 33.00 -5.34 2.49
C GLN A 618 33.32 -6.83 2.53
N SER A 619 32.29 -7.66 2.42
CA SER A 619 32.47 -9.10 2.50
C SER A 619 33.06 -9.64 1.20
N LEU A 620 33.43 -10.93 1.23
CA LEU A 620 34.01 -11.56 0.05
C LEU A 620 32.99 -11.63 -1.09
N PHE A 621 31.72 -11.88 -0.77
CA PHE A 621 30.68 -11.90 -1.79
C PHE A 621 30.60 -10.57 -2.52
N GLU A 622 30.59 -9.48 -1.75
CA GLU A 622 30.52 -8.14 -2.35
C GLU A 622 31.74 -7.85 -3.19
N ARG A 623 32.93 -8.22 -2.71
CA ARG A 623 34.15 -7.99 -3.47
C ARG A 623 34.15 -8.76 -4.78
N LEU A 624 33.72 -10.02 -4.73
CA LEU A 624 33.67 -10.83 -5.95
C LEU A 624 32.66 -10.29 -6.95
N ILE A 625 31.49 -9.84 -6.47
CA ILE A 625 30.52 -9.23 -7.37
C ILE A 625 31.11 -7.96 -7.97
N SER A 626 31.79 -7.15 -7.17
CA SER A 626 32.44 -5.95 -7.68
C SER A 626 33.54 -6.29 -8.68
N LEU A 627 34.12 -7.49 -8.56
CA LEU A 627 35.18 -7.89 -9.49
C LEU A 627 34.64 -8.03 -10.91
N GLY A 628 33.42 -8.53 -11.05
CA GLY A 628 32.84 -8.74 -12.37
C GLY A 628 32.02 -10.02 -12.46
N HIS A 629 31.98 -10.77 -11.35
CA HIS A 629 31.20 -11.99 -11.32
C HIS A 629 29.70 -11.65 -11.29
N VAL A 630 28.96 -12.23 -12.21
CA VAL A 630 27.51 -12.02 -12.32
C VAL A 630 26.82 -13.21 -11.66
N PRO A 631 26.06 -13.00 -10.59
CA PRO A 631 25.44 -14.12 -9.88
C PRO A 631 24.22 -14.64 -10.62
N ILE A 632 23.67 -15.74 -10.11
CA ILE A 632 22.45 -16.34 -10.63
C ILE A 632 21.37 -16.11 -9.61
N ARG A 633 20.36 -15.32 -9.98
CA ARG A 633 19.32 -14.91 -9.05
C ARG A 633 18.09 -15.81 -9.20
N LEU A 634 17.44 -16.09 -8.07
CA LEU A 634 16.17 -16.81 -8.06
C LEU A 634 15.05 -15.78 -8.00
N GLU A 635 14.18 -15.78 -9.01
CA GLU A 635 13.30 -14.66 -9.29
C GLU A 635 11.88 -14.89 -8.80
N VAL A 636 11.68 -15.81 -7.87
CA VAL A 636 10.35 -16.10 -7.33
C VAL A 636 10.42 -16.09 -5.81
N GLN A 637 9.35 -15.61 -5.18
CA GLN A 637 9.25 -15.54 -3.73
C GLN A 637 7.99 -16.26 -3.26
N TYR A 638 8.06 -16.87 -2.08
CA TYR A 638 7.01 -17.74 -1.58
C TYR A 638 6.46 -17.29 -0.22
N ARG A 639 6.73 -16.05 0.20
CA ARG A 639 6.43 -15.65 1.57
C ARG A 639 5.37 -14.57 1.68
N MET A 640 5.56 -13.43 1.03
CA MET A 640 4.79 -12.24 1.36
C MET A 640 3.86 -11.82 0.22
N ASN A 641 2.80 -11.13 0.60
CA ASN A 641 1.71 -10.81 -0.32
C ASN A 641 2.20 -9.93 -1.46
N PRO A 642 1.62 -10.07 -2.66
CA PRO A 642 2.06 -9.23 -3.79
C PRO A 642 1.95 -7.73 -3.52
N TYR A 643 0.90 -7.28 -2.83
CA TYR A 643 0.85 -5.88 -2.42
C TYR A 643 2.00 -5.56 -1.48
N LEU A 644 2.30 -6.46 -0.55
CA LEU A 644 3.47 -6.30 0.31
C LEU A 644 4.77 -6.43 -0.46
N SER A 645 4.72 -7.00 -1.67
CA SER A 645 5.93 -7.31 -2.43
C SER A 645 6.26 -6.29 -3.50
N GLU A 646 5.30 -5.45 -3.89
CA GLU A 646 5.49 -4.61 -5.08
C GLU A 646 6.61 -3.59 -4.89
N PHE A 647 6.72 -3.00 -3.69
CA PHE A 647 7.73 -1.94 -3.50
C PHE A 647 9.14 -2.51 -3.45
N PRO A 648 9.50 -3.39 -2.49
CA PRO A 648 10.91 -3.79 -2.40
C PRO A 648 11.45 -4.40 -3.67
N SER A 649 10.63 -5.18 -4.38
CA SER A 649 11.06 -5.74 -5.65
C SER A 649 11.34 -4.63 -6.66
N ASN A 650 10.48 -3.63 -6.72
CA ASN A 650 10.65 -2.55 -7.68
C ASN A 650 11.90 -1.73 -7.38
N MET A 651 12.16 -1.46 -6.10
CA MET A 651 13.22 -0.52 -5.74
C MET A 651 14.58 -1.19 -5.64
N PHE A 652 14.67 -2.32 -4.95
CA PHE A 652 15.96 -2.97 -4.70
C PHE A 652 16.29 -4.05 -5.72
N TYR A 653 15.29 -4.67 -6.35
CA TYR A 653 15.50 -5.77 -7.27
C TYR A 653 15.21 -5.40 -8.71
N GLU A 654 15.08 -4.10 -9.00
CA GLU A 654 14.76 -3.60 -10.34
C GLU A 654 13.40 -4.08 -10.84
N GLY A 655 12.56 -4.58 -9.93
CA GLY A 655 11.24 -5.06 -10.31
C GLY A 655 11.21 -6.44 -10.91
N SER A 656 12.36 -7.13 -11.02
CA SER A 656 12.39 -8.42 -11.69
C SER A 656 11.85 -9.55 -10.84
N LEU A 657 11.75 -9.38 -9.52
CA LEU A 657 11.24 -10.44 -8.66
C LEU A 657 9.77 -10.69 -8.96
N GLN A 658 9.38 -11.97 -8.95
CA GLN A 658 8.03 -12.39 -9.25
C GLN A 658 7.43 -13.13 -8.06
N ASN A 659 6.10 -13.15 -8.01
CA ASN A 659 5.37 -13.70 -6.88
C ASN A 659 4.98 -15.15 -7.18
N GLY A 660 5.43 -16.06 -6.34
CA GLY A 660 5.07 -17.46 -6.40
C GLY A 660 3.82 -17.81 -5.63
N VAL A 661 3.16 -16.82 -5.02
CA VAL A 661 1.92 -17.04 -4.28
C VAL A 661 0.89 -16.04 -4.78
N THR A 662 -0.38 -16.40 -4.62
CA THR A 662 -1.48 -15.61 -5.11
C THR A 662 -2.04 -14.71 -4.00
N ILE A 663 -2.88 -13.77 -4.41
CA ILE A 663 -3.45 -12.81 -3.46
C ILE A 663 -4.35 -13.52 -2.45
N GLU A 664 -5.13 -14.50 -2.92
CA GLU A 664 -6.03 -15.21 -2.02
C GLU A 664 -5.25 -15.97 -0.95
N GLN A 665 -4.11 -16.55 -1.33
CA GLN A 665 -3.31 -17.33 -0.36
C GLN A 665 -2.82 -16.44 0.77
N ARG A 666 -2.44 -15.20 0.48
CA ARG A 666 -1.99 -14.25 1.49
C ARG A 666 -3.12 -13.31 1.93
N THR A 667 -4.36 -13.80 1.90
CA THR A 667 -5.52 -13.02 2.35
C THR A 667 -6.26 -13.82 3.42
N VAL A 668 -6.50 -13.19 4.55
CA VAL A 668 -7.23 -13.80 5.65
C VAL A 668 -8.71 -13.45 5.50
N PRO A 669 -9.60 -14.43 5.37
CA PRO A 669 -11.02 -14.12 5.18
C PRO A 669 -11.65 -13.56 6.44
N ASN A 670 -12.78 -12.87 6.25
CA ASN A 670 -13.55 -12.20 7.30
C ASN A 670 -12.64 -11.52 8.33
N SER A 671 -11.75 -10.66 7.82
CA SER A 671 -10.87 -9.87 8.66
C SER A 671 -11.55 -8.55 9.01
N LYS A 672 -11.67 -8.27 10.31
CA LYS A 672 -12.34 -7.08 10.80
C LYS A 672 -11.38 -5.94 11.11
N PHE A 673 -10.16 -5.99 10.58
CA PHE A 673 -9.19 -4.94 10.83
C PHE A 673 -9.43 -3.78 9.87
N PRO A 674 -9.64 -2.57 10.36
CA PRO A 674 -9.99 -1.46 9.45
C PRO A 674 -8.82 -0.97 8.61
N TRP A 675 -8.46 -1.74 7.58
CA TRP A 675 -7.46 -1.26 6.64
C TRP A 675 -8.03 -0.10 5.82
N PRO A 676 -7.19 0.85 5.43
CA PRO A 676 -7.72 2.01 4.66
C PRO A 676 -8.41 1.61 3.37
N ILE A 677 -7.88 0.61 2.68
CA ILE A 677 -8.52 0.03 1.50
C ILE A 677 -8.77 -1.43 1.81
N ARG A 678 -10.03 -1.87 1.69
CA ARG A 678 -10.35 -3.26 1.92
C ARG A 678 -9.66 -4.13 0.87
N GLY A 679 -8.88 -5.10 1.34
CA GLY A 679 -8.12 -5.96 0.47
C GLY A 679 -6.64 -5.64 0.39
N ILE A 680 -6.21 -4.54 1.00
CA ILE A 680 -4.81 -4.13 0.98
C ILE A 680 -4.32 -4.04 2.43
N PRO A 681 -3.75 -5.13 2.97
CA PRO A 681 -3.13 -5.15 4.30
C PRO A 681 -1.89 -4.28 4.50
N MET A 682 -2.00 -3.00 4.16
CA MET A 682 -0.90 -2.08 4.45
C MET A 682 -1.39 -0.65 4.62
N MET A 683 -0.92 -0.02 5.70
CA MET A 683 -1.35 1.32 6.08
C MET A 683 -0.19 2.04 6.75
N PHE A 684 -0.28 3.37 6.77
CA PHE A 684 0.74 4.23 7.37
C PHE A 684 0.04 5.13 8.39
N TRP A 685 0.08 4.74 9.66
CA TRP A 685 -0.57 5.50 10.73
C TRP A 685 0.42 6.54 11.24
N ALA A 686 0.20 7.80 10.86
CA ALA A 686 1.13 8.87 11.21
C ALA A 686 0.94 9.32 12.64
N ASN A 687 2.05 9.57 13.33
CA ASN A 687 2.05 10.06 14.69
C ASN A 687 3.01 11.22 14.83
N TYR A 688 2.58 12.27 15.53
CA TYR A 688 3.34 13.52 15.65
C TYR A 688 3.95 13.68 17.04
N GLY A 689 4.45 12.59 17.60
CA GLY A 689 5.12 12.65 18.88
C GLY A 689 6.53 13.22 18.75
N ARG A 690 7.25 13.17 19.87
CA ARG A 690 8.64 13.62 19.92
C ARG A 690 9.50 12.54 20.56
N GLU A 691 10.65 12.27 19.94
CA GLU A 691 11.55 11.23 20.42
C GLU A 691 12.32 11.70 21.64
N GLU A 692 12.73 10.74 22.46
CA GLU A 692 13.42 11.02 23.72
C GLU A 692 14.73 10.25 23.80
N ILE A 693 15.35 10.22 24.98
CA ILE A 693 16.56 9.45 25.22
C ILE A 693 16.28 8.45 26.34
N SER A 694 16.62 7.19 26.10
CA SER A 694 16.37 6.12 27.07
C SER A 694 17.44 6.15 28.16
N ALA A 695 17.39 5.18 29.06
CA ALA A 695 18.33 5.13 30.18
C ALA A 695 19.76 4.81 29.74
N ASN A 696 19.95 4.36 28.51
CA ASN A 696 21.29 4.03 28.04
C ASN A 696 22.15 5.30 27.91
N GLY A 697 21.62 6.31 27.25
CA GLY A 697 22.36 7.53 26.98
C GLY A 697 22.63 7.79 25.51
N THR A 698 22.39 6.81 24.63
CA THR A 698 22.58 7.00 23.20
C THR A 698 21.38 6.55 22.38
N SER A 699 20.47 5.77 22.94
CA SER A 699 19.32 5.25 22.21
C SER A 699 18.23 6.31 22.14
N PHE A 700 17.04 5.89 21.69
CA PHE A 700 15.88 6.77 21.60
C PHE A 700 14.63 5.96 21.90
N LEU A 701 13.56 6.66 22.27
CA LEU A 701 12.30 5.99 22.52
C LEU A 701 11.17 7.00 22.30
N ASN A 702 9.97 6.46 22.10
CA ASN A 702 8.79 7.28 21.85
C ASN A 702 7.59 6.62 22.52
N ARG A 703 6.90 7.38 23.37
CA ARG A 703 5.77 6.83 24.12
C ARG A 703 4.50 6.79 23.28
N ILE A 704 4.29 7.79 22.42
CA ILE A 704 3.11 7.83 21.57
C ILE A 704 3.08 6.62 20.64
N GLU A 705 4.22 6.31 20.03
CA GLU A 705 4.30 5.11 19.19
C GLU A 705 4.07 3.86 20.01
N ALA A 706 4.48 3.84 21.27
CA ALA A 706 4.24 2.68 22.12
C ALA A 706 2.76 2.47 22.39
N MET A 707 2.05 3.53 22.77
CA MET A 707 0.61 3.38 23.01
C MET A 707 -0.12 3.01 21.72
N ASN A 708 0.27 3.61 20.59
CA ASN A 708 -0.38 3.27 19.33
C ASN A 708 -0.13 1.82 18.94
N CYS A 709 1.10 1.33 19.14
CA CYS A 709 1.40 -0.05 18.82
C CYS A 709 0.64 -1.01 19.74
N GLU A 710 0.51 -0.65 21.01
CA GLU A 710 -0.31 -1.47 21.91
C GLU A 710 -1.76 -1.49 21.47
N ARG A 711 -2.28 -0.34 21.02
CA ARG A 711 -3.64 -0.30 20.49
C ARG A 711 -3.79 -1.20 19.28
N ILE A 712 -2.81 -1.17 18.37
CA ILE A 712 -2.87 -2.04 17.18
C ILE A 712 -2.79 -3.50 17.60
N ILE A 713 -1.99 -3.82 18.61
CA ILE A 713 -1.87 -5.19 19.10
C ILE A 713 -3.21 -5.67 19.61
N THR A 714 -3.87 -4.85 20.43
CA THR A 714 -5.19 -5.22 20.95
C THR A 714 -6.19 -5.37 19.82
N LYS A 715 -6.17 -4.45 18.84
CA LYS A 715 -7.10 -4.52 17.73
C LYS A 715 -6.92 -5.80 16.93
N LEU A 716 -5.67 -6.17 16.65
CA LEU A 716 -5.41 -7.41 15.94
C LEU A 716 -5.79 -8.63 16.77
N PHE A 717 -5.70 -8.52 18.10
CA PHE A 717 -6.11 -9.64 18.94
C PHE A 717 -7.61 -9.85 18.85
N ARG A 718 -8.40 -8.75 18.87
CA ARG A 718 -9.84 -8.90 18.71
C ARG A 718 -10.22 -9.38 17.32
N ASP A 719 -9.28 -9.34 16.37
CA ASP A 719 -9.48 -9.93 15.05
C ASP A 719 -9.26 -11.44 15.05
N GLY A 720 -8.75 -12.00 16.15
CA GLY A 720 -8.57 -13.44 16.27
C GLY A 720 -7.17 -13.94 16.04
N VAL A 721 -6.21 -13.05 15.72
CA VAL A 721 -4.86 -13.49 15.43
C VAL A 721 -4.14 -13.87 16.72
N LYS A 722 -3.48 -15.03 16.69
CA LYS A 722 -2.75 -15.49 17.86
C LYS A 722 -1.47 -14.66 18.07
N PRO A 723 -0.98 -14.56 19.31
CA PRO A 723 0.24 -13.77 19.56
C PRO A 723 1.45 -14.28 18.80
N GLU A 724 1.54 -15.58 18.53
CA GLU A 724 2.70 -16.10 17.80
C GLU A 724 2.76 -15.62 16.36
N GLN A 725 1.64 -15.15 15.80
CA GLN A 725 1.62 -14.64 14.45
C GLN A 725 1.94 -13.16 14.35
N ILE A 726 2.14 -12.47 15.47
CA ILE A 726 2.35 -11.03 15.50
C ILE A 726 3.63 -10.74 16.28
N GLY A 727 4.49 -9.91 15.68
CA GLY A 727 5.69 -9.46 16.35
C GLY A 727 5.89 -7.98 16.13
N VAL A 728 6.74 -7.39 16.99
CA VAL A 728 7.04 -5.96 16.96
C VAL A 728 8.55 -5.81 16.77
N ILE A 729 8.93 -4.93 15.85
CA ILE A 729 10.34 -4.67 15.55
C ILE A 729 10.61 -3.17 15.70
N THR A 730 11.72 -2.84 16.36
CA THR A 730 12.10 -1.46 16.61
C THR A 730 13.56 -1.27 16.21
N PRO A 731 13.86 -0.30 15.33
CA PRO A 731 15.28 -0.09 14.95
C PRO A 731 16.18 0.37 16.08
N TYR A 732 15.65 0.88 17.18
CA TYR A 732 16.44 1.32 18.32
C TYR A 732 16.17 0.44 19.54
N GLU A 733 17.23 0.18 20.31
CA GLU A 733 17.16 -0.79 21.40
C GLU A 733 16.34 -0.26 22.56
N GLY A 734 16.60 0.98 22.99
CA GLY A 734 15.85 1.54 24.09
C GLY A 734 14.36 1.63 23.81
N GLN A 735 14.01 1.89 22.56
CA GLN A 735 12.61 1.83 22.16
C GLN A 735 12.04 0.44 22.36
N ARG A 736 12.81 -0.59 22.02
CA ARG A 736 12.37 -1.97 22.24
C ARG A 736 12.12 -2.21 23.71
N ALA A 737 13.04 -1.75 24.56
CA ALA A 737 12.89 -1.95 26.00
C ALA A 737 11.63 -1.26 26.51
N TYR A 738 11.46 0.01 26.15
CA TYR A 738 10.28 0.76 26.57
C TYR A 738 9.00 0.08 26.10
N ILE A 739 9.00 -0.40 24.86
CA ILE A 739 7.84 -1.14 24.36
C ILE A 739 7.59 -2.37 25.22
N LEU A 740 8.66 -3.05 25.62
CA LEU A 740 8.49 -4.27 26.41
C LEU A 740 7.81 -3.99 27.74
N GLN A 741 8.34 -3.02 28.51
CA GLN A 741 7.68 -2.77 29.80
C GLN A 741 6.33 -2.08 29.63
N TYR A 742 6.15 -1.28 28.58
CA TYR A 742 4.86 -0.64 28.38
C TYR A 742 3.79 -1.67 28.06
N MET A 743 4.13 -2.67 27.25
CA MET A 743 3.20 -3.78 27.01
C MET A 743 2.94 -4.55 28.29
N GLN A 744 3.99 -4.83 29.07
CA GLN A 744 3.78 -5.63 30.27
C GLN A 744 3.07 -4.86 31.39
N MET A 745 2.95 -3.54 31.28
CA MET A 745 2.24 -2.75 32.28
C MET A 745 0.82 -2.37 31.82
N ASN A 746 0.69 -1.73 30.66
CA ASN A 746 -0.56 -1.11 30.24
C ASN A 746 -1.37 -2.03 29.32
N GLY A 747 -1.21 -3.34 29.46
CA GLY A 747 -1.97 -4.27 28.66
C GLY A 747 -3.46 -4.20 28.92
N SER A 748 -4.24 -3.80 27.90
CA SER A 748 -5.68 -3.65 28.09
C SER A 748 -6.34 -4.98 28.41
N LEU A 749 -6.00 -6.02 27.65
CA LEU A 749 -6.45 -7.37 27.97
C LEU A 749 -5.43 -8.04 28.89
N ASP A 750 -5.53 -9.36 29.05
CA ASP A 750 -4.63 -10.07 29.94
C ASP A 750 -3.18 -9.86 29.52
N LYS A 751 -2.31 -9.59 30.50
CA LYS A 751 -0.93 -9.25 30.21
C LYS A 751 -0.15 -10.40 29.61
N ASP A 752 -0.56 -11.64 29.90
CA ASP A 752 0.12 -12.79 29.30
C ASP A 752 0.00 -12.77 27.78
N LEU A 753 -1.20 -12.47 27.29
CA LEU A 753 -1.45 -12.43 25.86
C LEU A 753 -0.60 -11.40 25.14
N TYR A 754 -0.06 -10.43 25.89
CA TYR A 754 0.91 -9.49 25.36
C TYR A 754 2.36 -9.95 25.55
N ILE A 755 2.69 -10.56 26.69
CA ILE A 755 4.08 -10.95 26.91
C ILE A 755 4.48 -12.09 26.00
N LYS A 756 3.53 -12.91 25.53
CA LYS A 756 3.91 -13.94 24.55
C LYS A 756 4.38 -13.34 23.23
N VAL A 757 4.08 -12.07 22.96
CA VAL A 757 4.52 -11.45 21.72
C VAL A 757 6.02 -11.23 21.76
N GLU A 758 6.71 -11.62 20.70
CA GLU A 758 8.14 -11.46 20.59
C GLU A 758 8.48 -10.08 20.03
N VAL A 759 9.33 -9.34 20.74
CA VAL A 759 9.76 -8.02 20.31
C VAL A 759 11.29 -8.01 20.28
N ALA A 760 11.84 -7.52 19.17
CA ALA A 760 13.29 -7.44 19.02
C ALA A 760 13.60 -6.41 17.95
N SER A 761 14.88 -6.07 17.83
CA SER A 761 15.30 -5.04 16.90
C SER A 761 15.30 -5.58 15.47
N VAL A 762 15.52 -4.66 14.52
CA VAL A 762 15.58 -5.05 13.12
C VAL A 762 16.74 -5.99 12.87
N ASP A 763 17.91 -5.68 13.42
CA ASP A 763 19.09 -6.49 13.18
C ASP A 763 19.00 -7.85 13.85
N ALA A 764 18.33 -7.94 14.99
CA ALA A 764 18.13 -9.20 15.67
C ALA A 764 16.97 -10.01 15.11
N PHE A 765 16.25 -9.46 14.14
CA PHE A 765 15.14 -10.12 13.47
C PHE A 765 15.43 -10.32 11.99
N GLN A 766 16.69 -10.63 11.67
CA GLN A 766 17.09 -10.90 10.30
C GLN A 766 17.05 -12.39 10.04
N GLY A 767 16.52 -12.76 8.87
CA GLY A 767 16.40 -14.16 8.51
C GLY A 767 15.17 -14.86 9.03
N ARG A 768 14.27 -14.14 9.69
CA ARG A 768 13.03 -14.70 10.21
C ARG A 768 11.84 -13.97 9.61
N GLU A 769 10.67 -14.56 9.78
CA GLU A 769 9.44 -14.02 9.21
C GLU A 769 8.30 -14.19 10.20
N LYS A 770 7.27 -13.38 10.02
CA LYS A 770 6.08 -13.46 10.86
C LYS A 770 4.87 -13.12 10.01
N ASP A 771 3.69 -13.54 10.49
CA ASP A 771 2.45 -13.24 9.79
C ASP A 771 2.19 -11.75 9.76
N TYR A 772 2.41 -11.08 10.89
CA TYR A 772 2.19 -9.64 11.01
C TYR A 772 3.38 -9.02 11.72
N ILE A 773 3.87 -7.90 11.19
CA ILE A 773 5.03 -7.20 11.74
C ILE A 773 4.74 -5.70 11.70
N ILE A 774 5.05 -5.02 12.80
CA ILE A 774 4.78 -3.59 12.94
C ILE A 774 6.12 -2.85 12.91
N LEU A 775 6.24 -1.89 12.00
CA LEU A 775 7.45 -1.09 11.85
C LEU A 775 7.26 0.26 12.52
N SER A 776 8.25 0.67 13.31
CA SER A 776 8.20 1.91 14.07
C SER A 776 9.37 2.80 13.68
N CYS A 777 9.09 3.96 13.12
CA CYS A 777 10.13 4.88 12.70
C CYS A 777 10.75 5.67 13.84
N VAL A 778 10.03 5.83 14.95
CA VAL A 778 10.56 6.44 16.19
C VAL A 778 11.00 7.88 15.98
N ARG A 779 11.95 8.09 15.07
CA ARG A 779 12.60 9.39 14.92
C ARG A 779 11.57 10.48 14.62
N ALA A 780 11.50 11.47 15.52
CA ALA A 780 10.60 12.61 15.36
C ALA A 780 11.26 13.81 16.05
N ASN A 781 12.01 14.58 15.28
CA ASN A 781 12.76 15.72 15.81
C ASN A 781 12.56 16.93 14.90
N GLU A 782 12.79 18.10 15.49
CA GLU A 782 12.57 19.35 14.77
C GLU A 782 13.59 19.55 13.65
N GLN A 783 14.83 19.11 13.85
CA GLN A 783 15.86 19.29 12.83
C GLN A 783 15.68 18.35 11.64
N GLN A 784 14.73 17.42 11.69
CA GLN A 784 14.51 16.43 10.63
C GLN A 784 15.76 15.59 10.40
N ALA A 785 16.43 15.20 11.49
CA ALA A 785 17.57 14.31 11.44
C ALA A 785 17.13 12.91 11.83
N ILE A 786 17.38 11.94 10.94
CA ILE A 786 16.90 10.58 11.15
C ILE A 786 17.99 9.72 11.76
N GLY A 787 19.24 9.93 11.35
CA GLY A 787 20.34 9.19 11.91
C GLY A 787 20.88 8.07 11.06
N PHE A 788 20.85 6.83 11.57
CA PHE A 788 21.45 5.69 10.91
C PHE A 788 20.51 4.96 9.98
N LEU A 789 19.24 5.39 9.88
CA LEU A 789 18.30 4.78 8.96
C LEU A 789 18.44 5.31 7.53
N ARG A 790 19.54 6.00 7.22
CA ARG A 790 19.76 6.48 5.86
C ARG A 790 20.10 5.36 4.89
N ASP A 791 20.59 4.23 5.38
CA ASP A 791 20.97 3.17 4.48
C ASP A 791 19.73 2.41 4.01
N PRO A 792 19.59 2.16 2.72
CA PRO A 792 18.42 1.39 2.25
C PRO A 792 18.40 -0.05 2.72
N ARG A 793 19.55 -0.59 3.13
CA ARG A 793 19.61 -1.99 3.55
C ARG A 793 18.74 -2.24 4.77
N ARG A 794 18.77 -1.32 5.74
CA ARG A 794 17.98 -1.49 6.94
C ARG A 794 16.48 -1.46 6.64
N LEU A 795 16.06 -0.57 5.73
CA LEU A 795 14.65 -0.55 5.34
C LEU A 795 14.29 -1.85 4.62
N ASN A 796 15.19 -2.35 3.76
CA ASN A 796 14.92 -3.57 3.02
C ASN A 796 14.71 -4.76 3.94
N VAL A 797 15.60 -4.93 4.92
CA VAL A 797 15.49 -6.10 5.80
C VAL A 797 14.25 -6.02 6.68
N GLY A 798 13.70 -4.84 6.89
CA GLY A 798 12.57 -4.68 7.79
C GLY A 798 11.22 -5.03 7.21
N LEU A 799 10.94 -4.59 5.98
CA LEU A 799 9.61 -4.79 5.41
C LEU A 799 9.28 -6.26 5.22
N THR A 800 10.23 -7.04 4.71
CA THR A 800 9.99 -8.43 4.33
C THR A 800 9.75 -9.34 5.51
N ARG A 801 9.66 -8.84 6.75
CA ARG A 801 9.43 -9.72 7.88
C ARG A 801 7.97 -10.19 7.93
N ALA A 802 7.05 -9.39 7.39
CA ALA A 802 5.63 -9.65 7.52
C ALA A 802 5.11 -10.45 6.33
N LYS A 803 4.27 -11.45 6.62
CA LYS A 803 3.68 -12.27 5.58
C LYS A 803 2.35 -11.70 5.07
N TYR A 804 1.41 -11.43 5.97
CA TYR A 804 0.08 -10.97 5.58
C TYR A 804 -0.06 -9.45 5.65
N GLY A 805 0.13 -8.87 6.83
CA GLY A 805 -0.14 -7.46 7.03
C GLY A 805 1.06 -6.69 7.56
N LEU A 806 1.19 -5.45 7.08
CA LEU A 806 2.28 -4.56 7.48
C LEU A 806 1.70 -3.26 7.99
N VAL A 807 2.15 -2.83 9.18
CA VAL A 807 1.73 -1.57 9.79
C VAL A 807 2.98 -0.75 10.07
N ILE A 808 2.98 0.49 9.58
CA ILE A 808 4.09 1.42 9.78
C ILE A 808 3.62 2.62 10.59
N LEU A 809 4.38 2.96 11.62
CA LEU A 809 4.11 4.11 12.47
C LEU A 809 5.27 5.11 12.38
N GLY A 810 5.03 6.32 12.84
CA GLY A 810 6.05 7.35 12.89
C GLY A 810 5.55 8.68 12.37
N ASN A 811 6.47 9.63 12.30
CA ASN A 811 6.17 10.99 11.86
C ASN A 811 6.56 11.13 10.40
N PRO A 812 5.61 11.34 9.49
CA PRO A 812 5.97 11.44 8.06
C PRO A 812 6.76 12.69 7.71
N ARG A 813 6.70 13.74 8.54
CA ARG A 813 7.36 14.99 8.16
C ARG A 813 8.88 14.87 8.27
N SER A 814 9.37 14.26 9.34
CA SER A 814 10.82 14.07 9.48
C SER A 814 11.37 13.18 8.38
N LEU A 815 10.66 12.09 8.07
CA LEU A 815 11.13 11.15 7.06
C LEU A 815 11.03 11.71 5.64
N ALA A 816 10.28 12.80 5.45
CA ALA A 816 10.03 13.30 4.10
C ALA A 816 11.29 13.79 3.42
N ARG A 817 12.30 14.21 4.19
CA ARG A 817 13.51 14.73 3.58
C ARG A 817 14.29 13.65 2.86
N ASN A 818 14.35 12.45 3.45
CA ASN A 818 15.11 11.36 2.84
C ASN A 818 14.43 10.87 1.56
N THR A 819 15.21 10.76 0.48
CA THR A 819 14.65 10.41 -0.81
C THR A 819 14.05 9.01 -0.81
N LEU A 820 14.72 8.06 -0.15
CA LEU A 820 14.19 6.70 -0.06
C LEU A 820 12.87 6.68 0.70
N TRP A 821 12.84 7.30 1.88
CA TRP A 821 11.58 7.41 2.61
C TRP A 821 10.59 8.28 1.87
N ASN A 822 11.06 9.22 1.04
CA ASN A 822 10.17 10.01 0.21
C ASN A 822 9.43 9.13 -0.79
N HIS A 823 10.15 8.20 -1.42
CA HIS A 823 9.50 7.29 -2.36
C HIS A 823 8.61 6.29 -1.65
N LEU A 824 8.99 5.85 -0.45
CA LEU A 824 8.07 5.04 0.35
C LEU A 824 6.78 5.80 0.64
N LEU A 825 6.90 7.08 0.98
CA LEU A 825 5.71 7.90 1.22
C LEU A 825 4.88 8.03 -0.04
N ILE A 826 5.52 8.22 -1.19
CA ILE A 826 4.81 8.33 -2.46
C ILE A 826 4.01 7.06 -2.73
N HIS A 827 4.66 5.91 -2.59
CA HIS A 827 3.99 4.64 -2.86
C HIS A 827 2.85 4.38 -1.87
N PHE A 828 3.05 4.75 -0.61
CA PHE A 828 1.97 4.55 0.37
C PHE A 828 0.79 5.49 0.09
N ARG A 829 1.07 6.72 -0.31
CA ARG A 829 -0.01 7.68 -0.54
C ARG A 829 -0.79 7.34 -1.79
N GLU A 830 -0.10 7.01 -2.88
CA GLU A 830 -0.76 6.80 -4.16
C GLU A 830 -1.70 5.60 -4.14
N LYS A 831 -1.51 4.67 -3.21
CA LYS A 831 -2.37 3.50 -3.08
C LYS A 831 -3.49 3.71 -2.07
N GLY A 832 -3.69 4.94 -1.61
CA GLY A 832 -4.75 5.22 -0.65
C GLY A 832 -4.55 4.61 0.71
N CYS A 833 -3.30 4.59 1.19
CA CYS A 833 -2.99 4.04 2.50
C CYS A 833 -2.41 5.06 3.46
N LEU A 834 -2.02 6.24 3.00
CA LEU A 834 -1.47 7.28 3.86
C LEU A 834 -2.61 7.91 4.64
N VAL A 835 -2.74 7.53 5.91
CA VAL A 835 -3.85 7.97 6.75
C VAL A 835 -3.32 8.72 7.96
N GLU A 836 -4.22 9.18 8.82
CA GLU A 836 -3.86 9.81 10.08
C GLU A 836 -5.03 9.64 11.05
N GLY A 837 -4.81 10.05 12.29
CA GLY A 837 -5.85 9.98 13.29
C GLY A 837 -5.97 8.61 13.94
N THR A 838 -7.05 8.45 14.69
CA THR A 838 -7.29 7.22 15.44
C THR A 838 -7.54 6.06 14.49
N LEU A 839 -7.05 4.87 14.86
CA LEU A 839 -7.21 3.69 14.01
C LEU A 839 -8.68 3.37 13.75
N ASP A 840 -9.54 3.59 14.73
CA ASP A 840 -10.97 3.34 14.53
C ASP A 840 -11.56 4.33 13.53
N ASN A 841 -11.10 5.57 13.57
CA ASN A 841 -11.63 6.64 12.73
C ASN A 841 -10.51 7.21 11.85
N LEU A 842 -9.83 6.35 11.11
CA LEU A 842 -8.76 6.80 10.24
C LEU A 842 -9.29 7.65 9.08
N GLN A 843 -8.79 8.88 8.97
CA GLN A 843 -8.83 9.66 7.73
C GLN A 843 -7.44 9.82 7.14
N LEU A 844 -7.43 10.14 5.86
CA LEU A 844 -6.19 10.34 5.12
C LEU A 844 -5.41 11.53 5.65
N CYS A 845 -4.08 11.42 5.60
CA CYS A 845 -3.18 12.49 5.98
C CYS A 845 -2.75 13.24 4.72
N THR A 846 -2.79 14.57 4.79
CA THR A 846 -2.56 15.42 3.62
C THR A 846 -1.27 16.25 3.73
N VAL A 847 -0.27 15.73 4.43
CA VAL A 847 1.00 16.44 4.52
C VAL A 847 1.66 16.50 3.15
N GLN A 848 2.27 17.64 2.83
CA GLN A 848 2.97 17.81 1.56
C GLN A 848 4.21 16.95 1.55
N LEU A 849 4.23 15.94 0.69
CA LEU A 849 5.35 15.00 0.61
C LEU A 849 6.35 15.38 -0.47
N VAL A 850 5.89 15.97 -1.58
CA VAL A 850 6.80 16.42 -2.63
C VAL A 850 7.29 17.82 -2.29
N ARG A 851 8.60 17.99 -2.28
CA ARG A 851 9.17 19.30 -1.99
C ARG A 851 8.95 20.24 -3.16
N PRO A 852 8.40 21.43 -2.95
CA PRO A 852 8.17 22.37 -4.06
C PRO A 852 9.51 22.89 -4.60
N GLN A 853 9.80 22.54 -5.85
CA GLN A 853 11.05 22.96 -6.48
C GLN A 853 11.10 24.47 -6.68
N PRO B 12 -25.53 9.74 5.93
CA PRO B 12 -24.89 11.06 5.92
C PRO B 12 -24.12 11.35 7.20
N THR B 13 -24.54 10.74 8.31
CA THR B 13 -23.85 10.95 9.58
C THR B 13 -22.43 10.44 9.53
N ALA B 14 -22.15 9.45 8.68
CA ALA B 14 -20.80 8.95 8.49
C ALA B 14 -20.11 9.53 7.28
N PHE B 15 -20.86 9.97 6.27
CA PHE B 15 -20.31 10.49 5.03
C PHE B 15 -20.06 11.99 5.08
N ASN B 16 -20.45 12.67 6.15
CA ASN B 16 -20.33 14.13 6.19
C ASN B 16 -18.87 14.57 6.24
N GLY B 17 -18.03 13.86 7.01
CA GLY B 17 -16.65 14.26 7.14
C GLY B 17 -15.89 14.23 5.83
N ILE B 18 -16.11 13.18 5.03
CA ILE B 18 -15.43 13.06 3.75
C ILE B 18 -15.93 14.12 2.78
N LYS B 19 -17.23 14.46 2.84
CA LYS B 19 -17.72 15.59 2.06
C LYS B 19 -16.93 16.85 2.41
N SER B 20 -16.77 17.11 3.71
CA SER B 20 -15.93 18.22 4.14
C SER B 20 -14.45 17.95 3.86
N GLN B 21 -14.02 16.70 3.96
CA GLN B 21 -12.62 16.37 3.63
C GLN B 21 -12.33 16.65 2.16
N LEU B 22 -13.25 16.27 1.27
CA LEU B 22 -13.12 16.64 -0.13
C LEU B 22 -13.12 18.15 -0.30
N ASN B 23 -14.01 18.84 0.43
CA ASN B 23 -14.11 20.28 0.33
C ASN B 23 -12.79 20.96 0.67
N SER B 24 -12.13 20.48 1.73
CA SER B 24 -10.85 21.04 2.12
C SER B 24 -9.81 20.88 1.01
N ILE B 25 -9.80 19.72 0.35
CA ILE B 25 -8.78 19.44 -0.65
C ILE B 25 -8.88 20.40 -1.83
N LEU B 26 -10.11 20.66 -2.30
CA LEU B 26 -10.31 21.67 -3.34
C LEU B 26 -9.86 23.04 -2.85
N LYS B 27 -10.24 23.40 -1.62
CA LYS B 27 -9.84 24.70 -1.08
C LYS B 27 -8.34 24.74 -0.84
N SER B 28 -7.75 23.61 -0.42
CA SER B 28 -6.31 23.56 -0.19
C SER B 28 -5.53 23.76 -1.49
N ASN B 29 -6.12 23.40 -2.63
CA ASN B 29 -5.47 23.46 -3.94
C ASN B 29 -4.20 22.60 -4.01
N GLN B 30 -4.12 21.56 -3.17
CA GLN B 30 -2.97 20.69 -3.20
C GLN B 30 -2.94 19.77 -4.41
N LEU B 31 -4.09 19.54 -5.05
CA LEU B 31 -4.16 18.65 -6.20
C LEU B 31 -3.44 19.19 -7.42
N PHE B 32 -3.11 20.48 -7.45
CA PHE B 32 -2.35 21.03 -8.57
C PHE B 32 -0.96 20.40 -8.64
N GLN B 33 -0.39 20.02 -7.50
CA GLN B 33 0.92 19.38 -7.44
C GLN B 33 0.82 17.86 -7.27
N ASP B 34 0.03 17.40 -6.30
CA ASP B 34 -0.02 16.00 -5.90
C ASP B 34 -1.35 15.39 -6.33
N TYR B 35 -1.33 14.74 -7.50
CA TYR B 35 -2.51 13.99 -7.92
C TYR B 35 -2.65 12.69 -7.14
N ALA B 36 -1.55 12.17 -6.59
CA ALA B 36 -1.62 10.92 -5.83
C ALA B 36 -2.53 11.06 -4.63
N LEU B 37 -2.58 12.25 -4.02
CA LEU B 37 -3.53 12.50 -2.94
C LEU B 37 -4.95 12.27 -3.41
N LEU B 38 -5.30 12.84 -4.57
CA LEU B 38 -6.64 12.67 -5.12
C LEU B 38 -6.90 11.20 -5.45
N ASN B 39 -5.92 10.50 -6.00
CA ASN B 39 -6.13 9.12 -6.39
C ASN B 39 -6.37 8.23 -5.17
N GLY B 40 -5.56 8.39 -4.12
CA GLY B 40 -5.78 7.61 -2.91
C GLY B 40 -7.08 7.97 -2.22
N PHE B 41 -7.43 9.24 -2.21
CA PHE B 41 -8.71 9.70 -1.67
C PHE B 41 -9.86 9.04 -2.42
N LEU B 42 -9.78 9.02 -3.75
CA LEU B 42 -10.81 8.35 -4.55
C LEU B 42 -10.87 6.87 -4.25
N ALA B 43 -9.71 6.23 -4.09
CA ALA B 43 -9.71 4.81 -3.74
C ALA B 43 -10.41 4.57 -2.42
N PHE B 44 -10.14 5.43 -1.44
CA PHE B 44 -10.77 5.31 -0.13
C PHE B 44 -12.28 5.42 -0.22
N VAL B 45 -12.77 6.45 -0.93
CA VAL B 45 -14.22 6.64 -1.01
C VAL B 45 -14.87 5.53 -1.82
N HIS B 46 -14.22 5.09 -2.91
CA HIS B 46 -14.77 3.98 -3.67
C HIS B 46 -14.90 2.74 -2.79
N SER B 47 -13.86 2.46 -2.00
CA SER B 47 -13.89 1.31 -1.12
C SER B 47 -15.06 1.37 -0.16
N LYS B 48 -15.22 2.50 0.55
CA LYS B 48 -16.23 2.48 1.60
C LYS B 48 -17.64 2.59 1.03
N LEU B 49 -17.83 3.34 -0.06
CA LEU B 49 -19.17 3.39 -0.66
C LEU B 49 -19.57 2.03 -1.22
N ASN B 50 -18.62 1.30 -1.82
CA ASN B 50 -18.92 -0.06 -2.24
C ASN B 50 -19.28 -0.94 -1.04
N ALA B 51 -18.55 -0.78 0.07
CA ALA B 51 -18.87 -1.55 1.26
C ALA B 51 -20.27 -1.24 1.78
N ALA B 52 -20.63 0.04 1.80
CA ALA B 52 -21.96 0.43 2.28
C ALA B 52 -23.05 -0.10 1.37
N ILE B 53 -22.84 -0.03 0.05
CA ILE B 53 -23.81 -0.58 -0.89
C ILE B 53 -23.99 -2.07 -0.67
N LEU B 54 -22.87 -2.79 -0.52
CA LEU B 54 -22.94 -4.23 -0.31
C LEU B 54 -23.66 -4.57 0.99
N THR B 55 -23.37 -3.83 2.07
CA THR B 55 -24.06 -4.07 3.33
C THR B 55 -25.55 -3.80 3.20
N SER B 56 -25.93 -2.73 2.51
CA SER B 56 -27.35 -2.43 2.33
C SER B 56 -28.05 -3.55 1.56
N ILE B 57 -27.43 -4.01 0.47
CA ILE B 57 -28.06 -5.06 -0.33
C ILE B 57 -28.17 -6.36 0.46
N GLU B 58 -27.11 -6.73 1.19
CA GLU B 58 -27.15 -7.98 1.94
C GLU B 58 -28.14 -7.90 3.11
N SER B 59 -28.30 -6.72 3.71
CA SER B 59 -29.31 -6.56 4.75
C SER B 59 -30.71 -6.66 4.16
N GLN B 60 -30.92 -6.07 2.99
CA GLN B 60 -32.24 -6.15 2.35
C GLN B 60 -32.57 -7.58 1.93
N CYS B 61 -31.57 -8.32 1.47
CA CYS B 61 -31.81 -9.68 0.99
C CYS B 61 -32.18 -10.64 2.12
N GLY B 62 -31.62 -10.41 3.31
CA GLY B 62 -31.89 -11.31 4.43
C GLY B 62 -33.32 -11.32 4.91
N LYS B 63 -34.07 -10.25 4.64
CA LYS B 63 -35.45 -10.19 5.06
C LYS B 63 -36.32 -11.13 4.23
N SER B 64 -37.30 -11.74 4.88
CA SER B 64 -38.20 -12.68 4.22
C SER B 64 -39.35 -11.94 3.54
N PHE B 65 -40.10 -12.69 2.72
CA PHE B 65 -41.23 -12.10 2.01
C PHE B 65 -42.36 -11.74 2.96
N ALA B 66 -42.48 -12.43 4.09
CA ALA B 66 -43.56 -12.15 5.03
C ALA B 66 -43.40 -10.82 5.76
N ALA B 67 -42.23 -10.19 5.68
CA ALA B 67 -42.02 -8.90 6.32
C ALA B 67 -42.86 -7.83 5.64
N ASP B 68 -43.24 -6.83 6.42
CA ASP B 68 -44.05 -5.73 5.91
C ASP B 68 -43.26 -4.91 4.89
N LEU B 69 -43.97 -4.42 3.87
CA LEU B 69 -43.33 -3.61 2.84
C LEU B 69 -42.82 -2.29 3.40
N ASP B 70 -43.44 -1.77 4.45
CA ASP B 70 -43.01 -0.51 5.05
C ASP B 70 -41.64 -0.62 5.71
N SER B 71 -41.22 -1.83 6.09
CA SER B 71 -39.94 -2.02 6.74
C SER B 71 -38.77 -2.09 5.76
N PHE B 72 -39.05 -2.07 4.46
CA PHE B 72 -37.99 -2.14 3.44
C PHE B 72 -37.56 -0.73 3.08
N ASP B 73 -36.30 -0.40 3.38
CA ASP B 73 -35.75 0.93 3.10
C ASP B 73 -35.16 0.93 1.70
N GLN B 74 -35.98 1.33 0.72
CA GLN B 74 -35.55 1.33 -0.67
C GLN B 74 -34.67 2.51 -1.03
N SER B 75 -34.72 3.61 -0.27
CA SER B 75 -34.05 4.83 -0.64
C SER B 75 -32.60 4.91 -0.16
N SER B 76 -32.13 3.92 0.61
CA SER B 76 -30.78 3.99 1.14
C SER B 76 -29.73 4.00 0.03
N ILE B 77 -29.80 3.02 -0.88
CA ILE B 77 -28.82 2.95 -1.96
C ILE B 77 -28.97 4.12 -2.92
N SER B 78 -30.21 4.56 -3.16
CA SER B 78 -30.43 5.71 -4.02
C SER B 78 -29.75 6.96 -3.44
N SER B 79 -29.93 7.17 -2.13
CA SER B 79 -29.26 8.28 -1.47
C SER B 79 -27.75 8.12 -1.52
N ILE B 80 -27.25 6.90 -1.32
CA ILE B 80 -25.81 6.65 -1.35
C ILE B 80 -25.23 7.04 -2.70
N LEU B 81 -25.88 6.62 -3.79
CA LEU B 81 -25.34 6.89 -5.12
C LEU B 81 -25.52 8.34 -5.53
N ASP B 82 -26.64 8.97 -5.13
CA ASP B 82 -26.79 10.40 -5.38
C ASP B 82 -25.73 11.19 -4.65
N PHE B 83 -25.41 10.79 -3.41
CA PHE B 83 -24.32 11.42 -2.68
C PHE B 83 -22.99 11.18 -3.39
N SER B 84 -22.79 9.96 -3.92
CA SER B 84 -21.54 9.64 -4.59
C SER B 84 -21.31 10.54 -5.80
N TRP B 85 -22.36 10.79 -6.59
CA TRP B 85 -22.21 11.69 -7.72
C TRP B 85 -22.12 13.15 -7.26
N GLU B 86 -23.18 13.65 -6.65
CA GLU B 86 -23.30 15.08 -6.37
C GLU B 86 -22.30 15.59 -5.33
N SER B 87 -21.68 14.69 -4.56
CA SER B 87 -20.82 15.10 -3.46
C SER B 87 -19.35 14.76 -3.66
N VAL B 88 -19.04 13.82 -4.55
CA VAL B 88 -17.64 13.50 -4.84
C VAL B 88 -17.36 13.71 -6.32
N HIS B 89 -18.02 12.93 -7.17
CA HIS B 89 -17.73 12.96 -8.59
C HIS B 89 -18.06 14.32 -9.19
N TYR B 90 -19.26 14.82 -8.93
CA TYR B 90 -19.65 16.12 -9.47
C TYR B 90 -18.82 17.26 -8.92
N PRO B 91 -18.53 17.36 -7.61
CA PRO B 91 -17.62 18.42 -7.16
C PRO B 91 -16.23 18.33 -7.76
N ILE B 92 -15.69 17.12 -7.94
CA ILE B 92 -14.38 16.99 -8.58
C ILE B 92 -14.44 17.48 -10.02
N PHE B 93 -15.50 17.10 -10.74
CA PHE B 93 -15.68 17.61 -12.09
C PHE B 93 -15.85 19.12 -12.12
N LYS B 94 -16.50 19.68 -11.09
CA LYS B 94 -16.65 21.13 -11.01
C LYS B 94 -15.31 21.81 -10.80
N TRP B 95 -14.46 21.24 -9.94
CA TRP B 95 -13.11 21.77 -9.76
C TRP B 95 -12.33 21.70 -11.05
N PHE B 96 -12.40 20.55 -11.74
CA PHE B 96 -11.82 20.41 -13.07
C PHE B 96 -12.30 21.52 -14.00
N GLN B 97 -13.61 21.79 -13.97
CA GLN B 97 -14.21 22.76 -14.89
C GLN B 97 -13.71 24.17 -14.60
N MET B 98 -13.71 24.56 -13.33
CA MET B 98 -13.14 25.85 -12.95
C MET B 98 -11.66 25.92 -13.31
N TRP B 99 -10.96 24.79 -13.27
CA TRP B 99 -9.52 24.81 -13.52
C TRP B 99 -9.25 25.06 -15.00
N ARG B 100 -9.99 24.36 -15.88
CA ARG B 100 -9.87 24.66 -17.30
C ARG B 100 -10.32 26.08 -17.59
N ASN B 101 -11.37 26.54 -16.91
CA ASN B 101 -11.84 27.91 -17.11
C ASN B 101 -10.72 28.89 -16.81
N TYR B 102 -10.04 28.69 -15.68
CA TYR B 102 -8.96 29.59 -15.29
C TYR B 102 -7.84 29.59 -16.32
N ILE B 103 -7.35 28.40 -16.70
CA ILE B 103 -6.18 28.40 -17.59
C ILE B 103 -6.55 28.83 -19.00
N LEU B 104 -7.67 28.33 -19.54
CA LEU B 104 -8.08 28.71 -20.89
C LEU B 104 -8.40 30.20 -20.99
N PHE B 105 -9.10 30.74 -19.99
CA PHE B 105 -9.55 32.13 -20.02
C PHE B 105 -8.63 33.05 -19.22
N GLU B 106 -7.34 32.72 -19.16
CA GLU B 106 -6.38 33.55 -18.46
C GLU B 106 -6.10 34.79 -19.30
N LYS B 107 -6.61 35.94 -18.85
CA LYS B 107 -6.59 37.17 -19.63
C LYS B 107 -5.19 37.73 -19.83
N GLU B 108 -4.19 37.24 -19.09
CA GLU B 108 -2.85 37.78 -19.20
C GLU B 108 -2.23 37.39 -20.55
N ASN B 109 -1.11 38.05 -20.88
CA ASN B 109 -0.46 37.91 -22.17
C ASN B 109 0.59 36.80 -22.17
N LYS B 110 0.44 35.78 -21.33
CA LYS B 110 1.40 34.69 -21.30
C LYS B 110 1.36 33.89 -22.60
N LYS B 111 2.46 33.19 -22.88
CA LYS B 111 2.59 32.44 -24.11
C LYS B 111 1.58 31.29 -24.15
N GLN B 112 0.98 31.09 -25.33
CA GLN B 112 -0.01 30.03 -25.50
C GLN B 112 0.58 28.63 -25.35
N GLN B 113 1.90 28.49 -25.51
CA GLN B 113 2.52 27.17 -25.36
C GLN B 113 2.35 26.64 -23.94
N THR B 114 2.51 27.51 -22.94
CA THR B 114 2.30 27.09 -21.55
C THR B 114 0.86 26.62 -21.34
N LYS B 115 -0.10 27.34 -21.93
CA LYS B 115 -1.49 26.91 -21.86
C LYS B 115 -1.67 25.57 -22.55
N PHE B 116 -0.92 25.32 -23.63
CA PHE B 116 -1.03 24.06 -24.34
C PHE B 116 -0.53 22.91 -23.47
N ILE B 117 0.61 23.08 -22.81
CA ILE B 117 1.12 22.03 -21.92
C ILE B 117 0.18 21.82 -20.74
N ASP B 118 -0.39 22.91 -20.21
CA ASP B 118 -1.39 22.77 -19.16
C ASP B 118 -2.59 21.98 -19.65
N PHE B 119 -3.00 22.22 -20.91
CA PHE B 119 -4.10 21.48 -21.51
C PHE B 119 -3.75 20.00 -21.62
N ARG B 120 -2.51 19.69 -22.01
CA ARG B 120 -2.06 18.31 -22.06
C ARG B 120 -2.13 17.64 -20.69
N LYS B 121 -1.73 18.36 -19.65
CA LYS B 121 -1.86 17.84 -18.30
C LYS B 121 -3.33 17.63 -17.95
N MET B 122 -4.20 18.54 -18.41
CA MET B 122 -5.64 18.31 -18.26
C MET B 122 -6.04 16.96 -18.84
N ASN B 123 -5.69 16.70 -20.10
CA ASN B 123 -6.14 15.44 -20.69
C ASN B 123 -5.59 14.24 -19.92
N SER B 124 -4.30 14.26 -19.58
CA SER B 124 -3.74 13.14 -18.84
C SER B 124 -4.53 12.89 -17.56
N LYS B 125 -4.69 13.93 -16.74
CA LYS B 125 -5.31 13.73 -15.44
C LYS B 125 -6.80 13.43 -15.54
N MET B 126 -7.50 14.00 -16.53
CA MET B 126 -8.94 13.77 -16.53
C MET B 126 -9.27 12.45 -17.20
N LEU B 127 -8.44 11.97 -18.14
CA LEU B 127 -8.60 10.58 -18.56
C LEU B 127 -8.35 9.64 -17.39
N LYS B 128 -7.34 9.92 -16.57
CA LYS B 128 -7.14 9.10 -15.37
C LYS B 128 -8.38 9.11 -14.48
N PHE B 129 -8.90 10.30 -14.17
CA PHE B 129 -10.03 10.41 -13.25
C PHE B 129 -11.31 9.81 -13.84
N PHE B 130 -11.58 10.08 -15.11
CA PHE B 130 -12.76 9.52 -15.76
C PHE B 130 -12.67 8.00 -15.85
N LYS B 131 -11.47 7.49 -16.11
CA LYS B 131 -11.28 6.05 -16.12
C LYS B 131 -11.57 5.47 -14.74
N THR B 132 -11.11 6.16 -13.69
CA THR B 132 -11.41 5.70 -12.33
C THR B 132 -12.91 5.69 -12.05
N VAL B 133 -13.60 6.77 -12.42
CA VAL B 133 -15.03 6.87 -12.16
C VAL B 133 -15.80 5.82 -12.96
N GLN B 134 -15.44 5.64 -14.24
CA GLN B 134 -16.10 4.65 -15.07
C GLN B 134 -15.83 3.25 -14.54
N ASN B 135 -14.62 2.99 -14.04
CA ASN B 135 -14.34 1.71 -13.39
C ASN B 135 -15.22 1.53 -12.17
N PHE B 136 -15.40 2.58 -11.37
CA PHE B 136 -16.27 2.49 -10.20
C PHE B 136 -17.68 2.08 -10.60
N TYR B 137 -18.27 2.80 -11.57
CA TYR B 137 -19.64 2.52 -11.97
C TYR B 137 -19.78 1.17 -12.65
N VAL B 138 -18.87 0.84 -13.57
CA VAL B 138 -18.92 -0.43 -14.28
C VAL B 138 -18.69 -1.59 -13.32
N ASN B 139 -17.83 -1.40 -12.33
CA ASN B 139 -17.64 -2.42 -11.31
C ASN B 139 -18.90 -2.62 -10.48
N VAL B 140 -19.60 -1.53 -10.15
CA VAL B 140 -20.88 -1.67 -9.47
C VAL B 140 -21.84 -2.50 -10.31
N ILE B 141 -21.94 -2.17 -11.60
CA ILE B 141 -22.85 -2.87 -12.50
C ILE B 141 -22.48 -4.35 -12.59
N ASN B 142 -21.18 -4.62 -12.77
CA ASN B 142 -20.73 -6.00 -12.93
C ASN B 142 -20.92 -6.80 -11.65
N THR B 143 -20.69 -6.18 -10.49
CA THR B 143 -20.87 -6.89 -9.23
C THR B 143 -22.35 -7.23 -9.01
N VAL B 144 -23.24 -6.26 -9.24
CA VAL B 144 -24.66 -6.55 -9.04
C VAL B 144 -25.16 -7.54 -10.09
N TYR B 145 -24.51 -7.60 -11.26
CA TYR B 145 -24.81 -8.65 -12.23
C TYR B 145 -24.25 -10.00 -11.79
N LYS B 146 -23.16 -9.99 -11.02
CA LYS B 146 -22.48 -11.24 -10.67
C LYS B 146 -23.15 -11.94 -9.49
N LYS B 147 -23.32 -11.24 -8.36
CA LYS B 147 -23.89 -11.94 -7.21
C LYS B 147 -25.39 -12.15 -7.31
N TYR B 148 -26.07 -11.58 -8.30
CA TYR B 148 -27.52 -11.73 -8.39
C TYR B 148 -27.95 -11.91 -9.84
N ASP B 149 -29.12 -12.53 -10.00
CA ASP B 149 -29.71 -12.78 -11.31
C ASP B 149 -30.64 -11.63 -11.69
N ILE B 150 -30.42 -11.06 -12.87
CA ILE B 150 -31.16 -9.87 -13.30
C ILE B 150 -31.82 -10.12 -14.66
N SER B 151 -31.72 -11.35 -15.16
CA SER B 151 -32.28 -11.65 -16.47
C SER B 151 -33.78 -11.51 -16.49
N VAL B 152 -34.46 -11.96 -15.42
CA VAL B 152 -35.91 -11.88 -15.35
C VAL B 152 -36.39 -10.44 -15.27
N LEU B 153 -35.57 -9.53 -14.77
CA LEU B 153 -35.99 -8.16 -14.51
C LEU B 153 -35.47 -7.17 -15.54
N LEU B 154 -34.30 -7.41 -16.12
CA LEU B 154 -33.84 -6.51 -17.15
C LEU B 154 -34.01 -7.13 -18.53
N PRO B 155 -34.28 -6.31 -19.55
CA PRO B 155 -34.28 -6.80 -20.92
C PRO B 155 -32.90 -7.32 -21.31
N LYS B 156 -32.90 -8.38 -22.13
CA LYS B 156 -31.63 -8.93 -22.60
C LYS B 156 -30.86 -7.95 -23.48
N ARG B 157 -31.57 -7.02 -24.12
CA ARG B 157 -30.89 -6.00 -24.92
C ARG B 157 -30.00 -5.13 -24.04
N ILE B 158 -30.48 -4.78 -22.85
CA ILE B 158 -29.66 -4.02 -21.91
C ILE B 158 -28.48 -4.86 -21.44
N ILE B 159 -28.69 -6.17 -21.28
CA ILE B 159 -27.61 -7.05 -20.85
C ILE B 159 -26.49 -7.09 -21.89
N GLN B 160 -26.86 -7.22 -23.17
CA GLN B 160 -25.82 -7.27 -24.21
C GLN B 160 -25.22 -5.89 -24.47
N ASP B 161 -26.04 -4.84 -24.43
CA ASP B 161 -25.53 -3.49 -24.68
C ASP B 161 -24.61 -3.04 -23.56
N LEU B 162 -24.83 -3.52 -22.34
CA LEU B 162 -23.90 -3.32 -21.24
C LEU B 162 -22.77 -4.33 -21.25
N LYS B 163 -22.76 -5.25 -22.23
CA LYS B 163 -21.74 -6.30 -22.35
C LYS B 163 -21.67 -7.14 -21.07
N LEU B 164 -22.84 -7.42 -20.50
CA LEU B 164 -22.92 -8.31 -19.35
C LEU B 164 -22.88 -9.78 -19.76
N SER B 165 -23.10 -10.07 -21.04
CA SER B 165 -23.12 -11.47 -21.49
C SER B 165 -21.76 -12.12 -21.30
N ASP B 166 -20.67 -11.41 -21.61
CA ASP B 166 -19.34 -11.94 -21.42
C ASP B 166 -18.96 -12.09 -19.96
N ILE B 167 -19.74 -11.52 -19.04
CA ILE B 167 -19.50 -11.68 -17.61
C ILE B 167 -20.08 -13.02 -17.17
N GLU B 168 -19.22 -13.94 -16.78
CA GLU B 168 -19.66 -15.27 -16.37
C GLU B 168 -20.38 -15.17 -15.03
N ASN B 169 -21.49 -15.90 -14.90
CA ASN B 169 -22.36 -15.83 -13.73
C ASN B 169 -21.94 -16.90 -12.73
N THR B 170 -21.55 -16.46 -11.52
CA THR B 170 -21.07 -17.35 -10.48
C THR B 170 -22.12 -17.66 -9.42
N THR B 171 -23.38 -17.27 -9.65
CA THR B 171 -24.43 -17.49 -8.66
C THR B 171 -24.69 -18.97 -8.47
N ASN B 172 -24.88 -19.38 -7.22
CA ASN B 172 -25.22 -20.76 -6.91
C ASN B 172 -26.68 -21.03 -7.27
N VAL B 173 -26.99 -22.32 -7.48
CA VAL B 173 -28.35 -22.72 -7.82
C VAL B 173 -29.29 -22.36 -6.68
N GLY B 174 -28.88 -22.63 -5.44
CA GLY B 174 -29.68 -22.22 -4.30
C GLY B 174 -29.76 -20.72 -4.13
N ASP B 175 -28.81 -19.98 -4.69
CA ASP B 175 -28.84 -18.52 -4.67
C ASP B 175 -29.66 -17.92 -5.80
N ILE B 176 -30.21 -18.75 -6.69
CA ILE B 176 -31.04 -18.25 -7.77
C ILE B 176 -32.38 -17.82 -7.20
N LEU B 177 -32.55 -16.52 -7.02
CA LEU B 177 -33.78 -15.98 -6.45
C LEU B 177 -34.96 -16.22 -7.39
N ALA B 178 -36.09 -16.65 -6.81
CA ALA B 178 -37.29 -16.95 -7.58
C ALA B 178 -38.27 -15.77 -7.49
N VAL B 179 -37.93 -14.72 -8.22
CA VAL B 179 -38.75 -13.51 -8.29
C VAL B 179 -39.28 -13.36 -9.70
N LYS B 180 -40.59 -13.15 -9.81
CA LYS B 180 -41.24 -13.07 -11.11
C LYS B 180 -40.94 -11.73 -11.79
N THR B 181 -41.56 -11.52 -12.95
CA THR B 181 -41.25 -10.35 -13.76
C THR B 181 -41.67 -9.06 -13.07
N PHE B 182 -42.91 -8.99 -12.59
CA PHE B 182 -43.47 -7.76 -12.03
C PHE B 182 -44.19 -8.05 -10.72
N ASN B 183 -43.53 -8.80 -9.83
CA ASN B 183 -44.06 -9.07 -8.49
C ASN B 183 -43.63 -7.93 -7.58
N SER B 184 -44.55 -7.00 -7.32
CA SER B 184 -44.24 -5.86 -6.45
C SER B 184 -44.06 -6.28 -4.99
N SER B 185 -44.53 -7.47 -4.62
CA SER B 185 -44.34 -7.94 -3.25
C SER B 185 -42.86 -8.10 -2.92
N SER B 186 -42.09 -8.62 -3.85
CA SER B 186 -40.65 -8.72 -3.67
C SER B 186 -40.04 -7.33 -3.72
N PRO B 187 -39.35 -6.86 -2.67
CA PRO B 187 -38.80 -5.50 -2.72
C PRO B 187 -37.80 -5.30 -3.84
N LEU B 188 -36.99 -6.31 -4.14
CA LEU B 188 -35.86 -6.17 -5.04
C LEU B 188 -36.28 -5.90 -6.48
N ALA B 189 -37.56 -6.06 -6.81
CA ALA B 189 -38.02 -5.73 -8.16
C ALA B 189 -37.89 -4.25 -8.48
N HIS B 190 -37.43 -3.42 -7.54
CA HIS B 190 -37.32 -1.98 -7.78
C HIS B 190 -35.94 -1.42 -7.50
N LEU B 191 -35.23 -1.91 -6.48
CA LEU B 191 -33.92 -1.35 -6.17
C LEU B 191 -32.91 -1.63 -7.28
N ILE B 192 -32.90 -2.84 -7.84
CA ILE B 192 -32.02 -3.11 -8.99
C ILE B 192 -32.39 -2.26 -10.20
N PRO B 193 -33.66 -2.11 -10.59
CA PRO B 193 -33.97 -1.17 -11.68
C PRO B 193 -33.51 0.25 -11.40
N THR B 194 -33.75 0.76 -10.19
CA THR B 194 -33.29 2.12 -9.87
C THR B 194 -31.78 2.22 -9.90
N LEU B 195 -31.09 1.19 -9.40
CA LEU B 195 -29.64 1.17 -9.37
C LEU B 195 -29.08 1.20 -10.78
N PHE B 196 -29.61 0.36 -11.67
CA PHE B 196 -29.14 0.35 -13.06
C PHE B 196 -29.47 1.65 -13.76
N HIS B 197 -30.68 2.19 -13.53
CA HIS B 197 -31.07 3.44 -14.17
C HIS B 197 -30.14 4.57 -13.78
N ARG B 198 -29.84 4.70 -12.49
CA ARG B 198 -28.97 5.79 -12.05
C ARG B 198 -27.51 5.53 -12.39
N CYS B 199 -27.07 4.27 -12.46
CA CYS B 199 -25.73 4.00 -12.94
C CYS B 199 -25.57 4.41 -14.40
N LEU B 200 -26.56 4.07 -15.23
CA LEU B 200 -26.52 4.53 -16.62
C LEU B 200 -26.61 6.04 -16.69
N LEU B 201 -27.44 6.65 -15.83
CA LEU B 201 -27.55 8.10 -15.78
C LEU B 201 -26.19 8.74 -15.53
N PHE B 202 -25.52 8.31 -14.47
CA PHE B 202 -24.26 8.94 -14.09
C PHE B 202 -23.13 8.59 -15.06
N LEU B 203 -23.15 7.39 -15.64
CA LEU B 203 -22.18 7.07 -16.67
C LEU B 203 -22.36 7.97 -17.89
N GLY B 204 -23.61 8.18 -18.30
CA GLY B 204 -23.86 9.08 -19.41
C GLY B 204 -23.46 10.52 -19.11
N THR B 205 -23.72 10.97 -17.88
CA THR B 205 -23.26 12.29 -17.48
C THR B 205 -21.73 12.37 -17.53
N ALA B 206 -21.06 11.29 -17.11
CA ALA B 206 -19.61 11.24 -17.21
C ALA B 206 -19.15 11.36 -18.64
N TYR B 207 -19.80 10.65 -19.57
CA TYR B 207 -19.38 10.74 -20.97
C TYR B 207 -19.62 12.14 -21.54
N ARG B 208 -20.79 12.73 -21.30
CA ARG B 208 -21.03 14.07 -21.84
C ARG B 208 -20.08 15.08 -21.24
N TYR B 209 -19.85 15.01 -19.93
CA TYR B 209 -18.90 15.92 -19.31
C TYR B 209 -17.52 15.74 -19.90
N LYS B 210 -17.04 14.50 -20.01
CA LYS B 210 -15.74 14.24 -20.60
C LYS B 210 -15.65 14.80 -22.02
N THR B 211 -16.75 14.71 -22.77
CA THR B 211 -16.78 15.32 -24.10
C THR B 211 -16.58 16.83 -24.02
N LEU B 212 -17.21 17.47 -23.03
CA LEU B 212 -16.95 18.89 -22.82
C LEU B 212 -15.49 19.14 -22.46
N LEU B 213 -14.91 18.27 -21.63
CA LEU B 213 -13.53 18.42 -21.20
C LEU B 213 -12.55 18.35 -22.37
N GLU B 214 -12.69 17.33 -23.21
CA GLU B 214 -11.64 17.05 -24.19
C GLU B 214 -11.56 18.14 -25.26
N GLU B 215 -12.70 18.69 -25.67
CA GLU B 215 -12.71 19.70 -26.72
C GLU B 215 -12.14 21.00 -26.18
N ILE B 216 -11.16 21.55 -26.90
CA ILE B 216 -10.52 22.79 -26.48
C ILE B 216 -11.52 23.94 -26.58
N SER B 217 -12.20 24.05 -27.71
CA SER B 217 -13.14 25.14 -27.93
C SER B 217 -14.48 24.82 -27.28
N ASN B 218 -15.32 25.85 -27.16
CA ASN B 218 -16.64 25.71 -26.58
C ASN B 218 -17.69 25.26 -27.59
N LYS B 219 -17.31 25.06 -28.85
CA LYS B 219 -18.23 24.60 -29.87
C LYS B 219 -18.30 23.08 -29.84
N TYR B 220 -19.51 22.55 -29.70
CA TYR B 220 -19.73 21.10 -29.64
C TYR B 220 -20.78 20.69 -30.66
N SER B 221 -20.61 19.48 -31.20
CA SER B 221 -21.50 18.94 -32.21
C SER B 221 -22.20 17.69 -31.69
N ILE B 222 -23.34 17.36 -32.30
CA ILE B 222 -24.13 16.22 -31.86
C ILE B 222 -23.34 14.93 -31.98
N SER B 223 -22.45 14.84 -32.98
CA SER B 223 -21.71 13.63 -33.25
C SER B 223 -20.75 13.23 -32.14
N ASN B 224 -20.47 14.13 -31.20
CA ASN B 224 -19.53 13.84 -30.12
C ASN B 224 -20.20 13.22 -28.90
N PHE B 225 -21.52 13.38 -28.74
CA PHE B 225 -22.24 12.84 -27.59
C PHE B 225 -23.07 11.62 -27.96
N LYS B 226 -22.59 10.77 -28.87
CA LYS B 226 -23.35 9.59 -29.26
C LYS B 226 -23.45 8.60 -28.12
N LYS B 227 -22.32 8.28 -27.49
CA LYS B 227 -22.31 7.25 -26.44
C LYS B 227 -23.18 7.68 -25.26
N SER B 228 -23.11 8.96 -24.89
CA SER B 228 -23.95 9.46 -23.80
C SER B 228 -25.43 9.34 -24.17
N LEU B 229 -25.77 9.66 -25.41
CA LEU B 229 -27.16 9.52 -25.85
C LEU B 229 -27.62 8.08 -25.78
N ASP B 230 -26.77 7.14 -26.20
CA ASP B 230 -27.11 5.72 -26.08
C ASP B 230 -27.34 5.33 -24.62
N PHE B 231 -26.38 5.67 -23.76
CA PHE B 231 -26.48 5.27 -22.35
C PHE B 231 -27.71 5.87 -21.69
N PHE B 232 -28.06 7.10 -22.04
CA PHE B 232 -29.27 7.69 -21.51
C PHE B 232 -30.51 7.03 -22.09
N ARG B 233 -30.43 6.53 -23.32
CA ARG B 233 -31.53 5.76 -23.91
C ARG B 233 -31.79 4.49 -23.11
N LEU B 234 -30.75 3.68 -22.87
CA LEU B 234 -30.94 2.49 -22.04
C LEU B 234 -31.34 2.88 -20.63
N ALA B 235 -30.83 4.01 -20.14
CA ALA B 235 -31.18 4.48 -18.81
C ALA B 235 -32.68 4.71 -18.69
N SER B 236 -33.25 5.44 -19.65
CA SER B 236 -34.68 5.69 -19.65
C SER B 236 -35.47 4.40 -19.87
N LEU B 237 -34.94 3.49 -20.69
CA LEU B 237 -35.60 2.19 -20.90
C LEU B 237 -35.65 1.37 -19.61
N VAL B 238 -34.58 1.40 -18.81
CA VAL B 238 -34.51 0.66 -17.56
C VAL B 238 -35.65 1.10 -16.65
N LEU B 239 -35.84 2.41 -16.50
CA LEU B 239 -36.91 2.94 -15.67
C LEU B 239 -37.59 4.11 -16.37
N PRO B 240 -38.80 3.92 -16.87
CA PRO B 240 -39.48 5.02 -17.58
C PRO B 240 -40.03 6.06 -16.62
N SER B 241 -40.39 5.63 -15.41
CA SER B 241 -41.00 6.51 -14.42
C SER B 241 -39.94 7.27 -13.63
N ALA B 242 -39.09 7.98 -14.37
CA ALA B 242 -38.05 8.82 -13.76
C ALA B 242 -37.81 9.99 -14.73
N GLY B 243 -38.50 11.11 -14.48
CA GLY B 243 -38.36 12.26 -15.34
C GLY B 243 -36.98 12.91 -15.30
N GLU B 244 -36.20 12.60 -14.26
CA GLU B 244 -34.86 13.16 -14.14
C GLU B 244 -33.93 12.66 -15.24
N THR B 245 -34.18 11.45 -15.75
CA THR B 245 -33.38 10.96 -16.88
C THR B 245 -33.65 11.77 -18.14
N TYR B 246 -34.92 12.11 -18.39
CA TYR B 246 -35.27 12.84 -19.60
C TYR B 246 -34.71 14.26 -19.57
N SER B 247 -34.61 14.86 -18.38
CA SER B 247 -34.10 16.22 -18.27
C SER B 247 -32.62 16.30 -18.67
N GLN B 248 -31.85 15.28 -18.32
CA GLN B 248 -30.43 15.28 -18.69
C GLN B 248 -30.26 15.24 -20.20
N ALA B 249 -31.02 14.37 -20.87
CA ALA B 249 -31.02 14.35 -22.33
C ALA B 249 -31.49 15.69 -22.89
N GLY B 250 -32.46 16.31 -22.22
CA GLY B 250 -32.91 17.62 -22.64
C GLY B 250 -31.79 18.65 -22.60
N ALA B 251 -30.99 18.62 -21.54
CA ALA B 251 -29.83 19.50 -21.48
C ALA B 251 -28.83 19.19 -22.59
N ILE B 252 -28.61 17.90 -22.86
CA ILE B 252 -27.69 17.51 -23.92
C ILE B 252 -28.13 18.13 -25.25
N PHE B 253 -29.40 17.98 -25.59
CA PHE B 253 -29.90 18.64 -26.79
C PHE B 253 -29.95 20.16 -26.63
N LEU B 254 -29.97 20.67 -25.39
CA LEU B 254 -30.01 22.11 -25.17
C LEU B 254 -28.72 22.77 -25.63
N GLN B 255 -27.57 22.23 -25.23
CA GLN B 255 -26.34 22.97 -25.49
C GLN B 255 -25.88 22.83 -26.94
N THR B 256 -26.34 21.83 -27.67
CA THR B 256 -25.98 21.67 -29.08
C THR B 256 -26.89 22.45 -30.01
N GLY B 257 -27.92 23.12 -29.49
CA GLY B 257 -28.77 23.98 -30.29
C GLY B 257 -29.99 23.34 -30.89
N ASN B 258 -30.33 22.10 -30.51
CA ASN B 258 -31.56 21.45 -30.95
C ASN B 258 -32.61 21.67 -29.87
N LEU B 259 -33.56 22.56 -30.15
CA LEU B 259 -34.43 23.11 -29.12
C LEU B 259 -35.81 22.47 -29.05
N GLY B 260 -36.42 22.11 -30.17
CA GLY B 260 -37.74 21.47 -30.10
C GLY B 260 -37.69 20.13 -29.41
N ILE B 261 -36.72 19.30 -29.79
CA ILE B 261 -36.50 18.04 -29.09
C ILE B 261 -36.22 18.30 -27.62
N ALA B 262 -35.51 19.40 -27.34
CA ALA B 262 -35.18 19.76 -25.96
C ALA B 262 -36.43 20.08 -25.15
N VAL B 263 -37.31 20.92 -25.68
CA VAL B 263 -38.49 21.30 -24.92
C VAL B 263 -39.42 20.11 -24.74
N PHE B 264 -39.50 19.24 -25.76
CA PHE B 264 -40.23 17.99 -25.58
C PHE B 264 -39.64 17.19 -24.43
N ASN B 265 -38.30 17.17 -24.34
CA ASN B 265 -37.66 16.45 -23.25
C ASN B 265 -38.04 17.02 -21.90
N PHE B 266 -37.97 18.35 -21.76
CA PHE B 266 -38.28 18.92 -20.44
C PHE B 266 -39.74 18.69 -20.07
N VAL B 267 -40.68 18.84 -21.00
CA VAL B 267 -42.08 18.64 -20.62
C VAL B 267 -42.31 17.18 -20.24
N LYS B 268 -41.81 16.25 -21.07
CA LYS B 268 -41.90 14.83 -20.73
C LYS B 268 -41.32 14.58 -19.34
N GLY B 269 -40.26 15.30 -18.99
CA GLY B 269 -39.69 15.17 -17.66
C GLY B 269 -40.62 15.63 -16.56
N MET B 270 -41.20 16.83 -16.69
CA MET B 270 -41.93 17.33 -15.53
C MET B 270 -43.30 16.69 -15.36
N MET B 271 -44.01 16.28 -16.41
CA MET B 271 -45.32 15.73 -16.09
C MET B 271 -45.30 14.24 -15.82
N THR B 272 -44.11 13.64 -15.65
CA THR B 272 -44.01 12.24 -15.25
C THR B 272 -44.65 12.02 -13.87
N LYS B 273 -44.76 10.75 -13.49
CA LYS B 273 -45.28 10.41 -12.18
C LYS B 273 -44.43 11.00 -11.06
N MET B 274 -43.12 11.10 -11.29
CA MET B 274 -42.20 11.78 -10.39
C MET B 274 -41.61 12.97 -11.14
N PRO B 275 -42.04 14.20 -10.84
CA PRO B 275 -41.53 15.35 -11.57
C PRO B 275 -40.17 15.93 -11.16
N SER B 276 -39.39 16.27 -12.18
CA SER B 276 -38.02 16.75 -12.05
C SER B 276 -38.04 18.26 -11.91
N PRO B 277 -37.67 18.81 -10.75
CA PRO B 277 -37.68 20.27 -10.59
C PRO B 277 -36.74 21.00 -11.53
N VAL B 278 -35.61 20.39 -11.88
CA VAL B 278 -34.67 21.04 -12.79
C VAL B 278 -35.28 21.21 -14.17
N SER B 279 -36.10 20.25 -14.61
CA SER B 279 -36.77 20.40 -15.90
C SER B 279 -37.75 21.57 -15.86
N ILE B 280 -38.48 21.74 -14.75
CA ILE B 280 -39.40 22.86 -14.61
C ILE B 280 -38.63 24.18 -14.64
N LYS B 281 -37.51 24.24 -13.91
CA LYS B 281 -36.70 25.46 -13.88
C LYS B 281 -36.17 25.79 -15.27
N ASN B 282 -35.69 24.78 -16.00
CA ASN B 282 -35.19 25.02 -17.35
C ASN B 282 -36.30 25.50 -18.27
N PHE B 283 -37.48 24.88 -18.19
CA PHE B 283 -38.55 25.28 -19.08
C PHE B 283 -38.96 26.72 -18.77
N GLY B 284 -39.03 27.06 -17.48
CA GLY B 284 -39.33 28.44 -17.11
C GLY B 284 -38.28 29.42 -17.59
N ALA B 285 -37.01 29.02 -17.54
CA ALA B 285 -35.94 29.88 -18.06
C ALA B 285 -36.12 30.13 -19.56
N LEU B 286 -36.45 29.07 -20.31
CA LEU B 286 -36.73 29.26 -21.73
C LEU B 286 -38.06 29.94 -22.00
N MET B 287 -38.96 30.05 -21.02
CA MET B 287 -40.34 30.42 -21.31
C MET B 287 -40.94 31.47 -20.39
N VAL B 288 -40.43 31.65 -19.17
CA VAL B 288 -40.99 32.68 -18.29
C VAL B 288 -39.99 33.82 -18.11
N ASP B 289 -38.77 33.49 -17.71
CA ASP B 289 -37.76 34.51 -17.45
C ASP B 289 -37.31 35.12 -18.78
N ASN B 290 -37.84 36.31 -19.08
CA ASN B 290 -37.39 37.05 -20.25
C ASN B 290 -35.93 37.44 -20.12
N LYS B 291 -35.43 37.61 -18.90
CA LYS B 291 -34.05 37.99 -18.65
C LYS B 291 -33.08 36.82 -18.81
N SER B 292 -33.59 35.59 -18.86
CA SER B 292 -32.71 34.43 -18.99
C SER B 292 -32.03 34.42 -20.36
N SER B 293 -30.73 34.11 -20.36
CA SER B 293 -29.95 34.13 -21.59
C SER B 293 -30.46 33.11 -22.60
N LEU B 294 -31.08 32.04 -22.12
CA LEU B 294 -31.59 31.02 -23.04
C LEU B 294 -32.77 31.54 -23.85
N ASN B 295 -33.61 32.39 -23.24
CA ASN B 295 -34.69 33.01 -23.99
C ASN B 295 -34.15 33.93 -25.08
N ARG B 296 -33.08 34.68 -24.78
CA ARG B 296 -32.43 35.47 -25.81
C ARG B 296 -31.78 34.59 -26.87
N SER B 297 -31.31 33.41 -26.49
CA SER B 297 -30.83 32.47 -27.50
C SER B 297 -31.96 32.07 -28.45
N LEU B 298 -33.14 31.77 -27.89
CA LEU B 298 -34.30 31.48 -28.73
C LEU B 298 -34.64 32.63 -29.65
N HIS B 299 -34.65 33.86 -29.11
CA HIS B 299 -35.00 35.03 -29.92
C HIS B 299 -33.97 35.26 -31.03
N THR B 300 -32.68 35.15 -30.69
CA THR B 300 -31.64 35.33 -31.68
C THR B 300 -31.75 34.31 -32.79
N THR B 301 -31.96 33.05 -32.45
CA THR B 301 -32.02 32.05 -33.52
C THR B 301 -33.33 32.14 -34.30
N ILE B 302 -34.42 32.60 -33.68
CA ILE B 302 -35.67 32.69 -34.44
C ILE B 302 -35.59 33.81 -35.46
N MET B 303 -35.05 34.99 -35.10
CA MET B 303 -35.01 35.95 -36.19
C MET B 303 -33.81 35.73 -37.11
N ASN B 304 -32.80 34.95 -36.69
CA ASN B 304 -31.84 34.44 -37.66
C ASN B 304 -32.51 33.55 -38.68
N THR B 305 -33.42 32.68 -38.23
CA THR B 305 -34.18 31.85 -39.15
C THR B 305 -35.06 32.70 -40.07
N TYR B 306 -35.67 33.75 -39.52
CA TYR B 306 -36.46 34.65 -40.36
C TYR B 306 -35.59 35.32 -41.41
N LEU B 307 -34.38 35.75 -41.02
CA LEU B 307 -33.46 36.37 -41.97
C LEU B 307 -33.05 35.38 -43.06
N GLN B 308 -32.78 34.13 -42.68
CA GLN B 308 -32.42 33.13 -43.69
C GLN B 308 -33.58 32.80 -44.61
N GLU B 309 -34.80 32.78 -44.08
CA GLU B 309 -35.97 32.57 -44.93
C GLU B 309 -36.15 33.73 -45.92
N SER B 310 -35.94 34.96 -45.46
CA SER B 310 -36.19 36.12 -46.32
C SER B 310 -35.09 36.28 -47.37
N LYS B 311 -33.84 36.06 -46.99
CA LYS B 311 -32.71 36.36 -47.87
C LYS B 311 -31.92 35.15 -48.34
N GLY B 312 -32.04 34.01 -47.65
CA GLY B 312 -31.28 32.84 -48.03
C GLY B 312 -31.70 32.27 -49.37
N PRO B 313 -30.75 31.63 -50.06
CA PRO B 313 -31.06 31.08 -51.40
C PRO B 313 -32.12 29.99 -51.39
N ARG B 314 -32.28 29.27 -50.27
CA ARG B 314 -33.21 28.15 -50.21
C ARG B 314 -34.15 28.33 -49.03
N THR B 315 -35.34 27.75 -49.15
CA THR B 315 -36.29 27.77 -48.05
C THR B 315 -35.76 26.91 -46.92
N PRO B 316 -35.52 27.46 -45.73
CA PRO B 316 -34.96 26.67 -44.64
C PRO B 316 -36.01 25.83 -43.92
N ALA B 317 -36.26 24.62 -44.42
CA ALA B 317 -37.42 23.84 -43.98
C ALA B 317 -37.30 23.43 -42.51
N LYS B 318 -36.20 22.76 -42.14
CA LYS B 318 -36.16 22.07 -40.85
C LYS B 318 -36.25 23.03 -39.68
N GLU B 319 -35.38 24.04 -39.65
CA GLU B 319 -35.36 24.94 -38.50
C GLU B 319 -36.52 25.92 -38.52
N ILE B 320 -37.13 26.18 -39.68
CA ILE B 320 -38.43 26.85 -39.67
C ILE B 320 -39.44 26.00 -38.93
N LEU B 321 -39.61 24.74 -39.37
CA LEU B 321 -40.59 23.85 -38.77
C LEU B 321 -40.41 23.74 -37.26
N GLU B 322 -39.15 23.77 -36.80
CA GLU B 322 -38.93 23.64 -35.36
C GLU B 322 -39.09 24.97 -34.63
N PHE B 323 -38.30 25.99 -34.99
CA PHE B 323 -38.24 27.19 -34.17
C PHE B 323 -39.40 28.15 -34.42
N TYR B 324 -39.94 28.22 -35.64
CA TYR B 324 -41.18 28.97 -35.84
C TYR B 324 -42.31 28.37 -35.02
N PHE B 325 -42.37 27.04 -34.95
CA PHE B 325 -43.34 26.38 -34.09
C PHE B 325 -43.12 26.74 -32.63
N LEU B 326 -41.86 26.79 -32.20
CA LEU B 326 -41.57 27.26 -30.86
C LEU B 326 -42.10 28.67 -30.66
N GLY B 327 -41.99 29.51 -31.70
CA GLY B 327 -42.53 30.86 -31.62
C GLY B 327 -44.05 30.89 -31.47
N LEU B 328 -44.75 30.06 -32.26
CA LEU B 328 -46.20 29.98 -32.10
C LEU B 328 -46.57 29.50 -30.70
N PHE B 329 -45.86 28.49 -30.21
CA PHE B 329 -46.13 27.94 -28.89
C PHE B 329 -45.91 28.97 -27.80
N GLY B 330 -44.85 29.76 -27.91
CA GLY B 330 -44.66 30.86 -26.98
C GLY B 330 -45.81 31.84 -27.07
N SER B 331 -46.02 32.40 -28.27
CA SER B 331 -46.97 33.49 -28.44
C SER B 331 -48.38 33.11 -27.98
N VAL B 332 -48.73 31.83 -28.09
CA VAL B 332 -50.05 31.40 -27.63
C VAL B 332 -50.03 31.05 -26.14
N TRP B 333 -48.98 30.37 -25.68
CA TRP B 333 -48.95 29.88 -24.30
C TRP B 333 -48.79 31.01 -23.30
N SER B 334 -47.84 31.92 -23.53
CA SER B 334 -47.54 33.01 -22.60
C SER B 334 -47.59 34.33 -23.37
N PRO B 335 -48.79 34.88 -23.58
CA PRO B 335 -48.92 36.05 -24.46
C PRO B 335 -48.12 37.27 -24.03
N THR B 336 -47.86 37.43 -22.73
CA THR B 336 -47.32 38.70 -22.24
C THR B 336 -45.89 38.95 -22.75
N SER B 337 -45.04 37.93 -22.73
CA SER B 337 -43.61 38.15 -22.88
C SER B 337 -43.14 38.22 -24.33
N TRP B 338 -43.96 37.81 -25.29
CA TRP B 338 -43.57 37.76 -26.70
C TRP B 338 -44.32 38.73 -27.58
N ARG B 339 -45.65 38.74 -27.53
CA ARG B 339 -46.40 39.71 -28.31
C ARG B 339 -46.15 41.11 -27.78
N ASP B 340 -45.93 42.04 -28.70
CA ASP B 340 -45.66 43.42 -28.31
C ASP B 340 -46.87 44.01 -27.59
N ASP B 341 -46.61 44.79 -26.54
CA ASP B 341 -47.69 45.50 -25.88
C ASP B 341 -48.37 46.48 -26.82
N THR B 342 -47.60 47.09 -27.74
CA THR B 342 -48.20 47.93 -28.77
C THR B 342 -48.87 47.11 -29.86
N LYS B 343 -48.22 46.02 -30.29
CA LYS B 343 -48.71 45.19 -31.40
C LYS B 343 -48.77 43.74 -30.95
N PRO B 344 -49.90 43.29 -30.42
CA PRO B 344 -50.02 41.90 -29.96
C PRO B 344 -49.95 40.87 -31.09
N ASN B 345 -50.03 41.29 -32.34
CA ASN B 345 -50.05 40.36 -33.47
C ASN B 345 -48.65 40.03 -33.98
N GLN B 346 -47.60 40.53 -33.34
CA GLN B 346 -46.24 40.24 -33.76
C GLN B 346 -45.35 40.01 -32.55
N LEU B 347 -44.29 39.23 -32.76
CA LEU B 347 -43.34 38.89 -31.71
C LEU B 347 -42.49 40.11 -31.35
N ASN B 348 -41.86 40.06 -30.17
CA ASN B 348 -41.01 41.16 -29.73
C ASN B 348 -39.86 41.41 -30.69
N ASN B 349 -39.50 40.44 -31.52
CA ASN B 349 -38.51 40.65 -32.57
C ASN B 349 -39.08 41.31 -33.81
N GLY B 350 -40.38 41.64 -33.80
CA GLY B 350 -41.02 42.27 -34.93
C GLY B 350 -41.57 41.32 -35.96
N ILE B 351 -41.42 40.01 -35.78
CA ILE B 351 -41.90 39.04 -36.75
C ILE B 351 -43.40 38.87 -36.57
N LYS B 352 -44.14 39.00 -37.67
CA LYS B 352 -45.59 38.86 -37.64
C LYS B 352 -45.98 37.42 -37.34
N LEU B 353 -47.05 37.25 -36.56
CA LEU B 353 -47.48 35.91 -36.19
C LEU B 353 -48.14 35.19 -37.35
N ARG B 354 -48.95 35.91 -38.15
CA ARG B 354 -49.67 35.27 -39.24
C ARG B 354 -48.71 34.77 -40.33
N HIS B 355 -47.69 35.56 -40.66
CA HIS B 355 -46.70 35.11 -41.64
C HIS B 355 -45.97 33.87 -41.15
N LEU B 356 -45.57 33.87 -39.89
CA LEU B 356 -44.82 32.74 -39.33
C LEU B 356 -45.68 31.49 -39.30
N GLU B 357 -46.95 31.62 -38.92
CA GLU B 357 -47.87 30.49 -38.87
C GLU B 357 -48.12 29.93 -40.27
N ASN B 358 -48.38 30.80 -41.24
CA ASN B 358 -48.61 30.32 -42.61
C ASN B 358 -47.35 29.69 -43.18
N ALA B 359 -46.19 30.21 -42.79
CA ALA B 359 -44.92 29.60 -43.19
C ALA B 359 -44.82 28.17 -42.67
N LEU B 360 -45.19 27.96 -41.41
CA LEU B 360 -45.29 26.58 -40.90
C LEU B 360 -46.25 25.75 -41.72
N TYR B 361 -47.45 26.26 -41.97
CA TYR B 361 -48.44 25.44 -42.66
C TYR B 361 -47.89 24.98 -44.01
N GLU B 362 -47.38 25.92 -44.80
CA GLU B 362 -46.80 25.56 -46.09
C GLU B 362 -45.58 24.64 -45.93
N THR B 363 -44.71 24.95 -44.96
CA THR B 363 -43.45 24.24 -44.84
C THR B 363 -43.64 22.79 -44.45
N MET B 364 -44.46 22.52 -43.44
CA MET B 364 -44.66 21.13 -43.05
C MET B 364 -45.57 20.40 -44.01
N SER B 365 -46.50 21.09 -44.68
CA SER B 365 -47.27 20.44 -45.73
C SER B 365 -46.37 20.05 -46.90
N ALA B 366 -45.27 20.78 -47.12
CA ALA B 366 -44.38 20.47 -48.23
C ALA B 366 -43.30 19.46 -47.87
N ARG B 367 -42.78 19.50 -46.65
CA ARG B 367 -41.64 18.68 -46.25
C ARG B 367 -41.96 17.87 -45.00
N TYR B 368 -43.18 17.36 -44.90
CA TYR B 368 -43.53 16.50 -43.78
C TYR B 368 -42.70 15.21 -43.76
N LEU B 369 -42.46 14.63 -44.94
CA LEU B 369 -41.88 13.29 -44.99
C LEU B 369 -40.44 13.25 -44.49
N ASN B 370 -39.68 14.33 -44.68
CA ASN B 370 -38.29 14.35 -44.25
C ASN B 370 -38.11 14.80 -42.80
N ASN B 371 -39.13 15.40 -42.20
CA ASN B 371 -39.00 15.96 -40.86
C ASN B 371 -40.24 15.65 -40.02
N ILE B 372 -40.81 14.46 -40.22
CA ILE B 372 -42.04 14.10 -39.51
C ILE B 372 -41.79 13.98 -38.02
N LYS B 373 -40.60 13.50 -37.63
CA LYS B 373 -40.28 13.35 -36.21
C LYS B 373 -40.36 14.70 -35.48
N THR B 374 -39.84 15.75 -36.12
CA THR B 374 -39.96 17.09 -35.54
C THR B 374 -41.42 17.49 -35.40
N ILE B 375 -42.22 17.16 -36.42
CA ILE B 375 -43.64 17.48 -36.34
C ILE B 375 -44.31 16.68 -35.23
N PHE B 376 -43.88 15.42 -35.04
CA PHE B 376 -44.43 14.61 -33.97
C PHE B 376 -44.10 15.21 -32.60
N HIS B 377 -42.87 15.71 -32.45
CA HIS B 377 -42.51 16.38 -31.22
C HIS B 377 -43.33 17.65 -31.03
N ASN B 378 -43.65 18.33 -32.14
CA ASN B 378 -44.55 19.46 -32.06
C ASN B 378 -45.92 19.03 -31.52
N LEU B 379 -46.43 17.89 -31.99
CA LEU B 379 -47.70 17.37 -31.49
C LEU B 379 -47.63 17.10 -29.98
N ILE B 380 -46.54 16.46 -29.54
CA ILE B 380 -46.46 16.07 -28.13
C ILE B 380 -46.38 17.31 -27.24
N ILE B 381 -45.60 18.31 -27.65
CA ILE B 381 -45.52 19.55 -26.87
C ILE B 381 -46.87 20.25 -26.86
N THR B 382 -47.56 20.29 -28.00
CA THR B 382 -48.87 20.94 -28.04
C THR B 382 -49.85 20.28 -27.07
N ILE B 383 -49.87 18.95 -27.03
CA ILE B 383 -50.87 18.31 -26.17
C ILE B 383 -50.48 18.43 -24.70
N GLY B 384 -49.18 18.43 -24.38
CA GLY B 384 -48.78 18.64 -23.01
C GLY B 384 -48.94 20.07 -22.53
N GLY B 385 -49.01 21.03 -23.45
CA GLY B 385 -49.10 22.43 -23.07
C GLY B 385 -50.35 22.76 -22.28
N PHE B 386 -51.50 22.21 -22.67
CA PHE B 386 -52.73 22.49 -21.94
C PHE B 386 -52.65 21.98 -20.51
N HIS B 387 -52.09 20.78 -20.31
CA HIS B 387 -51.96 20.24 -18.96
C HIS B 387 -51.01 21.06 -18.12
N LEU B 388 -49.87 21.47 -18.67
CA LEU B 388 -48.97 22.24 -17.84
C LEU B 388 -49.50 23.66 -17.62
N LEU B 389 -50.39 24.13 -18.50
CA LEU B 389 -51.06 25.40 -18.31
C LEU B 389 -52.12 25.33 -17.21
N LEU B 390 -52.94 24.27 -17.18
CA LEU B 390 -53.92 24.17 -16.10
C LEU B 390 -53.26 23.79 -14.79
N LYS B 391 -52.09 23.16 -14.85
CA LYS B 391 -51.28 22.98 -13.65
C LYS B 391 -50.71 24.33 -13.19
N ARG B 392 -50.42 25.22 -14.13
CA ARG B 392 -49.96 26.57 -13.77
C ARG B 392 -50.95 27.33 -12.90
N ARG B 393 -52.23 26.98 -12.95
CA ARG B 393 -53.25 27.72 -12.20
C ARG B 393 -52.98 27.65 -10.70
N SER B 394 -52.78 28.82 -10.08
CA SER B 394 -52.70 28.90 -8.63
C SER B 394 -54.07 28.95 -7.97
N ASP B 395 -55.12 29.19 -8.75
CA ASP B 395 -56.49 29.20 -8.26
C ASP B 395 -57.07 27.79 -8.35
N VAL B 396 -58.40 27.68 -8.19
CA VAL B 396 -59.06 26.39 -8.28
C VAL B 396 -58.86 25.81 -9.67
N SER B 397 -58.49 24.54 -9.74
CA SER B 397 -58.23 23.88 -11.00
C SER B 397 -59.51 23.74 -11.81
N ALA B 398 -59.36 23.78 -13.14
CA ALA B 398 -60.51 23.68 -14.03
C ALA B 398 -61.09 22.27 -14.01
N LYS B 399 -62.42 22.19 -14.07
CA LYS B 399 -63.13 20.92 -14.13
C LYS B 399 -64.05 20.80 -15.33
N THR B 400 -64.68 21.89 -15.75
CA THR B 400 -65.55 21.92 -16.92
C THR B 400 -65.06 23.00 -17.89
N LEU B 401 -65.71 23.06 -19.05
CA LEU B 401 -65.33 24.04 -20.06
C LEU B 401 -65.63 25.47 -19.62
N LYS B 402 -66.63 25.64 -18.74
CA LYS B 402 -67.03 26.98 -18.34
C LYS B 402 -65.92 27.67 -17.54
N ASP B 403 -65.18 26.91 -16.74
CA ASP B 403 -64.14 27.49 -15.91
C ASP B 403 -62.91 27.92 -16.70
N LEU B 404 -62.82 27.55 -17.98
CA LEU B 404 -61.67 27.91 -18.79
C LEU B 404 -61.64 29.42 -19.04
N ARG B 405 -60.49 30.03 -18.84
CA ARG B 405 -60.30 31.44 -19.12
C ARG B 405 -60.04 31.65 -20.60
N SER B 406 -59.94 32.92 -21.01
CA SER B 406 -59.80 33.25 -22.42
C SER B 406 -58.50 32.70 -23.01
N ASN B 407 -57.41 32.76 -22.23
CA ASN B 407 -56.12 32.33 -22.75
C ASN B 407 -56.11 30.85 -23.12
N GLU B 408 -56.67 30.00 -22.25
CA GLU B 408 -56.67 28.57 -22.55
C GLU B 408 -57.68 28.23 -23.63
N LEU B 409 -58.77 28.98 -23.77
CA LEU B 409 -59.65 28.79 -24.91
C LEU B 409 -58.94 29.13 -26.22
N ASP B 410 -58.15 30.22 -26.22
CA ASP B 410 -57.37 30.56 -27.40
C ASP B 410 -56.35 29.47 -27.70
N TYR B 411 -55.69 28.94 -26.67
CA TYR B 411 -54.75 27.84 -26.87
C TYR B 411 -55.46 26.62 -27.45
N LEU B 412 -56.66 26.32 -26.96
CA LEU B 412 -57.44 25.22 -27.51
C LEU B 412 -57.73 25.44 -28.98
N ASN B 413 -58.13 26.66 -29.34
CA ASN B 413 -58.43 26.96 -30.74
C ASN B 413 -57.20 26.77 -31.62
N PHE B 414 -56.06 27.30 -31.20
CA PHE B 414 -54.86 27.15 -32.02
C PHE B 414 -54.40 25.70 -32.10
N ALA B 415 -54.47 24.96 -30.98
CA ALA B 415 -54.05 23.56 -31.00
C ALA B 415 -54.95 22.73 -31.90
N PHE B 416 -56.26 22.95 -31.84
CA PHE B 416 -57.17 22.21 -32.71
C PHE B 416 -57.03 22.65 -34.17
N LYS B 417 -56.71 23.93 -34.40
CA LYS B 417 -56.37 24.37 -35.75
C LYS B 417 -55.18 23.59 -36.30
N TYR B 418 -54.11 23.50 -35.50
CA TYR B 418 -52.94 22.75 -35.92
C TYR B 418 -53.29 21.28 -36.19
N ILE B 419 -54.02 20.66 -35.27
CA ILE B 419 -54.37 19.25 -35.41
C ILE B 419 -55.18 19.02 -36.68
N ALA B 420 -56.22 19.84 -36.89
CA ALA B 420 -57.07 19.66 -38.06
C ALA B 420 -56.30 19.91 -39.35
N HIS B 421 -55.44 20.94 -39.36
CA HIS B 421 -54.63 21.21 -40.54
C HIS B 421 -53.77 20.02 -40.90
N ILE B 422 -53.01 19.50 -39.94
CA ILE B 422 -52.01 18.51 -40.32
C ILE B 422 -52.68 17.15 -40.56
N LEU B 423 -53.77 16.85 -39.85
CA LEU B 423 -54.56 15.68 -40.20
C LEU B 423 -55.10 15.78 -41.61
N ASN B 424 -55.49 16.98 -42.05
CA ASN B 424 -56.00 17.14 -43.40
C ASN B 424 -54.88 17.06 -44.44
N ASP B 425 -53.67 17.46 -44.08
CA ASP B 425 -52.62 17.69 -45.05
C ASP B 425 -51.53 16.62 -45.11
N ILE B 426 -51.35 15.82 -44.06
CA ILE B 426 -50.22 14.89 -44.01
C ILE B 426 -50.72 13.46 -43.94
N VAL B 427 -51.49 13.14 -42.90
CA VAL B 427 -51.98 11.78 -42.73
C VAL B 427 -52.94 11.40 -43.86
N LYS B 428 -53.73 12.36 -44.32
CA LYS B 428 -54.73 12.07 -45.36
C LYS B 428 -54.07 11.62 -46.65
N GLU B 429 -52.93 12.21 -47.01
CA GLU B 429 -52.26 11.90 -48.26
C GLU B 429 -51.12 10.90 -48.14
N SER B 430 -50.53 10.75 -46.96
CA SER B 430 -49.31 9.95 -46.78
C SER B 430 -49.52 8.65 -46.04
N TRP B 431 -50.69 8.45 -45.42
CA TRP B 431 -50.98 7.16 -44.79
C TRP B 431 -50.93 6.00 -45.78
N SER B 432 -51.57 6.16 -46.94
CA SER B 432 -51.69 5.04 -47.86
C SER B 432 -50.41 4.77 -48.61
N GLU B 433 -49.67 5.83 -48.96
CA GLU B 433 -48.46 5.68 -49.75
C GLU B 433 -47.28 5.18 -48.91
N ASN B 434 -47.30 5.43 -47.60
CA ASN B 434 -46.14 5.18 -46.74
C ASN B 434 -46.55 4.27 -45.58
N PRO B 435 -46.66 2.97 -45.82
CA PRO B 435 -46.90 2.04 -44.70
C PRO B 435 -45.74 1.97 -43.71
N GLU B 436 -44.51 2.16 -44.17
CA GLU B 436 -43.34 2.05 -43.29
C GLU B 436 -43.29 3.16 -42.24
N VAL B 437 -43.92 4.31 -42.50
CA VAL B 437 -43.90 5.41 -41.56
C VAL B 437 -44.99 5.20 -40.52
N SER B 438 -44.64 4.53 -39.42
CA SER B 438 -45.63 4.22 -38.39
C SER B 438 -46.11 5.47 -37.66
N GLU B 439 -45.28 6.52 -37.61
CA GLU B 439 -45.66 7.73 -36.90
C GLU B 439 -46.91 8.37 -37.49
N ILE B 440 -47.18 8.14 -38.78
CA ILE B 440 -48.34 8.76 -39.42
C ILE B 440 -49.63 8.30 -38.75
N LEU B 441 -49.73 7.02 -38.42
CA LEU B 441 -50.92 6.51 -37.74
C LEU B 441 -50.79 6.56 -36.22
N GLY B 442 -49.58 6.43 -35.70
CA GLY B 442 -49.37 6.58 -34.26
C GLY B 442 -49.73 7.97 -33.78
N MET B 443 -49.54 8.99 -34.63
CA MET B 443 -49.97 10.34 -34.31
C MET B 443 -51.49 10.43 -34.15
N VAL B 444 -52.26 9.79 -35.03
CA VAL B 444 -53.71 9.87 -34.92
C VAL B 444 -54.16 9.09 -33.70
N ARG B 445 -53.52 7.95 -33.45
CA ARG B 445 -53.78 7.20 -32.24
C ARG B 445 -53.54 8.05 -31.00
N ILE B 446 -52.44 8.81 -30.97
CA ILE B 446 -52.17 9.68 -29.84
C ILE B 446 -53.24 10.75 -29.73
N ILE B 447 -53.63 11.36 -30.85
CA ILE B 447 -54.62 12.43 -30.83
C ILE B 447 -55.92 11.93 -30.22
N ASN B 448 -56.41 10.77 -30.68
CA ASN B 448 -57.67 10.27 -30.16
C ASN B 448 -57.54 9.72 -28.74
N CYS B 449 -56.44 9.07 -28.40
CA CYS B 449 -56.26 8.56 -27.05
C CYS B 449 -56.22 9.70 -26.05
N TRP B 450 -55.55 10.80 -26.41
CA TRP B 450 -55.52 11.98 -25.57
C TRP B 450 -56.88 12.69 -25.51
N ILE B 451 -57.63 12.70 -26.62
CA ILE B 451 -58.94 13.33 -26.56
C ILE B 451 -59.89 12.51 -25.71
N LYS B 452 -59.69 11.19 -25.63
CA LYS B 452 -60.57 10.35 -24.83
C LYS B 452 -60.12 10.23 -23.37
N ALA B 453 -58.84 10.47 -23.08
CA ALA B 453 -58.36 10.38 -21.71
C ALA B 453 -58.82 11.56 -20.86
N ASN B 454 -59.10 12.71 -21.48
CA ASN B 454 -59.54 13.89 -20.76
C ASN B 454 -60.94 14.28 -21.24
N PRO B 455 -61.95 14.25 -20.38
CA PRO B 455 -63.32 14.53 -20.84
C PRO B 455 -63.51 15.93 -21.39
N MET B 456 -62.78 16.92 -20.88
CA MET B 456 -63.11 18.31 -21.19
C MET B 456 -62.66 18.69 -22.60
N VAL B 457 -61.50 18.20 -23.04
CA VAL B 457 -61.12 18.39 -24.45
C VAL B 457 -62.09 17.65 -25.36
N LEU B 458 -62.55 16.48 -24.93
CA LEU B 458 -63.52 15.73 -25.73
C LEU B 458 -64.81 16.52 -25.90
N GLN B 459 -65.29 17.14 -24.82
CA GLN B 459 -66.47 18.01 -24.93
C GLN B 459 -66.19 19.22 -25.81
N TYR B 460 -64.98 19.79 -25.68
CA TYR B 460 -64.62 20.92 -26.53
C TYR B 460 -64.46 20.51 -27.99
N SER B 461 -64.02 19.28 -28.25
CA SER B 461 -63.85 18.81 -29.62
C SER B 461 -65.16 18.77 -30.37
N GLN B 462 -66.22 18.29 -29.71
CA GLN B 462 -67.51 18.16 -30.37
C GLN B 462 -68.08 19.51 -30.80
N SER B 463 -67.62 20.60 -30.20
CA SER B 463 -68.04 21.94 -30.58
C SER B 463 -67.13 22.56 -31.64
N ASN B 464 -66.06 21.88 -32.04
CA ASN B 464 -65.12 22.39 -33.02
C ASN B 464 -65.40 21.74 -34.37
N LEU B 465 -65.77 22.55 -35.36
CA LEU B 465 -66.16 22.03 -36.65
C LEU B 465 -64.96 21.54 -37.46
N GLU B 466 -63.82 22.24 -37.35
CA GLU B 466 -62.66 21.89 -38.16
C GLU B 466 -62.15 20.50 -37.83
N PHE B 467 -61.93 20.22 -36.54
CA PHE B 467 -61.40 18.92 -36.13
C PHE B 467 -62.39 17.81 -36.46
N VAL B 468 -63.69 18.05 -36.23
CA VAL B 468 -64.69 17.03 -36.49
C VAL B 468 -64.74 16.69 -37.97
N ASN B 469 -64.74 17.71 -38.83
CA ASN B 469 -64.82 17.45 -40.27
C ASN B 469 -63.53 16.81 -40.77
N ALA B 470 -62.38 17.19 -40.20
CA ALA B 470 -61.13 16.53 -40.59
C ALA B 470 -61.15 15.06 -40.22
N LEU B 471 -61.62 14.73 -39.01
CA LEU B 471 -61.71 13.33 -38.61
C LEU B 471 -62.69 12.57 -39.49
N ALA B 472 -63.83 13.18 -39.82
CA ALA B 472 -64.80 12.54 -40.70
C ALA B 472 -64.21 12.28 -42.07
N TYR B 473 -63.48 13.25 -42.62
CA TYR B 473 -62.83 13.07 -43.92
C TYR B 473 -61.80 11.96 -43.87
N LEU B 474 -61.00 11.90 -42.80
CA LEU B 474 -60.00 10.84 -42.68
C LEU B 474 -60.67 9.47 -42.61
N ILE B 475 -61.74 9.36 -41.84
CA ILE B 475 -62.50 8.10 -41.78
C ILE B 475 -63.03 7.74 -43.15
N ASN B 476 -63.55 8.74 -43.89
CA ASN B 476 -64.11 8.48 -45.21
C ASN B 476 -63.05 7.96 -46.17
N ASP B 477 -61.86 8.59 -46.17
CA ASP B 477 -60.79 8.12 -47.05
C ASP B 477 -60.33 6.72 -46.67
N ILE B 478 -60.19 6.45 -45.36
CA ILE B 478 -59.76 5.13 -44.93
C ILE B 478 -60.77 4.07 -45.35
N VAL B 479 -62.07 4.37 -45.18
CA VAL B 479 -63.10 3.41 -45.58
C VAL B 479 -63.11 3.21 -47.08
N LYS B 480 -63.03 4.29 -47.85
CA LYS B 480 -63.11 4.19 -49.30
C LYS B 480 -61.92 3.43 -49.89
N LYS B 481 -60.72 3.69 -49.39
CA LYS B 481 -59.55 3.01 -49.92
C LYS B 481 -59.55 1.51 -49.64
N LYS B 482 -60.26 1.07 -48.59
CA LYS B 482 -60.47 -0.33 -48.28
C LYS B 482 -59.11 -1.01 -48.13
N PRO B 483 -58.36 -0.70 -47.06
CA PRO B 483 -57.00 -1.26 -46.94
C PRO B 483 -56.98 -2.77 -46.85
N SER B 484 -57.93 -3.38 -46.15
CA SER B 484 -58.00 -4.82 -46.00
C SER B 484 -59.42 -5.29 -46.26
N PRO B 485 -59.59 -6.46 -46.85
CA PRO B 485 -60.96 -6.91 -47.21
C PRO B 485 -61.89 -7.03 -46.03
N SER B 486 -61.38 -7.39 -44.85
CA SER B 486 -62.21 -7.56 -43.66
C SER B 486 -62.26 -6.31 -42.79
N PHE B 487 -61.65 -5.21 -43.23
CA PHE B 487 -61.64 -3.98 -42.44
C PHE B 487 -63.03 -3.38 -42.41
N SER B 488 -63.51 -3.06 -41.21
CA SER B 488 -64.83 -2.47 -41.05
C SER B 488 -64.88 -1.81 -39.68
N ILE B 489 -65.94 -1.02 -39.45
CA ILE B 489 -66.14 -0.34 -38.18
C ILE B 489 -66.73 -1.34 -37.20
N THR B 490 -65.94 -1.71 -36.18
CA THR B 490 -66.36 -2.68 -35.18
C THR B 490 -66.08 -2.12 -33.79
N GLU B 491 -66.92 -2.52 -32.83
CA GLU B 491 -66.75 -2.10 -31.45
C GLU B 491 -65.72 -2.93 -30.70
N HIS B 492 -65.24 -4.02 -31.29
CA HIS B 492 -64.28 -4.89 -30.61
C HIS B 492 -62.90 -4.27 -30.66
N ILE B 493 -62.25 -4.18 -29.50
CA ILE B 493 -60.95 -3.51 -29.39
C ILE B 493 -59.86 -4.43 -29.91
N PRO B 494 -59.08 -4.00 -30.92
CA PRO B 494 -58.00 -4.86 -31.43
C PRO B 494 -56.94 -5.12 -30.37
N LYS B 495 -56.33 -6.30 -30.45
CA LYS B 495 -55.31 -6.72 -29.51
C LYS B 495 -54.04 -7.08 -30.25
N ARG B 496 -52.90 -6.73 -29.67
CA ARG B 496 -51.59 -7.06 -30.20
C ARG B 496 -50.85 -7.95 -29.21
N THR B 497 -49.72 -8.49 -29.65
CA THR B 497 -48.86 -9.29 -28.79
C THR B 497 -47.76 -8.47 -28.13
N TYR B 498 -47.71 -7.17 -28.39
CA TYR B 498 -46.67 -6.31 -27.84
C TYR B 498 -47.15 -4.86 -27.96
N TRP B 499 -46.24 -3.93 -27.68
CA TRP B 499 -46.52 -2.50 -27.79
C TRP B 499 -45.68 -1.88 -28.89
N PHE B 500 -46.24 -0.87 -29.55
CA PHE B 500 -45.59 -0.21 -30.67
C PHE B 500 -44.65 0.88 -30.18
N GLU B 501 -44.00 1.58 -31.12
CA GLU B 501 -43.05 2.61 -30.74
C GLU B 501 -43.75 3.82 -30.10
N GLU B 502 -44.97 4.13 -30.53
CA GLU B 502 -45.71 5.22 -29.91
C GLU B 502 -46.07 4.88 -28.46
N ASP B 503 -46.37 3.62 -28.18
CA ASP B 503 -46.65 3.21 -26.80
C ASP B 503 -45.45 3.47 -25.91
N LEU B 504 -44.26 3.07 -26.36
CA LEU B 504 -43.05 3.32 -25.58
C LEU B 504 -42.77 4.80 -25.42
N MET B 505 -42.72 5.52 -26.54
CA MET B 505 -42.32 6.92 -26.54
C MET B 505 -43.37 7.81 -25.89
N VAL B 506 -44.57 7.29 -25.62
CA VAL B 506 -45.61 8.01 -24.90
C VAL B 506 -46.00 7.24 -23.62
N LYS B 507 -45.15 6.32 -23.18
CA LYS B 507 -45.42 5.56 -21.97
C LYS B 507 -45.26 6.44 -20.73
N GLY B 508 -46.10 6.20 -19.73
CA GLY B 508 -45.95 6.84 -18.44
C GLY B 508 -46.35 8.31 -18.39
N LEU B 509 -47.06 8.80 -19.40
CA LEU B 509 -47.49 10.19 -19.45
C LEU B 509 -48.98 10.29 -19.18
N SER B 510 -49.36 11.20 -18.27
CA SER B 510 -50.70 11.22 -17.70
C SER B 510 -51.77 11.60 -18.70
N PHE B 511 -51.43 12.35 -19.76
CA PHE B 511 -52.47 12.78 -20.68
C PHE B 511 -53.04 11.63 -21.50
N VAL B 512 -52.40 10.46 -21.45
CA VAL B 512 -53.00 9.20 -21.90
C VAL B 512 -53.24 8.27 -20.70
N ASN B 513 -53.20 8.83 -19.49
CA ASN B 513 -53.26 8.06 -18.24
C ASN B 513 -52.12 7.06 -18.17
N PHE B 514 -50.92 7.49 -18.57
CA PHE B 514 -49.65 6.79 -18.46
C PHE B 514 -49.55 5.56 -19.37
N GLN B 515 -50.55 5.29 -20.21
CA GLN B 515 -50.46 4.18 -21.16
C GLN B 515 -51.54 4.35 -22.22
N LEU B 516 -51.16 4.12 -23.47
CA LEU B 516 -52.12 4.17 -24.57
C LEU B 516 -53.11 3.01 -24.43
N SER B 517 -54.38 3.33 -24.20
CA SER B 517 -55.41 2.34 -23.97
C SER B 517 -56.23 2.03 -25.21
N ASP B 518 -55.72 2.39 -26.41
CA ASP B 518 -56.40 2.06 -27.64
C ASP B 518 -56.38 0.58 -27.96
N PHE B 519 -55.56 -0.20 -27.25
CA PHE B 519 -55.53 -1.65 -27.40
C PHE B 519 -55.69 -2.29 -26.03
N ASP B 520 -56.58 -3.27 -25.93
CA ASP B 520 -56.81 -3.99 -24.68
C ASP B 520 -56.03 -5.31 -24.72
N ASP B 521 -54.71 -5.17 -24.55
CA ASP B 521 -53.82 -6.32 -24.58
C ASP B 521 -52.71 -6.26 -23.54
N TYR B 522 -52.77 -5.31 -22.59
CA TYR B 522 -51.71 -5.19 -21.60
C TYR B 522 -51.61 -6.45 -20.74
N GLU B 523 -52.74 -6.88 -20.16
CA GLU B 523 -52.74 -8.11 -19.38
C GLU B 523 -52.42 -9.32 -20.25
N LYS B 524 -52.97 -9.35 -21.47
CA LYS B 524 -52.68 -10.45 -22.38
C LYS B 524 -51.20 -10.52 -22.71
N ILE B 525 -50.56 -9.37 -22.91
CA ILE B 525 -49.12 -9.35 -23.12
C ILE B 525 -48.40 -9.83 -21.87
N LEU B 526 -48.88 -9.44 -20.69
CA LEU B 526 -48.23 -9.82 -19.45
C LEU B 526 -48.25 -11.33 -19.24
N GLU B 527 -49.38 -11.98 -19.52
CA GLU B 527 -49.52 -13.40 -19.20
C GLU B 527 -48.66 -14.30 -20.09
N MET B 528 -48.16 -13.81 -21.21
CA MET B 528 -47.45 -14.65 -22.17
C MET B 528 -46.01 -14.18 -22.31
N ASP B 529 -45.15 -15.11 -22.71
CA ASP B 529 -43.72 -15.05 -22.39
C ASP B 529 -43.05 -13.82 -23.02
N HIS B 530 -41.85 -13.52 -22.52
CA HIS B 530 -41.07 -12.36 -22.94
C HIS B 530 -41.89 -11.07 -22.81
N SER B 531 -42.74 -11.02 -21.79
CA SER B 531 -43.68 -9.91 -21.64
C SER B 531 -42.94 -8.59 -21.44
N LEU B 532 -41.92 -8.59 -20.59
CA LEU B 532 -41.17 -7.36 -20.35
C LEU B 532 -40.48 -6.89 -21.62
N ASP B 533 -39.85 -7.80 -22.35
CA ASP B 533 -39.22 -7.44 -23.62
C ASP B 533 -40.25 -6.97 -24.63
N ARG B 534 -41.40 -7.66 -24.71
CA ARG B 534 -42.43 -7.26 -25.66
C ARG B 534 -43.07 -5.93 -25.28
N LEU B 535 -43.11 -5.61 -23.98
CA LEU B 535 -43.62 -4.32 -23.55
C LEU B 535 -42.75 -3.17 -24.03
N ILE B 536 -41.49 -3.45 -24.37
CA ILE B 536 -40.57 -2.42 -24.84
C ILE B 536 -40.32 -2.61 -26.34
N GLY B 537 -41.31 -3.17 -27.03
CA GLY B 537 -41.29 -3.20 -28.49
C GLY B 537 -40.22 -4.09 -29.10
N ASN B 538 -39.69 -5.04 -28.34
CA ASN B 538 -38.66 -5.96 -28.84
C ASN B 538 -39.09 -7.39 -28.55
N PRO B 539 -40.00 -7.93 -29.34
CA PRO B 539 -40.43 -9.32 -29.13
C PRO B 539 -39.47 -10.29 -29.79
N PRO B 540 -39.66 -11.59 -29.58
CA PRO B 540 -38.92 -12.57 -30.38
C PRO B 540 -39.22 -12.41 -31.86
N LEU B 541 -38.24 -12.76 -32.69
CA LEU B 541 -38.35 -12.55 -34.13
C LEU B 541 -39.52 -13.29 -34.75
N CYS B 542 -40.01 -14.36 -34.11
CA CYS B 542 -41.15 -15.10 -34.65
C CYS B 542 -42.40 -14.24 -34.70
N ASP B 543 -42.65 -13.47 -33.66
CA ASP B 543 -43.87 -12.67 -33.55
C ASP B 543 -43.73 -11.29 -34.19
N LYS B 544 -42.56 -10.96 -34.75
CA LYS B 544 -42.36 -9.65 -35.36
C LYS B 544 -43.14 -9.58 -36.66
N LEU B 545 -44.31 -8.95 -36.62
CA LEU B 545 -45.12 -8.80 -37.81
C LEU B 545 -44.53 -7.73 -38.73
N SER B 546 -44.94 -7.78 -39.99
CA SER B 546 -44.50 -6.78 -40.95
C SER B 546 -45.14 -5.42 -40.65
N ALA B 547 -44.49 -4.36 -41.14
CA ALA B 547 -45.01 -3.02 -40.92
C ALA B 547 -46.38 -2.84 -41.55
N SER B 548 -46.69 -3.62 -42.59
CA SER B 548 -48.02 -3.57 -43.18
C SER B 548 -49.09 -3.98 -42.18
N SER B 549 -48.91 -5.15 -41.55
CA SER B 549 -49.87 -5.59 -40.54
C SER B 549 -49.96 -4.58 -39.41
N GLU B 550 -48.85 -3.94 -39.08
CA GLU B 550 -48.88 -2.86 -38.09
C GLU B 550 -49.78 -1.73 -38.55
N MET B 551 -49.71 -1.35 -39.84
CA MET B 551 -50.53 -0.24 -40.29
C MET B 551 -52.00 -0.63 -40.31
N LEU B 552 -52.32 -1.88 -40.65
CA LEU B 552 -53.73 -2.30 -40.60
C LEU B 552 -54.26 -2.32 -39.17
N LEU B 553 -53.47 -2.81 -38.21
CA LEU B 553 -53.93 -2.80 -36.83
C LEU B 553 -54.11 -1.37 -36.31
N ARG B 554 -53.16 -0.48 -36.63
CA ARG B 554 -53.30 0.92 -36.26
C ARG B 554 -54.53 1.53 -36.91
N LEU B 555 -54.81 1.16 -38.16
CA LEU B 555 -56.01 1.63 -38.84
C LEU B 555 -57.26 1.19 -38.11
N GLN B 556 -57.32 -0.08 -37.72
CA GLN B 556 -58.49 -0.59 -37.02
C GLN B 556 -58.71 0.18 -35.72
N ALA B 557 -57.65 0.36 -34.94
CA ALA B 557 -57.79 1.11 -33.70
C ALA B 557 -58.22 2.55 -33.97
N VAL B 558 -57.62 3.19 -34.98
CA VAL B 558 -57.91 4.59 -35.27
C VAL B 558 -59.37 4.75 -35.68
N VAL B 559 -59.85 3.89 -36.58
CA VAL B 559 -61.21 4.04 -37.06
C VAL B 559 -62.21 3.72 -35.95
N ASN B 560 -61.92 2.70 -35.13
CA ASN B 560 -62.82 2.40 -34.02
C ASN B 560 -62.94 3.57 -33.07
N ILE B 561 -61.81 4.12 -32.64
CA ILE B 561 -61.85 5.19 -31.66
C ILE B 561 -62.43 6.46 -32.28
N SER B 562 -62.12 6.74 -33.55
CA SER B 562 -62.65 7.93 -34.20
C SER B 562 -64.16 7.86 -34.36
N SER B 563 -64.69 6.68 -34.71
CA SER B 563 -66.14 6.51 -34.73
C SER B 563 -66.74 6.68 -33.34
N GLN B 564 -66.07 6.12 -32.33
CA GLN B 564 -66.54 6.29 -30.95
C GLN B 564 -66.57 7.76 -30.54
N LEU B 565 -65.65 8.55 -31.08
CA LEU B 565 -65.63 9.98 -30.79
C LEU B 565 -66.73 10.71 -31.56
N LEU B 566 -66.93 10.37 -32.83
CA LEU B 566 -67.86 11.08 -33.69
C LEU B 566 -69.31 10.62 -33.53
N GLN B 567 -69.57 9.61 -32.71
CA GLN B 567 -70.96 9.20 -32.49
C GLN B 567 -71.76 10.33 -31.85
N ASN B 568 -71.14 11.12 -30.98
CA ASN B 568 -71.80 12.19 -30.26
C ASN B 568 -71.24 13.56 -30.63
N ASN B 569 -70.73 13.70 -31.85
CA ASN B 569 -70.14 14.96 -32.30
C ASN B 569 -71.19 16.05 -32.42
N ASP C 169 55.88 -7.98 -14.86
CA ASP C 169 55.91 -8.30 -13.44
C ASP C 169 56.11 -9.79 -13.22
N LYS C 170 56.75 -10.15 -12.11
CA LYS C 170 56.93 -11.56 -11.78
C LYS C 170 55.60 -12.27 -11.58
N SER C 171 54.65 -11.59 -10.92
CA SER C 171 53.31 -12.15 -10.79
C SER C 171 52.64 -12.30 -12.15
N PHE C 172 52.83 -11.31 -13.03
CA PHE C 172 52.29 -11.41 -14.39
C PHE C 172 52.91 -12.58 -15.14
N ARG C 173 54.22 -12.78 -14.99
CA ARG C 173 54.88 -13.91 -15.63
C ARG C 173 54.34 -15.24 -15.11
N GLU C 174 54.14 -15.33 -13.79
CA GLU C 174 53.56 -16.55 -13.23
C GLU C 174 52.15 -16.77 -13.75
N SER C 175 51.36 -15.70 -13.86
CA SER C 175 50.01 -15.82 -14.40
C SER C 175 50.03 -16.33 -15.83
N GLU C 176 50.92 -15.76 -16.66
CA GLU C 176 50.99 -16.15 -18.06
C GLU C 176 51.43 -17.60 -18.21
N LYS C 177 52.44 -18.02 -17.44
CA LYS C 177 52.90 -19.40 -17.50
C LYS C 177 51.81 -20.35 -17.04
N PHE C 178 51.10 -20.01 -15.96
CA PHE C 178 50.03 -20.85 -15.46
C PHE C 178 48.91 -20.98 -16.49
N ASN C 179 48.54 -19.87 -17.11
CA ASN C 179 47.49 -19.91 -18.12
C ASN C 179 47.91 -20.71 -19.34
N ASN C 180 49.16 -20.57 -19.78
CA ASN C 180 49.63 -21.32 -20.94
C ASN C 180 49.66 -22.81 -20.66
N MET C 181 50.13 -23.21 -19.48
CA MET C 181 50.18 -24.64 -19.16
C MET C 181 48.79 -25.21 -18.92
N MET C 182 47.86 -24.40 -18.36
CA MET C 182 46.47 -24.83 -18.27
C MET C 182 45.86 -25.02 -19.66
N LEU C 183 46.20 -24.13 -20.59
CA LEU C 183 45.77 -24.29 -21.97
C LEU C 183 46.33 -25.57 -22.58
N LYS C 184 47.59 -25.89 -22.26
CA LYS C 184 48.23 -27.07 -22.83
C LYS C 184 47.64 -28.35 -22.28
N ASN C 185 47.38 -28.41 -20.97
CA ASN C 185 47.04 -29.67 -20.33
C ASN C 185 45.56 -30.03 -20.42
N GLY C 186 44.72 -29.18 -21.03
CA GLY C 186 43.30 -29.45 -21.09
C GLY C 186 42.81 -29.51 -22.52
N THR C 187 41.53 -29.86 -22.64
CA THR C 187 40.86 -29.95 -23.93
C THR C 187 39.98 -28.71 -24.14
N LYS C 188 39.90 -28.26 -25.39
CA LYS C 188 39.20 -27.04 -25.72
C LYS C 188 37.73 -27.31 -25.97
N GLU C 189 36.89 -26.33 -25.62
CA GLU C 189 35.46 -26.40 -25.83
C GLU C 189 34.92 -24.98 -26.00
N GLU C 190 33.68 -24.90 -26.46
CA GLU C 190 32.96 -23.64 -26.58
C GLU C 190 31.73 -23.68 -25.70
N SER C 191 31.56 -22.66 -24.86
CA SER C 191 30.46 -22.63 -23.89
C SER C 191 29.20 -22.07 -24.53
N GLU C 192 28.13 -22.00 -23.73
CA GLU C 192 26.88 -21.43 -24.19
C GLU C 192 27.01 -19.92 -24.43
N ASN C 193 27.89 -19.25 -23.69
CA ASN C 193 28.10 -17.82 -23.83
C ASN C 193 29.06 -17.48 -24.97
N GLY C 194 29.81 -18.46 -25.47
CA GLY C 194 30.79 -18.22 -26.50
C GLY C 194 32.20 -18.00 -26.00
N ARG C 195 32.40 -17.93 -24.68
CA ARG C 195 33.74 -17.80 -24.12
C ARG C 195 34.46 -19.13 -24.20
N GLU C 196 35.73 -19.08 -24.63
CA GLU C 196 36.52 -20.30 -24.77
C GLU C 196 36.73 -20.94 -23.41
N ILE C 197 36.39 -22.22 -23.30
CA ILE C 197 36.28 -22.92 -22.03
C ILE C 197 37.10 -24.21 -22.11
N ILE C 198 37.91 -24.44 -21.08
CA ILE C 198 38.76 -25.62 -21.03
C ILE C 198 38.16 -26.65 -20.09
N ARG C 199 38.03 -27.88 -20.56
CA ARG C 199 37.54 -28.99 -19.75
C ARG C 199 38.73 -29.77 -19.21
N THR C 200 38.75 -30.00 -17.91
CA THR C 200 39.90 -30.64 -17.26
C THR C 200 39.40 -31.61 -16.20
N ASN C 201 40.19 -32.66 -15.97
CA ASN C 201 39.78 -33.71 -15.05
C ASN C 201 39.78 -33.21 -13.60
N PHE C 202 38.84 -33.74 -12.82
CA PHE C 202 38.79 -33.42 -11.40
C PHE C 202 40.03 -33.88 -10.67
N ASN C 203 40.51 -35.09 -10.97
CA ASN C 203 41.58 -35.71 -10.18
C ASN C 203 42.95 -35.13 -10.48
N LYS C 204 43.11 -34.34 -11.54
CA LYS C 204 44.39 -33.70 -11.85
C LYS C 204 44.29 -32.22 -11.50
N THR C 205 45.24 -31.73 -10.72
CA THR C 205 45.22 -30.37 -10.21
C THR C 205 46.58 -29.72 -10.45
N VAL C 206 46.57 -28.38 -10.46
CA VAL C 206 47.77 -27.58 -10.65
C VAL C 206 47.86 -26.58 -9.52
N TYR C 207 49.01 -26.56 -8.84
CA TYR C 207 49.27 -25.56 -7.80
C TYR C 207 50.09 -24.42 -8.40
N ALA C 208 49.62 -23.19 -8.19
CA ALA C 208 50.31 -22.04 -8.73
C ALA C 208 51.62 -21.78 -8.00
N SER C 209 52.60 -21.27 -8.75
CA SER C 209 53.89 -20.94 -8.18
C SER C 209 53.76 -19.81 -7.17
N ARG C 210 54.63 -19.82 -6.16
CA ARG C 210 54.57 -18.85 -5.08
C ARG C 210 55.65 -17.79 -5.18
N GLY C 211 56.91 -18.20 -5.21
CA GLY C 211 58.00 -17.26 -5.09
C GLY C 211 58.31 -16.94 -3.63
N THR C 212 59.00 -15.82 -3.44
CA THR C 212 59.36 -15.36 -2.10
C THR C 212 58.99 -13.89 -1.96
N GLY C 213 58.87 -13.44 -0.71
CA GLY C 213 58.56 -12.05 -0.45
C GLY C 213 58.60 -11.77 1.04
N GLU C 214 58.51 -10.49 1.37
CA GLU C 214 58.52 -10.06 2.77
C GLU C 214 57.14 -10.19 3.38
N LEU C 215 57.11 -10.49 4.67
CA LEU C 215 55.87 -10.77 5.39
C LEU C 215 55.72 -9.76 6.52
N TRP C 216 54.51 -9.19 6.63
CA TRP C 216 54.22 -8.26 7.71
C TRP C 216 54.24 -8.96 9.06
N SER C 217 54.60 -8.19 10.10
CA SER C 217 54.73 -8.75 11.44
C SER C 217 53.87 -7.98 12.43
N PRO C 218 53.34 -8.65 13.46
CA PRO C 218 52.53 -8.02 14.50
C PRO C 218 53.29 -6.97 15.30
#